data_8ZXI
#
_entry.id   8ZXI
#
_cell.length_a   85.085
_cell.length_b   182.602
_cell.length_c   196.808
_cell.angle_alpha   90.00
_cell.angle_beta   90.00
_cell.angle_gamma   90.00
#
_symmetry.space_group_name_H-M   'P 21 21 21'
#
loop_
_entity.id
_entity.type
_entity.pdbx_description
1 polymer Chitoporin
2 polymer ASP-GLY-ALA-ASN-SER-ASP
3 non-polymer (HYDROXYETHYLOXY)TRI(ETHYLOXY)OCTANE
4 non-polymer 'SODIUM ION'
5 water water
#
loop_
_entity_poly.entity_id
_entity_poly.type
_entity_poly.pdbx_seq_one_letter_code
_entity_poly.pdbx_strand_id
1 'polypeptide(L)'
;EVYGIIAMQAAYRDYDSGDAKQDDNLGGMQLNNESRIGFRGKKQFANFEPTFIWQIEGGYVDPSFGGEGAGLGERDTFVG
FESASWGQVRLGRVLTPMYELVDWPASNPGLGDVYDWGGAIGGAKYQDRQSNTIRWDSPMYADKFSIDAAVGAGDKAGLG
AGDDYWGGIAAHYKLGPLQLDAAYEGNRNIEAEGQTWENNTYLVGVQGWFENGISFFAQYKYMEADASNGVNEKQDAMSA
GLMYTTGDWQYKLGYAANFDLERDGKTLSNTSDDVVSAQIMYFVDPSAVLYARARMNDFNEGLDGLDDAARWTSGTNGDY
NEYSVGVEYYF
;
A,B,C,D,E,F
2 'polypeptide(L)' DGANSDAAK H
#
loop_
_chem_comp.id
_chem_comp.type
_chem_comp.name
_chem_comp.formula
C8E non-polymer (HYDROXYETHYLOXY)TRI(ETHYLOXY)OCTANE 'C16 H34 O5'
NA non-polymer 'SODIUM ION' 'Na 1'
#
# COMPACT_ATOMS: atom_id res chain seq x y z
N GLU A 1 47.94 -6.79 -42.57
CA GLU A 1 46.75 -6.58 -43.40
C GLU A 1 45.84 -5.44 -42.93
N VAL A 2 45.11 -4.82 -43.86
CA VAL A 2 44.02 -3.91 -43.53
C VAL A 2 42.70 -4.66 -43.53
N TYR A 3 41.90 -4.39 -42.51
CA TYR A 3 40.57 -4.96 -42.44
C TYR A 3 39.65 -3.86 -41.98
N GLY A 4 38.36 -4.12 -42.15
CA GLY A 4 37.36 -3.14 -41.76
C GLY A 4 36.00 -3.75 -41.70
N ILE A 5 35.14 -3.12 -40.92
CA ILE A 5 33.72 -3.45 -40.87
C ILE A 5 32.96 -2.18 -41.22
N ILE A 6 32.28 -2.18 -42.35
CA ILE A 6 31.46 -1.04 -42.73
C ILE A 6 30.05 -1.31 -42.23
N ALA A 7 29.59 -0.50 -41.29
CA ALA A 7 28.36 -0.76 -40.56
C ALA A 7 27.63 0.55 -40.36
N MET A 8 26.46 0.68 -40.99
CA MET A 8 25.60 1.86 -40.87
C MET A 8 24.22 1.42 -40.42
N GLN A 9 23.63 2.22 -39.53
CA GLN A 9 22.31 1.95 -38.99
C GLN A 9 21.47 3.21 -39.01
N ALA A 10 20.30 3.14 -39.62
CA ALA A 10 19.33 4.22 -39.53
C ALA A 10 18.34 3.85 -38.45
N ALA A 11 18.23 4.70 -37.41
CA ALA A 11 17.44 4.38 -36.23
C ALA A 11 16.54 5.54 -35.81
N TYR A 12 15.26 5.24 -35.58
CA TYR A 12 14.33 6.19 -34.97
C TYR A 12 14.09 5.85 -33.50
N ARG A 13 14.21 6.85 -32.61
CA ARG A 13 13.95 6.65 -31.19
C ARG A 13 12.79 7.53 -30.72
N ASP A 14 11.81 6.90 -30.06
CA ASP A 14 10.71 7.59 -29.38
C ASP A 14 10.94 7.47 -27.87
N TYR A 15 11.20 8.58 -27.20
CA TYR A 15 11.48 8.56 -25.77
C TYR A 15 10.24 8.87 -24.93
N ASP A 16 10.28 8.39 -23.67
CA ASP A 16 9.28 8.67 -22.63
C ASP A 16 9.99 8.88 -21.29
N SER A 17 10.59 10.05 -21.15
CA SER A 17 11.38 10.34 -19.97
C SER A 17 10.56 11.07 -18.92
N GLY A 18 9.38 11.57 -19.27
CA GLY A 18 8.59 12.43 -18.43
C GLY A 18 8.80 13.92 -18.65
N ASP A 19 9.68 14.31 -19.58
CA ASP A 19 9.78 15.69 -20.05
C ASP A 19 9.78 15.68 -21.56
N ALA A 20 8.95 16.54 -22.15
CA ALA A 20 8.75 16.52 -23.60
C ALA A 20 9.91 17.17 -24.35
N LYS A 21 10.51 18.25 -23.82
CA LYS A 21 11.64 18.82 -24.55
C LYS A 21 12.77 17.82 -24.65
N GLN A 22 13.08 17.13 -23.56
CA GLN A 22 14.12 16.12 -23.63
C GLN A 22 13.69 14.95 -24.51
N ASP A 23 12.39 14.58 -24.47
CA ASP A 23 11.87 13.53 -25.35
C ASP A 23 12.06 13.93 -26.81
N ASP A 24 11.91 15.23 -27.08
CA ASP A 24 12.13 15.74 -28.41
C ASP A 24 13.61 15.76 -28.74
N ASN A 25 14.44 16.04 -27.73
CA ASN A 25 15.88 16.16 -27.90
C ASN A 25 16.51 14.82 -28.22
N LEU A 26 16.41 13.88 -27.26
CA LEU A 26 16.97 12.53 -27.38
C LEU A 26 16.36 11.76 -28.52
N GLY A 27 15.07 11.95 -28.77
CA GLY A 27 14.40 11.25 -29.85
C GLY A 27 14.63 11.88 -31.20
N GLY A 28 14.16 11.17 -32.21
CA GLY A 28 14.33 11.54 -33.59
C GLY A 28 15.09 10.47 -34.35
N MET A 29 15.46 10.80 -35.57
CA MET A 29 16.18 9.89 -36.42
C MET A 29 17.67 10.22 -36.45
N GLN A 30 18.50 9.20 -36.35
CA GLN A 30 19.95 9.41 -36.40
C GLN A 30 20.57 8.29 -37.21
N LEU A 31 21.77 8.54 -37.69
CA LEU A 31 22.57 7.50 -38.30
C LEU A 31 23.66 7.08 -37.33
N ASN A 32 23.82 5.77 -37.18
CA ASN A 32 24.82 5.15 -36.34
C ASN A 32 25.92 4.55 -37.22
N ASN A 33 26.91 5.35 -37.55
CA ASN A 33 28.03 4.85 -38.33
C ASN A 33 29.02 4.16 -37.40
N GLU A 34 28.90 2.85 -37.29
CA GLU A 34 29.80 2.06 -36.48
C GLU A 34 30.93 1.48 -37.32
N SER A 35 31.26 2.10 -38.45
CA SER A 35 32.37 1.67 -39.28
C SER A 35 33.71 1.92 -38.59
N ARG A 36 34.65 1.02 -38.87
CA ARG A 36 35.99 1.05 -38.30
C ARG A 36 36.93 0.41 -39.31
N ILE A 37 38.18 0.87 -39.31
CA ILE A 37 39.24 0.32 -40.14
C ILE A 37 40.27 -0.22 -39.18
N GLY A 38 40.91 -1.34 -39.54
CA GLY A 38 41.93 -1.88 -38.68
C GLY A 38 43.16 -2.31 -39.45
N PHE A 39 44.25 -2.51 -38.71
CA PHE A 39 45.47 -3.14 -39.22
C PHE A 39 45.89 -4.23 -38.25
N ARG A 40 46.38 -5.34 -38.79
CA ARG A 40 46.87 -6.44 -37.97
C ARG A 40 47.92 -7.20 -38.78
N GLY A 41 48.73 -7.99 -38.08
CA GLY A 41 49.73 -8.79 -38.75
C GLY A 41 50.24 -9.88 -37.84
N LYS A 42 50.93 -10.84 -38.45
CA LYS A 42 51.63 -11.88 -37.71
C LYS A 42 53.09 -11.82 -38.15
N LYS A 43 54.01 -12.32 -37.33
CA LYS A 43 55.42 -12.36 -37.68
C LYS A 43 56.09 -13.48 -36.89
N GLN A 44 56.94 -14.25 -37.57
CA GLN A 44 57.72 -15.30 -36.95
C GLN A 44 59.10 -14.76 -36.60
N PHE A 45 59.37 -14.54 -35.32
CA PHE A 45 60.70 -14.10 -34.96
C PHE A 45 61.70 -15.24 -35.15
N ALA A 46 62.91 -14.89 -35.59
CA ALA A 46 63.94 -15.89 -35.83
C ALA A 46 64.36 -16.59 -34.55
N ASN A 47 64.30 -15.90 -33.42
CA ASN A 47 64.77 -16.46 -32.16
C ASN A 47 63.61 -16.61 -31.18
N PHE A 48 62.41 -16.90 -31.69
CA PHE A 48 61.29 -17.13 -30.78
C PHE A 48 60.25 -17.99 -31.47
N GLU A 49 59.99 -19.18 -30.91
CA GLU A 49 59.07 -20.12 -31.54
C GLU A 49 57.65 -19.58 -31.62
N PRO A 50 57.08 -18.98 -30.58
CA PRO A 50 55.71 -18.46 -30.70
C PRO A 50 55.62 -17.38 -31.78
N THR A 51 54.53 -17.41 -32.53
CA THR A 51 54.33 -16.44 -33.60
C THR A 51 53.88 -15.11 -33.05
N PHE A 52 54.53 -14.03 -33.51
CA PHE A 52 54.19 -12.71 -33.03
C PHE A 52 52.91 -12.25 -33.71
N ILE A 53 52.01 -11.65 -32.93
CA ILE A 53 50.77 -11.13 -33.47
C ILE A 53 50.51 -9.73 -32.92
N TRP A 54 49.77 -8.92 -33.70
CA TRP A 54 49.43 -7.55 -33.30
C TRP A 54 48.22 -7.05 -34.07
N GLN A 55 47.48 -6.14 -33.45
CA GLN A 55 46.33 -5.55 -34.09
C GLN A 55 46.15 -4.15 -33.53
N ILE A 56 45.79 -3.21 -34.40
CA ILE A 56 45.46 -1.84 -34.05
C ILE A 56 44.14 -1.50 -34.72
N GLU A 57 43.07 -1.42 -33.95
CA GLU A 57 41.75 -1.16 -34.50
C GLU A 57 41.26 0.21 -34.10
N GLY A 58 40.62 0.90 -35.05
CA GLY A 58 40.08 2.22 -34.79
C GLY A 58 38.66 2.18 -34.25
N GLY A 59 38.17 3.33 -33.78
CA GLY A 59 36.82 3.44 -33.26
C GLY A 59 35.74 3.54 -34.31
N TYR A 60 34.50 3.63 -33.84
CA TYR A 60 33.38 3.93 -34.73
C TYR A 60 33.63 5.29 -35.36
N VAL A 61 33.50 5.38 -36.68
CA VAL A 61 33.89 6.64 -37.33
C VAL A 61 32.84 7.73 -37.13
N ASP A 62 31.59 7.39 -36.86
CA ASP A 62 30.58 8.40 -36.58
C ASP A 62 29.39 7.78 -35.87
N PRO A 63 29.53 7.40 -34.60
CA PRO A 63 28.41 6.77 -33.88
C PRO A 63 27.30 7.76 -33.65
N SER A 64 26.12 7.22 -33.40
CA SER A 64 25.00 8.09 -33.05
C SER A 64 25.24 8.68 -31.67
N PHE A 65 24.67 9.87 -31.45
CA PHE A 65 24.80 10.66 -30.22
C PHE A 65 26.22 11.12 -29.94
N GLY A 66 27.09 11.13 -30.95
CA GLY A 66 28.45 11.59 -30.75
C GLY A 66 28.93 12.28 -32.01
N GLY A 67 30.05 12.98 -31.89
CA GLY A 67 30.65 13.66 -33.02
C GLY A 67 31.39 12.70 -33.96
N GLU A 68 31.84 13.25 -35.09
CA GLU A 68 32.53 12.45 -36.09
C GLU A 68 33.99 12.22 -35.71
N GLY A 69 34.55 11.14 -36.24
CA GLY A 69 35.97 10.93 -36.04
C GLY A 69 36.37 9.96 -34.96
N ALA A 70 37.27 9.05 -35.32
CA ALA A 70 37.79 8.08 -34.39
C ALA A 70 39.29 7.97 -34.58
N GLY A 71 39.99 7.64 -33.49
CA GLY A 71 41.43 7.47 -33.52
C GLY A 71 41.83 6.04 -33.71
N LEU A 72 43.08 5.84 -34.08
CA LEU A 72 43.58 4.47 -34.21
C LEU A 72 43.91 3.97 -32.83
N GLY A 73 43.33 2.82 -32.47
CA GLY A 73 43.56 2.22 -31.17
C GLY A 73 42.39 2.31 -30.22
N GLU A 74 41.29 2.92 -30.63
CA GLU A 74 40.17 3.04 -29.72
C GLU A 74 39.51 1.67 -29.44
N ARG A 75 39.68 0.70 -30.33
CA ARG A 75 39.12 -0.63 -30.16
C ARG A 75 40.26 -1.65 -29.94
N ASP A 76 39.95 -2.94 -30.10
CA ASP A 76 40.88 -4.03 -29.76
C ASP A 76 42.26 -3.79 -30.37
N THR A 77 43.23 -3.49 -29.53
CA THR A 77 44.57 -3.09 -29.97
C THR A 77 45.59 -3.73 -29.04
N PHE A 78 46.45 -4.59 -29.59
CA PHE A 78 47.26 -5.44 -28.72
C PHE A 78 48.50 -5.94 -29.46
N VAL A 79 49.43 -6.49 -28.68
CA VAL A 79 50.44 -7.42 -29.18
C VAL A 79 50.21 -8.74 -28.47
N GLY A 80 50.89 -9.76 -28.94
CA GLY A 80 50.77 -11.05 -28.33
C GLY A 80 51.54 -12.07 -29.12
N PHE A 81 51.60 -13.25 -28.56
CA PHE A 81 52.25 -14.39 -29.18
C PHE A 81 51.25 -15.53 -29.27
N GLU A 82 51.45 -16.38 -30.26
CA GLU A 82 50.60 -17.52 -30.50
C GLU A 82 51.40 -18.80 -30.53
N SER A 83 50.77 -19.87 -30.08
CA SER A 83 51.32 -21.21 -30.21
C SER A 83 50.16 -22.14 -30.47
N ALA A 84 50.37 -23.12 -31.34
CA ALA A 84 49.33 -24.12 -31.48
C ALA A 84 49.21 -24.91 -30.19
N SER A 85 50.34 -25.05 -29.47
CA SER A 85 50.40 -25.86 -28.25
C SER A 85 49.60 -25.24 -27.10
N TRP A 86 49.92 -24.00 -26.70
CA TRP A 86 49.33 -23.44 -25.49
C TRP A 86 48.36 -22.27 -25.75
N GLY A 87 47.92 -22.07 -26.99
CA GLY A 87 46.94 -21.03 -27.25
C GLY A 87 47.57 -19.70 -27.58
N GLN A 88 47.04 -18.59 -27.09
CA GLN A 88 47.61 -17.30 -27.46
C GLN A 88 47.52 -16.33 -26.30
N VAL A 89 48.58 -15.54 -26.10
CA VAL A 89 48.60 -14.52 -25.06
C VAL A 89 48.59 -13.16 -25.75
N ARG A 90 47.85 -12.21 -25.17
CA ARG A 90 47.69 -10.88 -25.73
C ARG A 90 47.91 -9.86 -24.62
N LEU A 91 48.69 -8.84 -24.90
CA LEU A 91 48.86 -7.71 -23.99
C LEU A 91 48.31 -6.48 -24.67
N GLY A 92 47.51 -5.72 -23.94
CA GLY A 92 47.00 -4.50 -24.49
C GLY A 92 45.54 -4.22 -24.19
N ARG A 93 44.79 -3.82 -25.22
CA ARG A 93 43.38 -3.50 -25.07
C ARG A 93 42.57 -4.62 -25.70
N VAL A 94 41.84 -5.36 -24.85
CA VAL A 94 41.06 -6.52 -25.28
C VAL A 94 39.72 -6.50 -24.55
N LEU A 95 38.80 -7.34 -25.01
CA LEU A 95 37.57 -7.61 -24.27
C LEU A 95 37.88 -8.49 -23.08
N THR A 96 37.23 -8.22 -21.94
CA THR A 96 37.45 -9.09 -20.81
C THR A 96 36.71 -10.39 -21.04
N PRO A 97 37.22 -11.51 -20.49
CA PRO A 97 36.57 -12.80 -20.71
C PRO A 97 35.08 -12.81 -20.40
N MET A 98 34.66 -12.04 -19.40
CA MET A 98 33.23 -12.02 -19.12
C MET A 98 32.50 -11.15 -20.13
N TYR A 99 33.04 -9.96 -20.41
CA TYR A 99 32.36 -9.02 -21.28
C TYR A 99 32.04 -9.64 -22.63
N GLU A 100 32.99 -10.43 -23.16
CA GLU A 100 32.81 -11.05 -24.47
C GLU A 100 31.54 -11.87 -24.53
N LEU A 101 31.20 -12.52 -23.40
CA LEU A 101 30.00 -13.34 -23.35
C LEU A 101 28.77 -12.47 -23.13
N VAL A 102 28.93 -11.37 -22.40
CA VAL A 102 27.85 -10.40 -22.22
C VAL A 102 27.50 -9.76 -23.55
N ASP A 103 28.51 -9.38 -24.32
CA ASP A 103 28.27 -8.75 -25.61
C ASP A 103 27.71 -9.73 -26.63
N TRP A 104 28.39 -10.86 -26.84
CA TRP A 104 27.95 -11.87 -27.78
C TRP A 104 27.84 -13.23 -27.09
N PRO A 105 26.69 -13.90 -27.18
CA PRO A 105 25.57 -13.45 -28.01
C PRO A 105 24.57 -12.56 -27.25
N ALA A 106 24.85 -12.27 -25.99
CA ALA A 106 23.81 -11.91 -25.05
C ALA A 106 23.28 -10.49 -25.23
N SER A 107 23.93 -9.64 -26.01
CA SER A 107 23.47 -8.27 -26.22
C SER A 107 22.76 -8.11 -27.55
N ASN A 108 22.63 -9.17 -28.32
CA ASN A 108 22.03 -9.07 -29.65
C ASN A 108 20.62 -9.62 -29.63
N PRO A 109 19.64 -8.92 -30.21
CA PRO A 109 19.80 -7.67 -30.96
C PRO A 109 19.31 -6.44 -30.18
N GLY A 110 20.22 -5.55 -29.81
CA GLY A 110 19.82 -4.34 -29.15
C GLY A 110 19.45 -4.48 -27.70
N LEU A 111 19.88 -5.56 -27.06
CA LEU A 111 19.60 -5.75 -25.65
C LEU A 111 20.67 -5.12 -24.79
N GLY A 112 21.59 -4.38 -25.40
CA GLY A 112 22.75 -3.90 -24.67
C GLY A 112 22.39 -2.85 -23.62
N ASP A 113 21.41 -1.99 -23.94
CA ASP A 113 21.00 -0.96 -23.01
C ASP A 113 20.62 -1.54 -21.65
N VAL A 114 20.11 -2.76 -21.65
CA VAL A 114 19.74 -3.44 -20.43
C VAL A 114 20.86 -4.35 -19.97
N TYR A 115 21.31 -5.24 -20.85
CA TYR A 115 22.18 -6.32 -20.41
C TYR A 115 23.67 -5.99 -20.45
N ASP A 116 24.11 -5.06 -21.30
CA ASP A 116 25.54 -4.75 -21.43
C ASP A 116 26.01 -3.79 -20.34
N TRP A 117 25.74 -2.48 -20.51
CA TRP A 117 26.15 -1.47 -19.54
C TRP A 117 25.00 -1.00 -18.66
N GLY A 118 23.79 -1.54 -18.83
CA GLY A 118 22.67 -1.22 -17.95
C GLY A 118 22.84 -1.87 -16.59
N GLY A 119 22.00 -1.50 -15.65
CA GLY A 119 22.11 -1.99 -14.29
C GLY A 119 22.23 -0.85 -13.30
N ALA A 120 22.06 -1.19 -12.02
CA ALA A 120 22.13 -0.17 -10.99
C ALA A 120 23.26 -0.36 -9.99
N ILE A 121 23.95 -1.49 -10.00
CA ILE A 121 24.96 -1.77 -8.99
C ILE A 121 26.06 -0.71 -8.98
N GLY A 122 26.70 -0.54 -7.80
CA GLY A 122 27.81 0.36 -7.64
C GLY A 122 29.15 -0.27 -8.02
N GLY A 123 30.18 0.56 -8.05
CA GLY A 123 31.47 0.04 -8.47
C GLY A 123 31.48 -0.16 -9.97
N ALA A 124 31.95 -1.33 -10.39
CA ALA A 124 32.10 -1.73 -11.79
C ALA A 124 31.69 -3.19 -11.95
N LYS A 125 30.47 -3.48 -12.42
CA LYS A 125 30.06 -4.89 -12.57
C LYS A 125 31.14 -5.67 -13.29
N TYR A 126 31.58 -5.15 -14.44
CA TYR A 126 32.72 -5.67 -15.17
C TYR A 126 33.31 -4.54 -16.00
N GLN A 127 34.47 -4.80 -16.54
CA GLN A 127 35.01 -3.95 -17.59
C GLN A 127 34.59 -4.56 -18.91
N ASP A 128 34.63 -3.78 -19.98
CA ASP A 128 34.17 -4.28 -21.27
C ASP A 128 35.38 -4.41 -22.18
N ARG A 129 35.73 -3.38 -22.95
CA ARG A 129 37.04 -3.34 -23.59
C ARG A 129 37.90 -2.57 -22.61
N GLN A 130 39.03 -3.16 -22.25
CA GLN A 130 39.88 -2.57 -21.22
C GLN A 130 41.31 -2.54 -21.71
N SER A 131 41.96 -1.38 -21.54
CA SER A 131 43.36 -1.22 -21.87
C SER A 131 44.22 -1.74 -20.72
N ASN A 132 45.53 -1.79 -20.95
CA ASN A 132 46.50 -2.23 -19.95
C ASN A 132 46.07 -3.59 -19.36
N THR A 133 45.93 -4.59 -20.26
CA THR A 133 45.41 -5.93 -19.98
C THR A 133 46.32 -7.00 -20.56
N ILE A 134 46.40 -8.16 -19.87
CA ILE A 134 46.96 -9.40 -20.41
C ILE A 134 45.86 -10.48 -20.40
N ARG A 135 45.57 -11.08 -21.57
CA ARG A 135 44.50 -12.10 -21.68
C ARG A 135 45.04 -13.34 -22.39
N TRP A 136 44.83 -14.50 -21.78
CA TRP A 136 45.23 -15.77 -22.37
C TRP A 136 44.01 -16.49 -22.92
N ASP A 137 44.09 -16.94 -24.16
CA ASP A 137 43.07 -17.80 -24.77
C ASP A 137 43.67 -19.18 -24.96
N SER A 138 43.06 -20.18 -24.33
CA SER A 138 43.47 -21.56 -24.44
C SER A 138 43.01 -22.15 -25.76
N PRO A 139 43.64 -23.22 -26.22
CA PRO A 139 43.13 -23.93 -27.39
C PRO A 139 41.81 -24.60 -27.04
N MET A 140 41.11 -25.07 -28.06
CA MET A 140 39.88 -25.82 -27.83
C MET A 140 40.27 -27.26 -27.50
N TYR A 141 40.67 -27.48 -26.25
CA TYR A 141 41.09 -28.81 -25.81
C TYR A 141 40.05 -29.86 -26.20
N ALA A 142 40.52 -30.94 -26.85
CA ALA A 142 39.66 -32.03 -27.27
C ALA A 142 38.49 -31.57 -28.14
N ASP A 143 38.66 -30.42 -28.80
CA ASP A 143 37.59 -29.79 -29.60
C ASP A 143 36.29 -29.65 -28.81
N LYS A 144 36.38 -29.42 -27.51
CA LYS A 144 35.17 -29.34 -26.69
C LYS A 144 35.24 -28.18 -25.71
N PHE A 145 36.41 -27.95 -25.10
CA PHE A 145 36.53 -27.12 -23.91
C PHE A 145 37.63 -26.10 -24.11
N SER A 146 37.31 -24.84 -23.83
CA SER A 146 38.29 -23.77 -23.92
C SER A 146 38.16 -22.86 -22.69
N ILE A 147 39.26 -22.20 -22.40
CA ILE A 147 39.37 -21.27 -21.29
C ILE A 147 39.80 -19.92 -21.86
N ASP A 148 39.17 -18.86 -21.36
CA ASP A 148 39.58 -17.49 -21.66
C ASP A 148 39.86 -16.86 -20.29
N ALA A 149 41.05 -16.30 -20.11
CA ALA A 149 41.49 -15.83 -18.78
C ALA A 149 42.34 -14.56 -18.85
N ALA A 150 42.01 -13.55 -18.04
CA ALA A 150 42.71 -12.28 -18.15
C ALA A 150 42.84 -11.57 -16.80
N VAL A 151 43.93 -10.83 -16.66
CA VAL A 151 44.12 -9.91 -15.55
C VAL A 151 44.50 -8.54 -16.11
N GLY A 152 44.05 -7.48 -15.45
CA GLY A 152 44.34 -6.16 -15.99
C GLY A 152 44.20 -5.00 -15.02
N ALA A 153 44.68 -3.84 -15.49
CA ALA A 153 44.54 -2.58 -14.78
C ALA A 153 43.16 -1.96 -14.97
N GLY A 154 42.80 -1.13 -14.02
CA GLY A 154 41.47 -0.54 -13.99
C GLY A 154 41.44 0.79 -14.70
N ASP A 155 40.22 1.35 -14.76
CA ASP A 155 39.99 2.57 -15.52
C ASP A 155 40.82 3.73 -14.95
N LYS A 156 40.87 3.85 -13.63
CA LYS A 156 41.63 4.93 -13.01
C LYS A 156 43.13 4.67 -13.07
N ALA A 157 43.53 3.40 -12.93
CA ALA A 157 44.95 3.08 -12.91
C ALA A 157 45.63 3.40 -14.24
N GLY A 158 44.90 3.29 -15.35
CA GLY A 158 45.54 3.56 -16.62
C GLY A 158 45.75 5.03 -16.90
N LEU A 159 45.27 5.89 -16.00
CA LEU A 159 45.62 7.30 -16.02
C LEU A 159 46.48 7.67 -14.83
N GLY A 160 46.93 6.67 -14.07
CA GLY A 160 47.70 6.94 -12.88
C GLY A 160 46.93 7.60 -11.77
N ALA A 161 45.62 7.36 -11.69
CA ALA A 161 44.77 8.06 -10.74
C ALA A 161 44.04 7.10 -9.79
N GLY A 162 44.59 5.90 -9.62
CA GLY A 162 43.98 4.91 -8.76
C GLY A 162 44.84 3.67 -8.72
N ASP A 163 44.35 2.65 -8.02
CA ASP A 163 45.03 1.37 -8.00
C ASP A 163 44.03 0.26 -8.26
N ASP A 164 42.98 0.54 -9.04
CA ASP A 164 41.98 -0.46 -9.36
C ASP A 164 42.56 -1.52 -10.29
N TYR A 165 42.15 -2.76 -10.08
CA TYR A 165 42.62 -3.85 -10.93
C TYR A 165 41.48 -4.83 -11.06
N TRP A 166 41.71 -5.90 -11.82
CA TRP A 166 40.63 -6.84 -12.08
C TRP A 166 41.19 -8.13 -12.62
N GLY A 167 40.43 -9.19 -12.38
CA GLY A 167 40.74 -10.48 -12.97
C GLY A 167 39.45 -11.13 -13.44
N GLY A 168 39.58 -11.99 -14.42
CA GLY A 168 38.40 -12.57 -15.04
C GLY A 168 38.80 -13.86 -15.70
N ILE A 169 37.79 -14.71 -15.88
CA ILE A 169 37.96 -16.04 -16.45
C ILE A 169 36.63 -16.47 -17.06
N ALA A 170 36.71 -17.27 -18.11
CA ALA A 170 35.51 -17.82 -18.73
C ALA A 170 35.86 -19.18 -19.28
N ALA A 171 34.84 -20.02 -19.36
CA ALA A 171 35.04 -21.36 -19.88
C ALA A 171 33.85 -21.70 -20.76
N HIS A 172 34.11 -22.49 -21.78
CA HIS A 172 33.08 -22.92 -22.70
C HIS A 172 33.21 -24.41 -22.90
N TYR A 173 32.06 -25.07 -22.94
CA TYR A 173 32.01 -26.52 -23.11
C TYR A 173 31.01 -26.81 -24.21
N LYS A 174 31.40 -27.63 -25.19
CA LYS A 174 30.54 -28.04 -26.29
C LYS A 174 29.86 -29.36 -25.93
N LEU A 175 28.52 -29.37 -26.05
CA LEU A 175 27.66 -30.52 -25.80
C LEU A 175 26.78 -30.66 -27.03
N GLY A 176 27.28 -31.39 -28.04
CA GLY A 176 26.55 -31.59 -29.26
C GLY A 176 26.20 -30.27 -29.90
N PRO A 177 24.91 -29.97 -29.99
CA PRO A 177 24.48 -28.68 -30.51
C PRO A 177 24.52 -27.56 -29.49
N LEU A 178 25.03 -27.82 -28.29
CA LEU A 178 25.06 -26.83 -27.23
C LEU A 178 26.49 -26.44 -26.89
N GLN A 179 26.62 -25.21 -26.38
CA GLN A 179 27.85 -24.72 -25.77
C GLN A 179 27.47 -24.16 -24.41
N LEU A 180 28.08 -24.68 -23.36
CA LEU A 180 27.83 -24.13 -22.03
C LEU A 180 28.91 -23.12 -21.69
N ASP A 181 28.47 -21.94 -21.25
CA ASP A 181 29.37 -20.82 -20.96
C ASP A 181 29.28 -20.49 -19.48
N ALA A 182 30.44 -20.32 -18.85
CA ALA A 182 30.43 -19.79 -17.50
C ALA A 182 31.63 -18.89 -17.32
N ALA A 183 31.40 -17.70 -16.78
CA ALA A 183 32.42 -16.67 -16.69
C ALA A 183 32.35 -16.00 -15.33
N TYR A 184 33.45 -15.34 -14.97
CA TYR A 184 33.52 -14.61 -13.71
C TYR A 184 34.43 -13.40 -13.85
N GLU A 185 34.10 -12.32 -13.14
CA GLU A 185 34.99 -11.16 -13.11
C GLU A 185 34.98 -10.52 -11.73
N GLY A 186 36.16 -10.16 -11.25
CA GLY A 186 36.30 -9.43 -10.01
C GLY A 186 37.12 -8.15 -10.12
N ASN A 187 36.54 -7.03 -9.70
CA ASN A 187 37.19 -5.72 -9.74
C ASN A 187 37.47 -5.24 -8.33
N ARG A 188 38.67 -4.73 -8.11
CA ARG A 188 39.10 -4.32 -6.79
C ARG A 188 39.63 -2.90 -6.85
N ASN A 189 39.57 -2.21 -5.70
CA ASN A 189 40.05 -0.83 -5.51
C ASN A 189 39.33 0.17 -6.41
N ILE A 190 38.06 -0.09 -6.72
CA ILE A 190 37.26 0.77 -7.58
C ILE A 190 36.74 1.93 -6.75
N GLU A 191 37.14 3.15 -7.10
CA GLU A 191 36.67 4.34 -6.40
C GLU A 191 35.46 4.97 -7.08
N ALA A 192 34.36 5.06 -6.34
CA ALA A 192 33.14 5.72 -6.79
C ALA A 192 32.31 6.07 -5.56
N GLU A 193 31.47 7.09 -5.71
CA GLU A 193 30.50 7.52 -4.68
C GLU A 193 31.17 7.83 -3.35
N GLY A 194 32.43 8.25 -3.40
CA GLY A 194 33.12 8.50 -2.16
C GLY A 194 33.51 7.26 -1.43
N GLN A 195 33.36 6.08 -2.03
CA GLN A 195 33.80 4.84 -1.40
C GLN A 195 34.75 4.10 -2.33
N THR A 196 35.30 3.00 -1.80
CA THR A 196 36.14 2.07 -2.56
C THR A 196 35.44 0.73 -2.57
N TRP A 197 35.13 0.24 -3.77
CA TRP A 197 34.29 -0.94 -3.95
C TRP A 197 35.10 -2.16 -4.33
N GLU A 198 34.46 -3.31 -4.16
CA GLU A 198 34.90 -4.56 -4.73
C GLU A 198 33.68 -5.17 -5.39
N ASN A 199 33.81 -5.51 -6.66
CA ASN A 199 32.72 -6.17 -7.38
C ASN A 199 33.10 -7.60 -7.70
N ASN A 200 32.09 -8.45 -7.75
CA ASN A 200 32.23 -9.85 -8.15
C ASN A 200 31.03 -10.21 -9.01
N THR A 201 31.28 -10.59 -10.25
CA THR A 201 30.19 -10.95 -11.16
C THR A 201 30.38 -12.36 -11.68
N TYR A 202 29.27 -13.08 -11.79
CA TYR A 202 29.22 -14.44 -12.27
C TYR A 202 28.16 -14.55 -13.35
N LEU A 203 28.45 -15.38 -14.35
CA LEU A 203 27.53 -15.58 -15.47
C LEU A 203 27.56 -17.05 -15.85
N VAL A 204 26.39 -17.60 -16.12
CA VAL A 204 26.27 -18.91 -16.73
C VAL A 204 25.33 -18.74 -17.91
N GLY A 205 25.56 -19.54 -18.93
CA GLY A 205 24.75 -19.42 -20.11
C GLY A 205 24.95 -20.61 -21.00
N VAL A 206 23.97 -20.82 -21.85
CA VAL A 206 23.99 -21.88 -22.83
C VAL A 206 23.56 -21.25 -24.15
N GLN A 207 24.22 -21.66 -25.23
CA GLN A 207 23.78 -21.35 -26.57
C GLN A 207 23.71 -22.66 -27.33
N GLY A 208 22.71 -22.78 -28.19
CA GLY A 208 22.49 -23.96 -28.98
C GLY A 208 22.15 -23.64 -30.42
N TRP A 209 22.64 -24.47 -31.34
CA TRP A 209 22.32 -24.37 -32.76
C TRP A 209 21.85 -25.73 -33.24
N PHE A 210 20.70 -25.78 -33.90
CA PHE A 210 20.11 -27.04 -34.34
C PHE A 210 19.93 -27.07 -35.86
N GLU A 211 20.03 -28.28 -36.42
CA GLU A 211 19.99 -28.41 -37.87
C GLU A 211 18.63 -28.04 -38.46
N ASN A 212 17.55 -28.00 -37.68
CA ASN A 212 16.31 -27.59 -38.30
C ASN A 212 16.26 -26.09 -38.54
N GLY A 213 17.21 -25.33 -38.00
CA GLY A 213 17.22 -23.89 -38.14
C GLY A 213 16.95 -23.10 -36.88
N ILE A 214 16.69 -23.75 -35.77
CA ILE A 214 16.48 -23.04 -34.52
C ILE A 214 17.81 -22.84 -33.84
N SER A 215 18.06 -21.62 -33.40
CA SER A 215 19.17 -21.30 -32.52
C SER A 215 18.66 -20.41 -31.39
N PHE A 216 19.31 -20.52 -30.25
CA PHE A 216 18.93 -19.73 -29.10
C PHE A 216 20.18 -19.52 -28.26
N PHE A 217 20.09 -18.55 -27.35
CA PHE A 217 21.08 -18.36 -26.31
C PHE A 217 20.33 -17.94 -25.07
N ALA A 218 20.88 -18.26 -23.90
CA ALA A 218 20.28 -17.82 -22.65
C ALA A 218 21.38 -17.65 -21.62
N GLN A 219 21.35 -16.53 -20.88
CA GLN A 219 22.38 -16.21 -19.90
C GLN A 219 21.77 -15.71 -18.61
N TYR A 220 22.40 -16.05 -17.50
CA TYR A 220 22.01 -15.51 -16.22
C TYR A 220 23.22 -14.82 -15.61
N LYS A 221 23.03 -13.58 -15.16
CA LYS A 221 24.10 -12.73 -14.64
C LYS A 221 23.83 -12.45 -13.17
N TYR A 222 24.86 -12.56 -12.35
CA TYR A 222 24.73 -12.28 -10.92
C TYR A 222 25.85 -11.35 -10.48
N MET A 223 25.52 -10.11 -10.13
CA MET A 223 26.51 -9.12 -9.76
C MET A 223 26.32 -8.73 -8.31
N GLU A 224 27.37 -8.89 -7.51
CA GLU A 224 27.37 -8.40 -6.14
C GLU A 224 28.49 -7.39 -6.02
N ALA A 225 28.36 -6.51 -5.03
CA ALA A 225 29.35 -5.46 -4.85
C ALA A 225 29.36 -5.04 -3.37
N ASP A 226 30.57 -4.79 -2.85
CA ASP A 226 30.75 -4.43 -1.46
C ASP A 226 31.57 -3.15 -1.40
N ALA A 227 31.05 -2.15 -0.69
CA ALA A 227 31.70 -0.87 -0.54
C ALA A 227 32.48 -0.85 0.78
N SER A 228 33.41 0.11 0.89
CA SER A 228 34.28 0.14 2.06
C SER A 228 33.51 0.55 3.31
N ASN A 229 32.41 1.28 3.18
CA ASN A 229 31.67 1.60 4.38
C ASN A 229 30.78 0.44 4.85
N GLY A 230 30.86 -0.72 4.20
CA GLY A 230 30.12 -1.89 4.63
C GLY A 230 28.83 -2.16 3.88
N VAL A 231 28.39 -1.22 3.04
CA VAL A 231 27.18 -1.46 2.28
C VAL A 231 27.46 -2.56 1.29
N ASN A 232 26.50 -3.46 1.12
CA ASN A 232 26.61 -4.56 0.17
C ASN A 232 25.41 -4.50 -0.77
N GLU A 233 25.65 -4.68 -2.06
CA GLU A 233 24.58 -4.66 -3.06
C GLU A 233 24.60 -5.94 -3.89
N LYS A 234 23.42 -6.36 -4.36
CA LYS A 234 23.27 -7.56 -5.18
C LYS A 234 22.19 -7.29 -6.22
N GLN A 235 22.45 -7.71 -7.45
CA GLN A 235 21.49 -7.57 -8.53
C GLN A 235 21.60 -8.75 -9.49
N ASP A 236 20.47 -9.20 -9.99
CA ASP A 236 20.38 -10.29 -10.94
C ASP A 236 19.99 -9.75 -12.31
N ALA A 237 20.42 -10.44 -13.36
CA ALA A 237 20.06 -10.07 -14.72
C ALA A 237 19.98 -11.32 -15.56
N MET A 238 19.24 -11.21 -16.66
CA MET A 238 19.16 -12.34 -17.55
C MET A 238 19.01 -11.82 -18.96
N SER A 239 19.42 -12.65 -19.90
CA SER A 239 19.28 -12.36 -21.32
C SER A 239 19.09 -13.66 -22.06
N ALA A 240 18.18 -13.63 -23.03
CA ALA A 240 17.90 -14.80 -23.85
C ALA A 240 17.43 -14.36 -25.22
N GLY A 241 17.69 -15.21 -26.20
CA GLY A 241 17.26 -14.88 -27.56
C GLY A 241 16.91 -16.14 -28.31
N LEU A 242 15.98 -15.99 -29.26
CA LEU A 242 15.49 -17.09 -30.08
C LEU A 242 15.50 -16.66 -31.54
N MET A 243 16.04 -17.53 -32.39
CA MET A 243 16.22 -17.27 -33.82
C MET A 243 15.83 -18.47 -34.66
N TYR A 244 15.10 -18.20 -35.74
CA TYR A 244 14.83 -19.23 -36.73
C TYR A 244 15.49 -18.80 -38.03
N THR A 245 16.46 -19.60 -38.47
CA THR A 245 17.25 -19.32 -39.67
C THR A 245 16.76 -20.22 -40.79
N THR A 246 16.23 -19.61 -41.86
CA THR A 246 15.72 -20.31 -43.03
C THR A 246 16.22 -19.64 -44.30
N GLY A 247 17.06 -20.31 -45.07
CA GLY A 247 17.51 -19.77 -46.34
C GLY A 247 18.37 -18.53 -46.23
N ASP A 248 17.95 -17.42 -46.83
CA ASP A 248 18.73 -16.20 -46.78
C ASP A 248 18.30 -15.28 -45.63
N TRP A 249 17.50 -15.78 -44.68
CA TRP A 249 16.85 -14.97 -43.66
C TRP A 249 17.05 -15.56 -42.27
N GLN A 250 17.14 -14.67 -41.27
CA GLN A 250 17.15 -15.05 -39.86
C GLN A 250 16.16 -14.17 -39.11
N TYR A 251 15.22 -14.79 -38.41
CA TYR A 251 14.24 -14.10 -37.57
C TYR A 251 14.70 -14.14 -36.12
N LYS A 252 14.56 -13.02 -35.41
CA LYS A 252 15.11 -12.97 -34.06
C LYS A 252 14.16 -12.33 -33.05
N LEU A 253 14.05 -12.97 -31.88
CA LEU A 253 13.39 -12.42 -30.71
C LEU A 253 14.36 -12.39 -29.54
N GLY A 254 14.46 -11.24 -28.89
CA GLY A 254 15.37 -11.07 -27.77
C GLY A 254 14.68 -10.49 -26.55
N TYR A 255 15.18 -10.89 -25.39
CA TYR A 255 14.68 -10.37 -24.12
C TYR A 255 15.84 -10.25 -23.15
N ALA A 256 15.87 -9.16 -22.41
CA ALA A 256 16.81 -9.07 -21.30
C ALA A 256 16.16 -8.27 -20.19
N ALA A 257 16.58 -8.55 -18.96
CA ALA A 257 16.04 -7.84 -17.82
C ALA A 257 17.09 -7.82 -16.73
N ASN A 258 17.21 -6.67 -16.09
CA ASN A 258 17.88 -6.50 -14.81
C ASN A 258 16.77 -6.47 -13.77
N PHE A 259 16.98 -7.15 -12.66
CA PHE A 259 15.98 -7.16 -11.61
C PHE A 259 16.28 -6.14 -10.53
N ASP A 260 15.28 -5.92 -9.66
CA ASP A 260 15.38 -4.94 -8.58
C ASP A 260 16.70 -5.13 -7.82
N LEU A 261 17.33 -4.01 -7.48
CA LEU A 261 18.59 -4.03 -6.74
C LEU A 261 18.35 -4.26 -5.26
N GLU A 262 19.28 -4.97 -4.63
CA GLU A 262 19.24 -5.25 -3.20
C GLU A 262 20.38 -4.51 -2.54
N ARG A 263 20.07 -3.60 -1.63
CA ARG A 263 21.08 -2.89 -0.88
C ARG A 263 20.90 -3.21 0.59
N ASP A 264 21.93 -3.78 1.20
CA ASP A 264 21.95 -4.12 2.62
C ASP A 264 20.69 -4.90 3.01
N GLY A 265 20.26 -5.81 2.13
CA GLY A 265 19.07 -6.57 2.40
C GLY A 265 17.78 -5.89 1.98
N LYS A 266 17.79 -4.58 1.75
CA LYS A 266 16.59 -3.90 1.31
C LYS A 266 16.50 -3.94 -0.21
N THR A 267 15.36 -4.40 -0.73
CA THR A 267 15.12 -4.34 -2.16
C THR A 267 14.76 -2.91 -2.54
N LEU A 268 15.47 -2.37 -3.51
CA LEU A 268 15.15 -1.05 -4.03
C LEU A 268 14.02 -1.20 -5.04
N SER A 269 12.92 -0.53 -4.79
CA SER A 269 11.74 -0.72 -5.64
C SER A 269 11.95 -0.05 -6.98
N ASN A 270 11.54 -0.73 -8.05
CA ASN A 270 11.58 -0.18 -9.41
C ASN A 270 12.99 0.21 -9.82
N THR A 271 13.96 -0.65 -9.52
CA THR A 271 15.29 -0.42 -10.05
C THR A 271 15.63 -1.45 -11.12
N SER A 272 14.60 -2.06 -11.71
CA SER A 272 14.74 -3.11 -12.68
C SER A 272 14.44 -2.57 -14.09
N ASP A 273 15.16 -3.13 -15.07
CA ASP A 273 15.04 -2.76 -16.49
C ASP A 273 14.66 -4.00 -17.28
N ASP A 274 13.97 -3.82 -18.41
CA ASP A 274 13.91 -4.95 -19.34
C ASP A 274 13.61 -4.50 -20.76
N VAL A 275 14.05 -5.30 -21.71
CA VAL A 275 13.89 -5.00 -23.13
C VAL A 275 13.38 -6.23 -23.86
N VAL A 276 12.42 -6.03 -24.74
CA VAL A 276 11.98 -7.03 -25.69
C VAL A 276 12.37 -6.49 -27.07
N SER A 277 12.88 -7.37 -27.92
CA SER A 277 13.41 -6.92 -29.21
C SER A 277 13.11 -7.92 -30.31
N ALA A 278 12.75 -7.40 -31.48
CA ALA A 278 12.56 -8.23 -32.66
C ALA A 278 13.40 -7.73 -33.82
N GLN A 279 13.96 -8.67 -34.58
CA GLN A 279 14.87 -8.37 -35.69
C GLN A 279 14.72 -9.36 -36.82
N ILE A 280 14.64 -8.86 -38.04
CA ILE A 280 14.70 -9.68 -39.26
C ILE A 280 16.01 -9.35 -39.95
N MET A 281 16.78 -10.37 -40.29
CA MET A 281 18.08 -10.17 -40.92
C MET A 281 18.14 -10.90 -42.27
N TYR A 282 18.75 -10.23 -43.25
CA TYR A 282 18.89 -10.71 -44.62
C TYR A 282 20.37 -10.91 -44.93
N PHE A 283 20.74 -12.13 -45.33
CA PHE A 283 22.12 -12.44 -45.69
C PHE A 283 22.38 -12.00 -47.13
N VAL A 284 22.64 -10.70 -47.31
CA VAL A 284 22.70 -10.16 -48.66
C VAL A 284 23.94 -10.60 -49.42
N ASP A 285 24.93 -11.17 -48.73
CA ASP A 285 26.21 -11.56 -49.32
C ASP A 285 26.97 -12.35 -48.29
N PRO A 286 27.88 -13.23 -48.72
CA PRO A 286 28.70 -13.94 -47.74
C PRO A 286 29.44 -13.00 -46.80
N SER A 287 29.50 -11.70 -47.11
CA SER A 287 30.26 -10.73 -46.34
C SER A 287 29.41 -9.56 -45.85
N ALA A 288 28.10 -9.64 -45.96
CA ALA A 288 27.27 -8.51 -45.57
C ALA A 288 25.90 -8.99 -45.12
N VAL A 289 25.28 -8.19 -44.26
CA VAL A 289 23.91 -8.45 -43.86
C VAL A 289 23.14 -7.14 -43.92
N LEU A 290 21.85 -7.25 -44.17
CA LEU A 290 20.89 -6.19 -43.93
C LEU A 290 20.00 -6.65 -42.78
N TYR A 291 19.51 -5.71 -42.00
CA TYR A 291 18.66 -6.07 -40.87
C TYR A 291 17.64 -4.98 -40.65
N ALA A 292 16.49 -5.37 -40.13
CA ALA A 292 15.50 -4.44 -39.60
C ALA A 292 15.25 -4.82 -38.16
N ARG A 293 15.03 -3.82 -37.31
CA ARG A 293 14.99 -4.07 -35.88
C ARG A 293 13.94 -3.19 -35.24
N ALA A 294 13.16 -3.79 -34.32
CA ALA A 294 12.22 -3.06 -33.47
C ALA A 294 12.56 -3.42 -32.03
N ARG A 295 12.54 -2.41 -31.17
CA ARG A 295 13.05 -2.63 -29.83
C ARG A 295 12.30 -1.75 -28.84
N MET A 296 11.96 -2.31 -27.67
CA MET A 296 11.27 -1.56 -26.62
C MET A 296 12.03 -1.68 -25.31
N ASN A 297 12.54 -0.56 -24.79
CA ASN A 297 13.26 -0.53 -23.52
C ASN A 297 12.42 0.14 -22.44
N ASP A 298 12.20 -0.59 -21.34
CA ASP A 298 11.58 -0.09 -20.12
C ASP A 298 12.61 -0.09 -18.98
N PHE A 299 13.04 1.10 -18.57
CA PHE A 299 14.14 1.27 -17.62
C PHE A 299 13.66 1.59 -16.20
N ASN A 300 14.61 1.49 -15.26
CA ASN A 300 14.41 1.81 -13.85
C ASN A 300 14.03 3.27 -13.69
N GLU A 301 13.48 3.59 -12.53
CA GLU A 301 13.01 4.94 -12.25
C GLU A 301 14.03 5.77 -11.48
N GLY A 302 15.20 5.20 -11.18
CA GLY A 302 16.25 5.99 -10.59
C GLY A 302 16.69 5.42 -9.27
N LEU A 303 17.91 5.75 -8.87
CA LEU A 303 18.37 5.41 -7.53
C LEU A 303 19.50 6.35 -7.17
N ASP A 304 19.64 6.63 -5.89
CA ASP A 304 20.75 7.44 -5.41
C ASP A 304 21.85 6.48 -5.00
N GLY A 305 23.09 6.92 -5.12
CA GLY A 305 24.22 6.14 -4.68
C GLY A 305 24.57 6.42 -3.23
N LEU A 306 25.72 5.88 -2.80
CA LEU A 306 26.12 6.03 -1.41
C LEU A 306 26.77 7.37 -1.13
N ASP A 307 26.70 8.29 -2.09
CA ASP A 307 27.05 9.68 -1.88
C ASP A 307 25.80 10.55 -1.89
N ASP A 308 24.63 9.94 -1.71
CA ASP A 308 23.36 10.64 -1.61
C ASP A 308 23.07 11.48 -2.87
N ALA A 309 23.75 11.17 -3.97
CA ALA A 309 23.53 11.76 -5.28
C ALA A 309 23.12 10.67 -6.27
N ALA A 310 22.39 11.07 -7.30
CA ALA A 310 21.86 10.10 -8.26
C ALA A 310 22.96 9.20 -8.81
N ARG A 311 22.64 7.93 -8.99
CA ARG A 311 23.55 6.98 -9.64
C ARG A 311 23.14 6.90 -11.10
N TRP A 312 24.10 7.09 -11.99
CA TRP A 312 23.78 7.06 -13.41
C TRP A 312 23.49 5.63 -13.83
N THR A 313 22.44 5.46 -14.63
CA THR A 313 22.17 4.20 -15.31
C THR A 313 21.82 4.52 -16.77
N SER A 314 21.76 3.50 -17.60
CA SER A 314 21.25 3.66 -18.95
C SER A 314 19.78 4.06 -18.97
N GLY A 315 19.15 4.20 -17.82
CA GLY A 315 17.78 4.66 -17.75
C GLY A 315 17.67 6.15 -17.47
N THR A 316 18.81 6.78 -17.17
CA THR A 316 18.86 8.21 -16.89
C THR A 316 18.13 9.02 -17.94
N ASN A 317 18.26 8.64 -19.19
CA ASN A 317 17.68 9.47 -20.24
C ASN A 317 16.20 9.19 -20.45
N GLY A 318 15.69 8.06 -19.98
CA GLY A 318 14.27 7.77 -20.08
C GLY A 318 13.97 6.49 -20.83
N ASP A 319 12.76 5.96 -20.65
CA ASP A 319 12.31 4.81 -21.42
C ASP A 319 12.24 5.21 -22.90
N TYR A 320 12.53 4.26 -23.80
CA TYR A 320 12.37 4.59 -25.21
C TYR A 320 12.18 3.33 -26.05
N ASN A 321 11.57 3.54 -27.19
CA ASN A 321 11.35 2.55 -28.22
C ASN A 321 12.17 2.93 -29.44
N GLU A 322 12.62 1.92 -30.20
CA GLU A 322 13.51 2.16 -31.32
C GLU A 322 13.17 1.27 -32.50
N TYR A 323 13.20 1.87 -33.69
CA TYR A 323 13.03 1.18 -34.96
C TYR A 323 14.27 1.40 -35.81
N SER A 324 14.84 0.33 -36.35
CA SER A 324 16.17 0.42 -36.94
C SER A 324 16.20 -0.25 -38.30
N VAL A 325 16.92 0.33 -39.24
CA VAL A 325 17.35 -0.40 -40.42
C VAL A 325 18.87 -0.31 -40.47
N GLY A 326 19.54 -1.36 -40.94
CA GLY A 326 20.99 -1.29 -40.92
C GLY A 326 21.63 -2.27 -41.86
N VAL A 327 22.95 -2.09 -42.02
CA VAL A 327 23.79 -2.88 -42.93
C VAL A 327 25.17 -3.06 -42.30
N GLU A 328 25.76 -4.23 -42.47
CA GLU A 328 27.12 -4.48 -41.99
C GLU A 328 27.83 -5.30 -43.04
N TYR A 329 29.02 -4.86 -43.42
CA TYR A 329 29.81 -5.51 -44.45
C TYR A 329 31.20 -5.73 -43.88
N TYR A 330 31.74 -6.92 -44.10
CA TYR A 330 33.03 -7.28 -43.55
C TYR A 330 34.02 -7.40 -44.71
N PHE A 331 35.18 -6.78 -44.56
CA PHE A 331 36.24 -6.98 -45.53
C PHE A 331 37.57 -7.15 -44.80
N GLU B 1 -29.42 20.17 16.59
CA GLU B 1 -28.72 21.30 15.96
C GLU B 1 -27.96 20.90 14.70
N VAL B 2 -27.84 21.86 13.81
CA VAL B 2 -26.95 21.80 12.66
C VAL B 2 -25.69 22.55 13.03
N TYR B 3 -24.54 21.99 12.69
CA TYR B 3 -23.25 22.61 12.96
C TYR B 3 -22.33 22.43 11.76
N GLY B 4 -21.23 23.15 11.77
CA GLY B 4 -20.32 23.07 10.66
C GLY B 4 -18.98 23.69 10.97
N ILE B 5 -17.99 23.29 10.18
CA ILE B 5 -16.71 23.97 10.14
C ILE B 5 -16.54 24.46 8.71
N ILE B 6 -16.55 25.78 8.53
CA ILE B 6 -16.23 26.40 7.26
C ILE B 6 -14.73 26.65 7.28
N ALA B 7 -14.00 25.97 6.41
CA ALA B 7 -12.54 25.97 6.45
C ALA B 7 -12.02 25.86 5.04
N MET B 8 -11.30 26.89 4.59
CA MET B 8 -10.70 26.94 3.25
C MET B 8 -9.21 27.16 3.37
N GLN B 9 -8.45 26.50 2.50
CA GLN B 9 -7.00 26.63 2.47
C GLN B 9 -6.54 26.87 1.04
N ALA B 10 -5.76 27.92 0.84
CA ALA B 10 -5.06 28.15 -0.41
C ALA B 10 -3.64 27.62 -0.23
N ALA B 11 -3.26 26.61 -1.02
CA ALA B 11 -1.96 25.99 -0.82
C ALA B 11 -1.25 25.82 -2.15
N TYR B 12 -0.03 26.34 -2.23
CA TYR B 12 0.87 26.12 -3.35
C TYR B 12 1.88 25.06 -2.97
N ARG B 13 2.03 24.04 -3.83
CA ARG B 13 2.92 22.92 -3.58
C ARG B 13 4.01 22.84 -4.66
N ASP B 14 5.27 22.78 -4.20
CA ASP B 14 6.44 22.57 -5.06
C ASP B 14 6.96 21.16 -4.83
N TYR B 15 6.84 20.30 -5.85
CA TYR B 15 7.23 18.89 -5.74
C TYR B 15 8.63 18.61 -6.27
N ASP B 16 9.20 17.50 -5.78
CA ASP B 16 10.49 16.99 -6.22
C ASP B 16 10.41 15.47 -6.34
N SER B 17 9.77 15.00 -7.41
CA SER B 17 9.55 13.57 -7.54
C SER B 17 10.56 12.85 -8.42
N GLY B 18 11.35 13.57 -9.22
CA GLY B 18 12.18 12.85 -10.16
C GLY B 18 11.53 12.59 -11.49
N ASP B 19 10.32 13.09 -11.70
CA ASP B 19 9.68 13.14 -13.00
C ASP B 19 9.21 14.57 -13.17
N ALA B 20 9.47 15.15 -14.36
CA ALA B 20 9.16 16.55 -14.58
C ALA B 20 7.66 16.80 -14.79
N LYS B 21 7.01 15.96 -15.60
CA LYS B 21 5.57 16.12 -15.77
C LYS B 21 4.82 15.85 -14.47
N GLN B 22 5.24 14.86 -13.68
CA GLN B 22 4.56 14.65 -12.41
C GLN B 22 4.78 15.85 -11.50
N ASP B 23 5.99 16.44 -11.54
CA ASP B 23 6.25 17.64 -10.74
C ASP B 23 5.30 18.75 -11.11
N ASP B 24 5.01 18.90 -12.41
CA ASP B 24 4.10 19.93 -12.91
C ASP B 24 2.66 19.57 -12.58
N ASN B 25 2.36 18.27 -12.60
CA ASN B 25 1.00 17.80 -12.34
C ASN B 25 0.65 17.97 -10.87
N LEU B 26 1.40 17.27 -10.01
CA LEU B 26 1.10 17.28 -8.58
C LEU B 26 1.27 18.67 -7.98
N GLY B 27 2.26 19.38 -8.41
CA GLY B 27 2.53 20.66 -7.82
C GLY B 27 1.61 21.72 -8.37
N GLY B 28 1.71 22.89 -7.78
CA GLY B 28 0.91 24.01 -8.19
C GLY B 28 0.04 24.53 -7.07
N MET B 29 -0.87 25.42 -7.44
CA MET B 29 -1.78 26.07 -6.51
C MET B 29 -3.14 25.38 -6.58
N GLN B 30 -3.69 25.08 -5.42
CA GLN B 30 -4.96 24.42 -5.31
C GLN B 30 -5.74 25.05 -4.16
N LEU B 31 -7.04 24.82 -4.13
CA LEU B 31 -7.86 25.14 -2.96
C LEU B 31 -8.21 23.84 -2.24
N ASN B 32 -8.03 23.83 -0.94
CA ASN B 32 -8.37 22.72 -0.06
C ASN B 32 -9.59 23.13 0.77
N ASN B 33 -10.79 22.87 0.25
CA ASN B 33 -12.02 23.18 0.98
C ASN B 33 -12.37 22.01 1.88
N GLU B 34 -11.99 22.10 3.16
CA GLU B 34 -12.33 21.08 4.14
C GLU B 34 -13.56 21.47 4.94
N SER B 35 -14.40 22.34 4.38
CA SER B 35 -15.62 22.69 5.05
C SER B 35 -16.51 21.45 5.14
N ARG B 36 -17.26 21.36 6.25
CA ARG B 36 -18.08 20.19 6.53
C ARG B 36 -19.29 20.63 7.34
N ILE B 37 -20.45 20.02 7.09
CA ILE B 37 -21.65 20.30 7.86
C ILE B 37 -22.10 19.04 8.58
N GLY B 38 -22.60 19.19 9.81
CA GLY B 38 -23.13 18.07 10.56
C GLY B 38 -24.44 18.40 11.24
N PHE B 39 -25.16 17.33 11.60
CA PHE B 39 -26.40 17.40 12.38
C PHE B 39 -26.25 16.48 13.59
N ARG B 40 -26.70 16.93 14.74
CA ARG B 40 -26.56 16.12 15.94
C ARG B 40 -27.69 16.48 16.89
N GLY B 41 -27.97 15.55 17.78
CA GLY B 41 -29.00 15.77 18.77
C GLY B 41 -28.87 14.81 19.91
N LYS B 42 -29.51 15.16 21.01
CA LYS B 42 -29.62 14.29 22.15
C LYS B 42 -31.09 14.15 22.48
N LYS B 43 -31.43 13.05 23.15
CA LYS B 43 -32.80 12.80 23.53
C LYS B 43 -32.82 11.98 24.81
N GLN B 44 -33.67 12.37 25.73
CA GLN B 44 -33.85 11.60 26.95
C GLN B 44 -34.98 10.60 26.73
N PHE B 45 -34.66 9.31 26.63
CA PHE B 45 -35.71 8.30 26.51
C PHE B 45 -36.41 8.13 27.85
N ALA B 46 -37.72 7.89 27.81
CA ALA B 46 -38.48 7.73 29.04
C ALA B 46 -38.06 6.49 29.84
N ASN B 47 -37.70 5.41 29.16
CA ASN B 47 -37.40 4.13 29.81
C ASN B 47 -35.95 3.72 29.60
N PHE B 48 -35.02 4.66 29.67
CA PHE B 48 -33.59 4.35 29.63
C PHE B 48 -32.88 5.52 30.31
N GLU B 49 -32.27 5.25 31.46
CA GLU B 49 -31.63 6.34 32.17
C GLU B 49 -30.53 6.96 31.31
N PRO B 50 -29.68 6.20 30.63
CA PRO B 50 -28.64 6.83 29.79
C PRO B 50 -29.29 7.67 28.70
N THR B 51 -28.71 8.84 28.45
CA THR B 51 -29.24 9.73 27.42
C THR B 51 -28.78 9.33 26.02
N PHE B 52 -29.73 9.30 25.09
CA PHE B 52 -29.42 8.96 23.70
C PHE B 52 -28.76 10.15 23.04
N ILE B 53 -27.68 9.88 22.31
CA ILE B 53 -26.95 10.91 21.59
C ILE B 53 -26.74 10.41 20.17
N TRP B 54 -26.59 11.32 19.21
CA TRP B 54 -26.36 10.92 17.83
C TRP B 54 -25.79 12.11 17.08
N GLN B 55 -25.07 11.81 16.00
CA GLN B 55 -24.43 12.81 15.17
C GLN B 55 -24.30 12.28 13.76
N ILE B 56 -24.44 13.15 12.78
CA ILE B 56 -24.16 12.81 11.39
C ILE B 56 -23.33 13.93 10.82
N GLU B 57 -22.03 13.71 10.65
CA GLU B 57 -21.15 14.74 10.08
C GLU B 57 -20.76 14.37 8.65
N GLY B 58 -20.77 15.36 7.77
CA GLY B 58 -20.45 15.11 6.38
C GLY B 58 -18.95 15.21 6.13
N GLY B 59 -18.52 14.83 4.94
CA GLY B 59 -17.12 14.93 4.58
C GLY B 59 -16.71 16.32 4.13
N TYR B 60 -15.42 16.45 3.82
CA TYR B 60 -14.91 17.67 3.22
C TYR B 60 -15.63 17.94 1.90
N VAL B 61 -16.09 19.19 1.70
CA VAL B 61 -16.94 19.47 0.54
C VAL B 61 -16.15 19.59 -0.76
N ASP B 62 -14.88 20.01 -0.70
CA ASP B 62 -14.06 20.09 -1.92
C ASP B 62 -12.59 20.10 -1.55
N PRO B 63 -12.03 18.98 -1.10
CA PRO B 63 -10.60 18.94 -0.75
C PRO B 63 -9.73 19.06 -1.98
N SER B 64 -8.47 19.37 -1.73
CA SER B 64 -7.47 19.42 -2.78
C SER B 64 -7.16 18.01 -3.27
N PHE B 65 -6.76 17.93 -4.54
CA PHE B 65 -6.49 16.68 -5.24
C PHE B 65 -7.73 15.79 -5.35
N GLY B 66 -8.92 16.38 -5.20
CA GLY B 66 -10.15 15.63 -5.27
C GLY B 66 -11.30 16.46 -5.81
N GLY B 67 -12.37 15.77 -6.16
CA GLY B 67 -13.54 16.42 -6.66
C GLY B 67 -14.46 17.02 -5.59
N GLU B 68 -15.46 17.73 -6.11
CA GLU B 68 -16.46 18.44 -5.33
C GLU B 68 -17.47 17.46 -4.77
N GLY B 69 -18.10 17.82 -3.67
CA GLY B 69 -19.17 16.99 -3.18
C GLY B 69 -18.75 16.04 -2.09
N ALA B 70 -19.50 16.07 -1.01
CA ALA B 70 -19.28 15.17 0.10
C ALA B 70 -20.64 14.65 0.50
N GLY B 71 -20.66 13.43 0.99
CA GLY B 71 -21.89 12.84 1.43
C GLY B 71 -22.06 13.02 2.92
N LEU B 72 -23.29 12.81 3.36
CA LEU B 72 -23.60 12.83 4.77
C LEU B 72 -23.12 11.50 5.35
N GLY B 73 -22.30 11.57 6.40
CA GLY B 73 -21.84 10.36 7.04
C GLY B 73 -20.39 9.99 6.78
N GLU B 74 -19.67 10.78 5.98
CA GLU B 74 -18.27 10.44 5.69
C GLU B 74 -17.38 10.64 6.92
N ARG B 75 -17.76 11.52 7.86
CA ARG B 75 -17.03 11.81 9.09
C ARG B 75 -17.81 11.26 10.29
N ASP B 76 -17.44 11.68 11.50
CA ASP B 76 -17.95 11.05 12.73
C ASP B 76 -19.47 10.97 12.73
N THR B 77 -19.98 9.75 12.62
CA THR B 77 -21.42 9.51 12.48
C THR B 77 -21.80 8.32 13.36
N PHE B 78 -22.62 8.57 14.39
CA PHE B 78 -22.76 7.56 15.42
C PHE B 78 -24.08 7.72 16.15
N VAL B 79 -24.43 6.68 16.89
CA VAL B 79 -25.43 6.74 17.95
C VAL B 79 -24.71 6.42 19.26
N GLY B 80 -25.39 6.68 20.38
CA GLY B 80 -24.75 6.38 21.66
C GLY B 80 -25.61 6.79 22.83
N PHE B 81 -25.15 6.40 24.02
CA PHE B 81 -25.75 6.79 25.29
C PHE B 81 -24.68 7.40 26.17
N GLU B 82 -25.08 8.36 27.00
CA GLU B 82 -24.16 9.03 27.90
C GLU B 82 -24.78 9.19 29.29
N SER B 83 -23.92 9.16 30.31
CA SER B 83 -24.33 9.34 31.70
C SER B 83 -23.28 10.17 32.41
N ALA B 84 -23.69 10.92 33.43
CA ALA B 84 -22.70 11.68 34.19
C ALA B 84 -21.70 10.77 34.90
N SER B 85 -22.17 9.62 35.39
CA SER B 85 -21.35 8.72 36.21
C SER B 85 -20.28 8.01 35.39
N TRP B 86 -20.67 7.35 34.29
CA TRP B 86 -19.77 6.46 33.59
C TRP B 86 -19.38 6.94 32.18
N GLY B 87 -19.68 8.18 31.82
CA GLY B 87 -19.22 8.71 30.55
C GLY B 87 -20.16 8.46 29.39
N GLN B 88 -19.61 8.12 28.22
CA GLN B 88 -20.42 7.99 27.02
C GLN B 88 -19.92 6.82 26.17
N VAL B 89 -20.84 6.05 25.60
CA VAL B 89 -20.54 4.99 24.65
C VAL B 89 -21.01 5.45 23.28
N ARG B 90 -20.30 5.03 22.24
CA ARG B 90 -20.69 5.42 20.90
C ARG B 90 -20.61 4.24 19.95
N LEU B 91 -21.65 4.06 19.13
CA LEU B 91 -21.65 3.03 18.10
C LEU B 91 -21.68 3.72 16.76
N GLY B 92 -20.79 3.29 15.86
CA GLY B 92 -20.78 3.83 14.51
C GLY B 92 -19.39 4.12 13.96
N ARG B 93 -19.24 5.32 13.39
CA ARG B 93 -17.98 5.82 12.84
C ARG B 93 -17.41 6.86 13.78
N VAL B 94 -16.26 6.54 14.40
CA VAL B 94 -15.61 7.42 15.37
C VAL B 94 -14.10 7.35 15.15
N LEU B 95 -13.40 8.27 15.78
CA LEU B 95 -11.95 8.21 15.84
C LEU B 95 -11.51 7.17 16.86
N THR B 96 -10.40 6.49 16.56
CA THR B 96 -9.78 5.53 17.48
C THR B 96 -9.15 6.28 18.65
N PRO B 97 -9.07 5.68 19.84
CA PRO B 97 -8.41 6.41 20.95
C PRO B 97 -7.00 6.88 20.58
N MET B 98 -6.27 6.08 19.82
CA MET B 98 -4.94 6.51 19.42
C MET B 98 -4.99 7.54 18.31
N TYR B 99 -5.79 7.31 17.28
CA TYR B 99 -5.77 8.22 16.15
C TYR B 99 -6.04 9.65 16.59
N GLU B 100 -6.95 9.85 17.53
CA GLU B 100 -7.26 11.21 17.95
C GLU B 100 -6.00 11.92 18.43
N LEU B 101 -5.12 11.17 19.10
CA LEU B 101 -3.88 11.76 19.60
C LEU B 101 -2.85 11.91 18.49
N VAL B 102 -2.84 10.99 17.51
CA VAL B 102 -1.97 11.17 16.34
C VAL B 102 -2.39 12.41 15.56
N ASP B 103 -3.70 12.63 15.41
CA ASP B 103 -4.18 13.80 14.69
C ASP B 103 -3.98 15.09 15.50
N TRP B 104 -4.54 15.15 16.70
CA TRP B 104 -4.45 16.32 17.54
C TRP B 104 -3.93 15.98 18.93
N PRO B 105 -2.83 16.62 19.40
CA PRO B 105 -2.25 17.81 18.76
C PRO B 105 -1.18 17.57 17.70
N ALA B 106 -0.85 16.31 17.46
CA ALA B 106 0.43 15.92 16.87
C ALA B 106 0.50 16.06 15.34
N SER B 107 -0.60 16.25 14.61
CA SER B 107 -0.49 16.34 13.16
C SER B 107 -0.54 17.77 12.65
N ASN B 108 -0.66 18.74 13.53
CA ASN B 108 -0.75 20.15 13.25
C ASN B 108 0.55 20.88 13.59
N PRO B 109 1.06 21.74 12.69
CA PRO B 109 0.45 22.18 11.43
C PRO B 109 1.12 21.58 10.22
N GLY B 110 0.42 20.69 9.51
CA GLY B 110 0.95 20.06 8.32
C GLY B 110 1.90 18.90 8.52
N LEU B 111 1.91 18.29 9.71
CA LEU B 111 2.75 17.15 9.99
C LEU B 111 2.09 15.84 9.67
N GLY B 112 0.91 15.87 9.06
CA GLY B 112 0.17 14.64 8.85
C GLY B 112 0.80 13.70 7.83
N ASP B 113 1.36 14.24 6.75
CA ASP B 113 1.98 13.40 5.73
C ASP B 113 3.05 12.50 6.31
N VAL B 114 3.71 12.95 7.37
CA VAL B 114 4.73 12.19 8.04
C VAL B 114 4.16 11.45 9.24
N TYR B 115 3.46 12.15 10.12
CA TYR B 115 3.08 11.51 11.36
C TYR B 115 1.74 10.79 11.31
N ASP B 116 0.83 11.22 10.43
CA ASP B 116 -0.51 10.63 10.38
C ASP B 116 -0.53 9.38 9.48
N TRP B 117 -0.62 9.58 8.17
CA TRP B 117 -0.65 8.44 7.27
C TRP B 117 0.72 8.11 6.70
N GLY B 118 1.76 8.86 7.10
CA GLY B 118 3.10 8.51 6.71
C GLY B 118 3.66 7.34 7.53
N GLY B 119 4.77 6.79 7.04
CA GLY B 119 5.36 5.66 7.70
C GLY B 119 5.48 4.55 6.69
N ALA B 120 6.34 3.58 6.96
CA ALA B 120 6.61 2.52 6.02
C ALA B 120 6.23 1.14 6.53
N ILE B 121 5.80 1.01 7.79
CA ILE B 121 5.48 -0.30 8.32
C ILE B 121 4.35 -0.95 7.52
N GLY B 122 4.37 -2.28 7.47
CA GLY B 122 3.33 -3.02 6.81
C GLY B 122 2.12 -3.28 7.69
N GLY B 123 1.06 -3.77 7.07
CA GLY B 123 -0.19 -4.03 7.78
C GLY B 123 -0.92 -2.73 8.03
N ALA B 124 -1.42 -2.56 9.25
CA ALA B 124 -2.20 -1.40 9.64
C ALA B 124 -1.67 -0.83 10.96
N LYS B 125 -0.82 0.21 10.89
CA LYS B 125 -0.25 0.78 12.11
C LYS B 125 -1.35 1.11 13.11
N TYR B 126 -2.35 1.86 12.66
CA TYR B 126 -3.54 2.12 13.45
C TYR B 126 -4.65 2.47 12.49
N GLN B 127 -5.87 2.52 13.02
CA GLN B 127 -6.96 3.04 12.21
C GLN B 127 -7.14 4.53 12.43
N ASP B 128 -7.72 5.17 11.42
CA ASP B 128 -8.14 6.55 11.49
C ASP B 128 -9.64 6.43 11.28
N ARG B 129 -10.43 6.98 12.20
CA ARG B 129 -11.89 7.04 11.96
C ARG B 129 -12.49 5.78 11.36
N GLN B 130 -13.14 4.92 12.14
CA GLN B 130 -13.56 3.63 11.63
C GLN B 130 -15.04 3.42 11.89
N SER B 131 -15.74 2.85 10.89
CA SER B 131 -17.12 2.42 11.13
C SER B 131 -17.11 1.11 11.91
N ASN B 132 -18.29 0.65 12.29
CA ASN B 132 -18.43 -0.58 13.08
C ASN B 132 -17.51 -0.51 14.30
N THR B 133 -17.72 0.52 15.10
CA THR B 133 -16.89 0.78 16.28
C THR B 133 -17.79 0.98 17.48
N ILE B 134 -17.34 0.46 18.62
CA ILE B 134 -17.89 0.79 19.92
C ILE B 134 -16.79 1.52 20.67
N ARG B 135 -17.07 2.73 21.12
CA ARG B 135 -16.07 3.55 21.80
C ARG B 135 -16.64 4.06 23.10
N TRP B 136 -15.92 3.80 24.20
CA TRP B 136 -16.26 4.29 25.52
C TRP B 136 -15.37 5.47 25.86
N ASP B 137 -15.97 6.57 26.29
CA ASP B 137 -15.23 7.71 26.81
C ASP B 137 -15.63 7.94 28.25
N SER B 138 -14.67 7.88 29.17
CA SER B 138 -14.94 8.11 30.57
C SER B 138 -15.02 9.60 30.86
N PRO B 139 -15.63 10.00 31.96
CA PRO B 139 -15.58 11.41 32.38
C PRO B 139 -14.16 11.76 32.79
N MET B 140 -13.92 13.04 33.01
CA MET B 140 -12.61 13.45 33.53
C MET B 140 -12.62 13.25 35.05
N TYR B 141 -12.39 11.99 35.47
CA TYR B 141 -12.35 11.63 36.88
C TYR B 141 -11.47 12.59 37.67
N ALA B 142 -12.02 13.11 38.76
CA ALA B 142 -11.31 14.03 39.65
C ALA B 142 -10.82 15.26 38.92
N ASP B 143 -11.44 15.58 37.78
CA ASP B 143 -11.01 16.70 36.93
C ASP B 143 -9.49 16.67 36.69
N LYS B 144 -8.94 15.47 36.53
CA LYS B 144 -7.52 15.19 36.36
C LYS B 144 -7.21 14.10 35.32
N PHE B 145 -8.06 13.09 35.18
CA PHE B 145 -7.77 11.81 34.54
C PHE B 145 -8.86 11.41 33.54
N SER B 146 -8.47 10.91 32.36
CA SER B 146 -9.44 10.50 31.34
C SER B 146 -9.06 9.15 30.76
N ILE B 147 -10.06 8.36 30.37
CA ILE B 147 -9.84 7.12 29.62
C ILE B 147 -10.74 7.11 28.39
N ASP B 148 -10.17 6.69 27.24
CA ASP B 148 -10.90 6.48 25.99
C ASP B 148 -10.59 5.05 25.52
N ALA B 149 -11.62 4.25 25.23
CA ALA B 149 -11.43 2.84 24.91
C ALA B 149 -12.40 2.37 23.82
N ALA B 150 -11.89 1.63 22.83
CA ALA B 150 -12.71 1.21 21.71
C ALA B 150 -12.27 -0.14 21.14
N VAL B 151 -13.22 -0.87 20.57
CA VAL B 151 -12.96 -2.01 19.71
C VAL B 151 -13.80 -1.82 18.45
N GLY B 152 -13.33 -2.38 17.33
CA GLY B 152 -14.09 -2.22 16.10
C GLY B 152 -13.71 -3.24 15.05
N ALA B 153 -14.57 -3.34 14.03
CA ALA B 153 -14.31 -4.16 12.86
C ALA B 153 -13.33 -3.45 11.96
N GLY B 154 -12.72 -4.20 11.05
CA GLY B 154 -11.68 -3.65 10.20
C GLY B 154 -12.25 -3.08 8.91
N ASP B 155 -11.35 -2.51 8.09
CA ASP B 155 -11.77 -1.87 6.85
C ASP B 155 -12.42 -2.88 5.89
N LYS B 156 -11.83 -4.08 5.76
CA LYS B 156 -12.40 -5.12 4.90
C LYS B 156 -13.62 -5.77 5.54
N ALA B 157 -13.58 -5.98 6.86
CA ALA B 157 -14.66 -6.67 7.56
C ALA B 157 -15.98 -5.93 7.40
N GLY B 158 -15.94 -4.61 7.30
CA GLY B 158 -17.12 -3.81 7.11
C GLY B 158 -17.66 -3.87 5.71
N LEU B 159 -17.03 -4.62 4.82
CA LEU B 159 -17.58 -4.89 3.50
C LEU B 159 -17.98 -6.34 3.31
N GLY B 160 -17.89 -7.17 4.35
CA GLY B 160 -18.09 -8.58 4.20
C GLY B 160 -16.99 -9.24 3.43
N ALA B 161 -15.79 -8.67 3.49
CA ALA B 161 -14.66 -9.12 2.71
C ALA B 161 -13.47 -9.47 3.60
N GLY B 162 -13.68 -9.72 4.88
CA GLY B 162 -12.55 -9.95 5.76
C GLY B 162 -13.01 -10.30 7.16
N ASP B 163 -12.01 -10.46 8.02
CA ASP B 163 -12.16 -10.77 9.44
C ASP B 163 -11.31 -9.82 10.25
N ASP B 164 -11.08 -8.62 9.73
CA ASP B 164 -10.24 -7.65 10.38
C ASP B 164 -10.89 -7.14 11.67
N TYR B 165 -10.10 -6.96 12.73
CA TYR B 165 -10.62 -6.34 13.95
C TYR B 165 -9.49 -5.60 14.62
N TRP B 166 -9.83 -4.84 15.64
CA TRP B 166 -8.87 -3.96 16.28
C TRP B 166 -9.43 -3.49 17.61
N GLY B 167 -8.53 -3.24 18.55
CA GLY B 167 -8.91 -2.65 19.82
C GLY B 167 -7.87 -1.62 20.20
N GLY B 168 -8.29 -0.69 21.03
CA GLY B 168 -7.40 0.41 21.37
C GLY B 168 -7.81 1.05 22.66
N ILE B 169 -6.85 1.73 23.29
CA ILE B 169 -7.09 2.39 24.57
C ILE B 169 -6.18 3.62 24.61
N ALA B 170 -6.65 4.65 25.32
CA ALA B 170 -5.87 5.87 25.50
C ALA B 170 -6.24 6.52 26.83
N ALA B 171 -5.24 7.14 27.45
CA ALA B 171 -5.39 7.74 28.78
C ALA B 171 -4.66 9.07 28.84
N HIS B 172 -5.22 9.97 29.62
CA HIS B 172 -4.67 11.31 29.80
C HIS B 172 -4.68 11.66 31.28
N TYR B 173 -3.64 12.38 31.70
CA TYR B 173 -3.52 12.86 33.07
C TYR B 173 -3.19 14.35 33.01
N LYS B 174 -3.97 15.16 33.73
CA LYS B 174 -3.72 16.58 33.80
C LYS B 174 -2.82 16.83 35.01
N LEU B 175 -1.71 17.51 34.77
CA LEU B 175 -0.71 17.80 35.80
C LEU B 175 -0.39 19.30 35.69
N GLY B 176 -1.14 20.13 36.40
CA GLY B 176 -1.01 21.56 36.30
C GLY B 176 -1.27 22.04 34.89
N PRO B 177 -0.27 22.67 34.26
CA PRO B 177 -0.39 23.10 32.86
C PRO B 177 0.03 22.06 31.83
N LEU B 178 0.35 20.84 32.28
CA LEU B 178 0.81 19.77 31.43
C LEU B 178 -0.27 18.72 31.37
N GLN B 179 -0.36 18.08 30.22
CA GLN B 179 -1.23 16.94 30.02
C GLN B 179 -0.36 15.79 29.52
N LEU B 180 -0.36 14.67 30.24
CA LEU B 180 0.39 13.50 29.80
C LEU B 180 -0.56 12.60 29.04
N ASP B 181 -0.11 12.13 27.88
CA ASP B 181 -0.90 11.29 27.00
C ASP B 181 -0.19 9.95 26.80
N ALA B 182 -0.95 8.85 26.90
CA ALA B 182 -0.44 7.54 26.54
C ALA B 182 -1.53 6.75 25.82
N ALA B 183 -1.18 6.09 24.70
CA ALA B 183 -2.15 5.39 23.87
C ALA B 183 -1.59 4.09 23.29
N TYR B 184 -2.51 3.19 22.94
CA TYR B 184 -2.18 1.90 22.33
C TYR B 184 -3.28 1.45 21.37
N GLU B 185 -2.89 0.79 20.28
CA GLU B 185 -3.85 0.15 19.39
C GLU B 185 -3.23 -1.12 18.83
N GLY B 186 -4.02 -2.19 18.82
CA GLY B 186 -3.62 -3.44 18.22
C GLY B 186 -4.62 -3.83 17.16
N ASN B 187 -4.12 -4.12 15.98
CA ASN B 187 -4.95 -4.52 14.85
C ASN B 187 -4.69 -5.99 14.55
N ARG B 188 -5.74 -6.76 14.30
CA ARG B 188 -5.56 -8.17 14.01
C ARG B 188 -6.21 -8.57 12.69
N ASN B 189 -5.71 -9.67 12.11
CA ASN B 189 -6.27 -10.30 10.90
C ASN B 189 -6.28 -9.38 9.68
N ILE B 190 -5.27 -8.53 9.57
CA ILE B 190 -5.16 -7.62 8.44
C ILE B 190 -4.66 -8.44 7.26
N GLU B 191 -5.45 -8.51 6.21
CA GLU B 191 -4.97 -9.20 5.01
C GLU B 191 -4.34 -8.15 4.10
N ALA B 192 -3.02 -8.24 3.93
CA ALA B 192 -2.31 -7.39 3.00
C ALA B 192 -0.98 -8.04 2.66
N GLU B 193 -0.52 -7.76 1.42
CA GLU B 193 0.76 -8.23 0.87
C GLU B 193 0.87 -9.75 0.86
N GLY B 194 -0.26 -10.43 0.71
CA GLY B 194 -0.25 -11.89 0.67
C GLY B 194 -0.03 -12.53 2.00
N GLN B 195 -0.07 -11.76 3.08
CA GLN B 195 0.10 -12.28 4.41
C GLN B 195 -1.06 -11.81 5.28
N THR B 196 -1.05 -12.29 6.52
CA THR B 196 -1.97 -11.86 7.57
C THR B 196 -1.13 -11.19 8.63
N TRP B 197 -1.44 -9.93 8.93
CA TRP B 197 -0.62 -9.15 9.83
C TRP B 197 -1.28 -8.95 11.17
N GLU B 198 -0.45 -8.67 12.17
CA GLU B 198 -0.89 -8.20 13.47
C GLU B 198 -0.04 -6.98 13.81
N ASN B 199 -0.69 -5.87 14.11
CA ASN B 199 0.00 -4.63 14.44
C ASN B 199 -0.17 -4.29 15.91
N ASN B 200 0.86 -3.65 16.46
CA ASN B 200 0.79 -3.11 17.82
C ASN B 200 1.50 -1.75 17.83
N THR B 201 0.76 -0.70 18.20
CA THR B 201 1.28 0.66 18.21
C THR B 201 1.21 1.25 19.62
N TYR B 202 2.26 1.96 20.00
CA TYR B 202 2.33 2.59 21.31
C TYR B 202 2.72 4.04 21.13
N LEU B 203 2.09 4.92 21.90
CA LEU B 203 2.33 6.33 21.75
C LEU B 203 2.37 6.94 23.15
N VAL B 204 3.36 7.78 23.39
CA VAL B 204 3.39 8.56 24.61
C VAL B 204 3.57 10.01 24.18
N GLY B 205 2.99 10.91 24.97
CA GLY B 205 3.04 12.30 24.57
C GLY B 205 2.71 13.21 25.73
N VAL B 206 3.10 14.47 25.56
CA VAL B 206 2.85 15.50 26.55
C VAL B 206 2.38 16.75 25.84
N GLN B 207 1.42 17.42 26.46
CA GLN B 207 0.98 18.74 26.02
C GLN B 207 1.17 19.71 27.16
N GLY B 208 1.61 20.92 26.85
CA GLY B 208 1.74 21.92 27.87
C GLY B 208 1.24 23.24 27.35
N TRP B 209 0.53 23.98 28.20
CA TRP B 209 0.11 25.36 27.94
C TRP B 209 0.48 26.18 29.17
N PHE B 210 1.21 27.27 28.97
CA PHE B 210 1.73 28.05 30.08
C PHE B 210 1.29 29.50 30.01
N GLU B 211 1.18 30.12 31.20
CA GLU B 211 0.77 31.51 31.30
C GLU B 211 1.80 32.44 30.68
N ASN B 212 3.01 31.96 30.38
CA ASN B 212 4.01 32.78 29.69
C ASN B 212 3.66 33.00 28.23
N GLY B 213 2.69 32.24 27.69
CA GLY B 213 2.31 32.29 26.30
C GLY B 213 2.85 31.10 25.52
N ILE B 214 3.70 30.30 26.15
CA ILE B 214 4.34 29.16 25.51
C ILE B 214 3.43 27.94 25.66
N SER B 215 3.25 27.24 24.56
CA SER B 215 2.61 25.93 24.61
C SER B 215 3.43 24.99 23.75
N PHE B 216 3.43 23.71 24.13
CA PHE B 216 4.22 22.73 23.39
C PHE B 216 3.53 21.39 23.44
N PHE B 217 3.84 20.55 22.46
CA PHE B 217 3.46 19.15 22.48
C PHE B 217 4.59 18.32 21.89
N ALA B 218 4.72 17.09 22.39
CA ALA B 218 5.75 16.18 21.92
C ALA B 218 5.24 14.75 22.08
N GLN B 219 5.40 13.94 21.04
CA GLN B 219 4.90 12.58 21.05
C GLN B 219 5.94 11.62 20.50
N TYR B 220 5.98 10.42 21.07
CA TYR B 220 6.82 9.36 20.55
C TYR B 220 5.95 8.16 20.22
N LYS B 221 6.09 7.67 19.01
CA LYS B 221 5.26 6.58 18.51
C LYS B 221 6.15 5.39 18.24
N TYR B 222 5.73 4.24 18.71
CA TYR B 222 6.46 3.01 18.51
C TYR B 222 5.50 2.03 17.84
N MET B 223 5.80 1.67 16.60
CA MET B 223 4.95 0.81 15.79
C MET B 223 5.66 -0.49 15.45
N GLU B 224 5.02 -1.60 15.80
CA GLU B 224 5.47 -2.94 15.47
C GLU B 224 4.41 -3.63 14.62
N ALA B 225 4.84 -4.61 13.83
CA ALA B 225 3.94 -5.33 12.93
C ALA B 225 4.53 -6.70 12.66
N ASP B 226 3.67 -7.73 12.64
CA ASP B 226 4.08 -9.12 12.42
C ASP B 226 3.27 -9.76 11.32
N ALA B 227 3.94 -10.37 10.34
CA ALA B 227 3.25 -11.02 9.23
C ALA B 227 3.12 -12.50 9.52
N SER B 228 2.23 -13.16 8.77
CA SER B 228 2.00 -14.59 9.02
C SER B 228 3.20 -15.46 8.65
N ASN B 229 4.08 -14.99 7.75
CA ASN B 229 5.27 -15.74 7.35
C ASN B 229 6.45 -15.57 8.31
N GLY B 230 6.31 -14.90 9.44
CA GLY B 230 7.37 -14.81 10.42
C GLY B 230 8.19 -13.55 10.37
N VAL B 231 8.00 -12.73 9.33
CA VAL B 231 8.68 -11.45 9.19
C VAL B 231 8.21 -10.51 10.29
N ASN B 232 9.14 -9.75 10.86
CA ASN B 232 8.79 -8.76 11.86
C ASN B 232 9.25 -7.39 11.38
N GLU B 233 8.39 -6.39 11.54
CA GLU B 233 8.69 -5.03 11.14
C GLU B 233 8.53 -4.08 12.32
N LYS B 234 9.35 -3.03 12.33
CA LYS B 234 9.38 -2.04 13.40
C LYS B 234 9.70 -0.66 12.82
N GLN B 235 9.00 0.35 13.30
CA GLN B 235 9.29 1.73 12.95
C GLN B 235 8.95 2.59 14.16
N ASP B 236 9.72 3.65 14.31
CA ASP B 236 9.51 4.63 15.37
C ASP B 236 9.20 5.99 14.75
N ALA B 237 8.49 6.82 15.48
CA ALA B 237 8.18 8.13 14.96
C ALA B 237 8.06 9.12 16.11
N MET B 238 8.16 10.40 15.76
CA MET B 238 7.99 11.44 16.75
C MET B 238 7.40 12.69 16.10
N SER B 239 6.76 13.49 16.95
CA SER B 239 6.21 14.76 16.52
C SER B 239 6.25 15.73 17.67
N ALA B 240 6.52 17.00 17.36
CA ALA B 240 6.52 18.00 18.41
C ALA B 240 6.21 19.36 17.83
N GLY B 241 5.67 20.22 18.67
CA GLY B 241 5.32 21.56 18.25
C GLY B 241 5.54 22.54 19.37
N LEU B 242 5.93 23.75 19.00
CA LEU B 242 6.25 24.81 19.93
C LEU B 242 5.46 26.02 19.50
N MET B 243 4.79 26.67 20.46
CA MET B 243 3.92 27.79 20.15
C MET B 243 4.09 28.94 21.13
N TYR B 244 4.13 30.14 20.59
CA TYR B 244 4.11 31.38 21.36
C TYR B 244 2.85 32.14 20.99
N THR B 245 1.96 32.34 21.96
CA THR B 245 0.70 33.03 21.78
C THR B 245 0.75 34.40 22.47
N THR B 246 0.58 35.48 21.70
CA THR B 246 0.59 36.84 22.25
C THR B 246 -0.60 37.59 21.69
N GLY B 247 -1.54 37.94 22.55
CA GLY B 247 -2.63 38.72 22.04
C GLY B 247 -3.39 37.91 21.03
N ASP B 248 -3.45 38.44 19.80
CA ASP B 248 -4.17 37.84 18.69
C ASP B 248 -3.29 37.03 17.72
N TRP B 249 -2.08 36.65 18.16
CA TRP B 249 -1.14 36.02 17.25
C TRP B 249 -0.65 34.74 17.87
N GLN B 250 -0.42 33.73 17.03
CA GLN B 250 0.22 32.51 17.48
C GLN B 250 1.31 32.15 16.50
N TYR B 251 2.53 32.03 17.03
CA TYR B 251 3.68 31.53 16.30
C TYR B 251 3.80 30.07 16.67
N LYS B 252 3.92 29.20 15.67
CA LYS B 252 3.97 27.77 15.92
C LYS B 252 5.07 27.20 15.04
N LEU B 253 5.91 26.36 15.63
CA LEU B 253 6.94 25.65 14.92
C LEU B 253 6.71 24.17 15.17
N GLY B 254 6.67 23.40 14.10
CA GLY B 254 6.38 21.98 14.19
C GLY B 254 7.41 21.12 13.49
N TYR B 255 7.68 19.96 14.09
CA TYR B 255 8.60 18.99 13.52
C TYR B 255 8.08 17.60 13.82
N ALA B 256 8.14 16.74 12.80
CA ALA B 256 7.76 15.35 12.95
C ALA B 256 8.69 14.50 12.10
N ALA B 257 8.83 13.24 12.50
CA ALA B 257 9.75 12.36 11.80
C ALA B 257 9.35 10.89 11.92
N ASN B 258 9.48 10.18 10.82
CA ASN B 258 9.44 8.72 10.75
C ASN B 258 10.87 8.25 10.64
N PHE B 259 11.26 7.25 11.42
CA PHE B 259 12.63 6.78 11.36
C PHE B 259 12.76 5.54 10.50
N ASP B 260 14.02 5.14 10.27
CA ASP B 260 14.30 3.95 9.48
C ASP B 260 13.47 2.77 10.00
N LEU B 261 12.87 2.03 9.07
CA LEU B 261 12.12 0.81 9.39
C LEU B 261 13.03 -0.40 9.58
N GLU B 262 12.68 -1.28 10.50
CA GLU B 262 13.44 -2.50 10.74
C GLU B 262 12.63 -3.69 10.26
N ARG B 263 13.20 -4.50 9.38
CA ARG B 263 12.57 -5.75 8.96
C ARG B 263 13.46 -6.90 9.40
N ASP B 264 12.94 -7.75 10.29
CA ASP B 264 13.68 -8.90 10.82
C ASP B 264 15.02 -8.51 11.41
N GLY B 265 15.05 -7.41 12.15
CA GLY B 265 16.28 -6.96 12.78
C GLY B 265 17.17 -6.12 11.89
N LYS B 266 16.98 -6.18 10.58
CA LYS B 266 17.82 -5.40 9.66
C LYS B 266 17.21 -4.01 9.49
N THR B 267 18.05 -2.99 9.65
CA THR B 267 17.63 -1.63 9.32
C THR B 267 17.60 -1.49 7.82
N LEU B 268 16.47 -1.00 7.31
CA LEU B 268 16.35 -0.62 5.91
C LEU B 268 16.76 0.83 5.76
N SER B 269 17.77 1.09 4.93
CA SER B 269 18.31 2.45 4.77
C SER B 269 17.37 3.31 3.93
N ASN B 270 17.29 4.61 4.28
CA ASN B 270 16.46 5.60 3.56
C ASN B 270 14.98 5.23 3.58
N THR B 271 14.48 4.77 4.74
CA THR B 271 13.05 4.55 4.92
C THR B 271 12.47 5.55 5.92
N SER B 272 13.12 6.69 6.08
CA SER B 272 12.77 7.68 7.07
C SER B 272 12.13 8.89 6.42
N ASP B 273 11.21 9.50 7.15
CA ASP B 273 10.54 10.71 6.74
C ASP B 273 10.73 11.76 7.80
N ASP B 274 10.73 13.01 7.39
CA ASP B 274 10.52 14.05 8.37
C ASP B 274 9.98 15.30 7.67
N VAL B 275 9.22 16.10 8.44
CA VAL B 275 8.62 17.33 7.97
C VAL B 275 8.97 18.44 8.96
N VAL B 276 9.35 19.60 8.45
CA VAL B 276 9.54 20.78 9.28
C VAL B 276 8.48 21.78 8.86
N SER B 277 7.84 22.43 9.84
CA SER B 277 6.73 23.30 9.50
C SER B 277 6.67 24.51 10.40
N ALA B 278 6.37 25.66 9.81
CA ALA B 278 6.18 26.89 10.55
C ALA B 278 4.80 27.49 10.24
N GLN B 279 4.17 28.10 11.24
CA GLN B 279 2.84 28.66 11.05
C GLN B 279 2.62 29.93 11.86
N ILE B 280 2.07 30.96 11.22
CA ILE B 280 1.64 32.18 11.89
C ILE B 280 0.11 32.24 11.80
N MET B 281 -0.54 32.36 12.95
CA MET B 281 -1.99 32.38 13.06
C MET B 281 -2.50 33.68 13.69
N TYR B 282 -3.63 34.15 13.18
CA TYR B 282 -4.31 35.34 13.68
C TYR B 282 -5.69 34.94 14.20
N PHE B 283 -5.97 35.23 15.48
CA PHE B 283 -7.28 34.94 16.05
C PHE B 283 -8.22 36.06 15.65
N VAL B 284 -8.75 35.93 14.42
CA VAL B 284 -9.53 36.98 13.80
C VAL B 284 -10.91 37.14 14.43
N ASP B 285 -11.33 36.20 15.27
CA ASP B 285 -12.63 36.20 15.92
C ASP B 285 -12.61 35.08 16.94
N PRO B 286 -13.46 35.14 17.99
CA PRO B 286 -13.54 34.01 18.93
C PRO B 286 -13.95 32.70 18.29
N SER B 287 -14.47 32.72 17.06
CA SER B 287 -14.95 31.55 16.39
C SER B 287 -14.24 31.31 15.06
N ALA B 288 -13.13 32.02 14.81
CA ALA B 288 -12.46 31.88 13.54
C ALA B 288 -10.97 32.18 13.66
N VAL B 289 -10.19 31.59 12.76
CA VAL B 289 -8.77 31.86 12.67
C VAL B 289 -8.41 32.10 11.21
N LEU B 290 -7.39 32.91 11.02
CA LEU B 290 -6.66 33.02 9.78
C LEU B 290 -5.28 32.45 10.02
N TYR B 291 -4.66 31.87 9.00
CA TYR B 291 -3.32 31.35 9.22
C TYR B 291 -2.52 31.36 7.93
N ALA B 292 -1.20 31.51 8.08
CA ALA B 292 -0.26 31.30 7.00
C ALA B 292 0.72 30.22 7.40
N ARG B 293 1.12 29.39 6.45
CA ARG B 293 1.91 28.20 6.75
C ARG B 293 2.88 27.85 5.64
N ALA B 294 4.08 27.43 6.02
CA ALA B 294 5.01 26.81 5.09
C ALA B 294 5.52 25.51 5.69
N ARG B 295 5.73 24.52 4.82
CA ARG B 295 6.17 23.19 5.22
C ARG B 295 7.18 22.61 4.24
N MET B 296 8.08 21.79 4.77
CA MET B 296 9.06 21.07 3.98
C MET B 296 8.95 19.58 4.31
N ASN B 297 8.56 18.77 3.33
CA ASN B 297 8.46 17.32 3.54
C ASN B 297 9.62 16.59 2.87
N ASP B 298 10.38 15.81 3.65
CA ASP B 298 11.42 14.91 3.13
C ASP B 298 11.00 13.45 3.36
N PHE B 299 10.66 12.74 2.29
CA PHE B 299 10.10 11.41 2.40
C PHE B 299 11.10 10.29 2.13
N ASN B 300 10.70 9.09 2.54
CA ASN B 300 11.50 7.89 2.36
C ASN B 300 11.73 7.63 0.88
N GLU B 301 12.71 6.78 0.59
CA GLU B 301 13.11 6.52 -0.78
C GLU B 301 12.33 5.34 -1.38
N GLY B 302 11.55 4.64 -0.58
CA GLY B 302 10.72 3.62 -1.15
C GLY B 302 11.07 2.32 -0.49
N LEU B 303 10.15 1.36 -0.50
CA LEU B 303 10.47 0.04 0.00
C LEU B 303 9.50 -0.95 -0.60
N ASP B 304 9.96 -2.18 -0.74
CA ASP B 304 9.16 -3.28 -1.27
C ASP B 304 8.41 -3.92 -0.11
N GLY B 305 7.22 -4.45 -0.39
CA GLY B 305 6.45 -5.19 0.59
C GLY B 305 6.83 -6.66 0.59
N LEU B 306 6.07 -7.45 1.31
CA LEU B 306 6.36 -8.87 1.36
C LEU B 306 5.77 -9.64 0.17
N ASP B 307 5.23 -8.95 -0.82
CA ASP B 307 4.74 -9.54 -2.05
C ASP B 307 5.63 -9.22 -3.26
N ASP B 308 6.86 -8.77 -3.02
CA ASP B 308 7.81 -8.40 -4.07
C ASP B 308 7.31 -7.27 -4.97
N ALA B 309 6.38 -6.47 -4.46
CA ALA B 309 5.93 -5.25 -5.11
C ALA B 309 6.11 -4.06 -4.17
N ALA B 310 6.22 -2.88 -4.76
CA ALA B 310 6.43 -1.66 -3.98
C ALA B 310 5.30 -1.45 -2.98
N ARG B 311 5.66 -1.03 -1.77
CA ARG B 311 4.72 -0.70 -0.70
C ARG B 311 4.48 0.80 -0.69
N TRP B 312 3.22 1.19 -0.63
CA TRP B 312 2.88 2.61 -0.69
C TRP B 312 3.23 3.33 0.61
N THR B 313 3.76 4.54 0.47
CA THR B 313 3.99 5.43 1.59
C THR B 313 3.52 6.81 1.21
N SER B 314 3.51 7.72 2.18
CA SER B 314 3.23 9.10 1.84
C SER B 314 4.34 9.71 0.99
N GLY B 315 5.46 9.01 0.82
CA GLY B 315 6.54 9.53 0.01
C GLY B 315 6.52 9.07 -1.44
N THR B 316 5.67 8.09 -1.74
CA THR B 316 5.57 7.57 -3.10
C THR B 316 5.44 8.69 -4.11
N ASN B 317 4.70 9.72 -3.77
CA ASN B 317 4.46 10.76 -4.76
C ASN B 317 5.57 11.78 -4.84
N GLY B 318 6.47 11.82 -3.85
CA GLY B 318 7.65 12.65 -3.95
C GLY B 318 7.77 13.67 -2.84
N ASP B 319 8.98 14.15 -2.58
CA ASP B 319 9.19 15.21 -1.61
C ASP B 319 8.57 16.50 -2.11
N TYR B 320 8.07 17.32 -1.19
CA TYR B 320 7.49 18.59 -1.62
C TYR B 320 7.51 19.63 -0.49
N ASN B 321 7.40 20.89 -0.93
CA ASN B 321 7.24 22.07 -0.11
C ASN B 321 5.87 22.67 -0.39
N GLU B 322 5.28 23.27 0.62
CA GLU B 322 3.93 23.79 0.50
C GLU B 322 3.88 25.11 1.23
N TYR B 323 3.34 26.11 0.55
CA TYR B 323 3.12 27.43 1.13
C TYR B 323 1.63 27.71 1.08
N SER B 324 1.06 28.04 2.23
CA SER B 324 -0.38 28.06 2.37
C SER B 324 -0.82 29.22 3.26
N VAL B 325 -1.99 29.77 2.93
CA VAL B 325 -2.82 30.60 3.80
C VAL B 325 -4.18 29.92 3.90
N GLY B 326 -4.90 30.24 4.97
CA GLY B 326 -6.20 29.63 5.15
C GLY B 326 -7.10 30.35 6.14
N VAL B 327 -8.31 29.82 6.26
CA VAL B 327 -9.34 30.32 7.18
C VAL B 327 -10.09 29.13 7.76
N GLU B 328 -10.45 29.25 9.03
CA GLU B 328 -11.31 28.27 9.69
C GLU B 328 -12.31 29.03 10.54
N TYR B 329 -13.59 28.72 10.37
CA TYR B 329 -14.68 29.33 11.11
C TYR B 329 -15.60 28.22 11.63
N TYR B 330 -15.99 28.30 12.90
CA TYR B 330 -16.82 27.28 13.53
C TYR B 330 -18.19 27.86 13.87
N PHE B 331 -19.25 27.12 13.56
CA PHE B 331 -20.56 27.49 14.06
C PHE B 331 -21.27 26.23 14.59
N GLU C 1 41.46 24.72 53.67
CA GLU C 1 40.33 23.92 54.12
C GLU C 1 40.53 22.46 53.72
N VAL C 2 40.14 21.55 54.58
CA VAL C 2 40.06 20.14 54.22
C VAL C 2 38.61 19.83 53.91
N TYR C 3 38.39 19.10 52.84
CA TYR C 3 37.03 18.69 52.57
C TYR C 3 37.05 17.26 52.09
N GLY C 4 35.88 16.63 52.07
CA GLY C 4 35.84 15.25 51.63
C GLY C 4 34.45 14.80 51.30
N ILE C 5 34.37 13.78 50.46
CA ILE C 5 33.15 13.03 50.21
C ILE C 5 33.46 11.60 50.61
N ILE C 6 32.81 11.15 51.67
CA ILE C 6 32.88 9.76 52.11
C ILE C 6 31.73 9.04 51.46
N ALA C 7 32.03 8.10 50.55
CA ALA C 7 31.01 7.49 49.68
C ALA C 7 31.35 6.04 49.41
N MET C 8 30.49 5.14 49.83
CA MET C 8 30.64 3.71 49.56
C MET C 8 29.38 3.18 48.89
N GLN C 9 29.55 2.29 47.92
CA GLN C 9 28.43 1.65 47.24
C GLN C 9 28.70 0.16 47.23
N ALA C 10 27.74 -0.62 47.71
CA ALA C 10 27.78 -2.08 47.60
C ALA C 10 26.94 -2.48 46.39
N ALA C 11 27.54 -3.17 45.43
CA ALA C 11 26.81 -3.44 44.20
C ALA C 11 27.01 -4.86 43.70
N TYR C 12 25.91 -5.54 43.42
CA TYR C 12 25.90 -6.83 42.75
C TYR C 12 25.64 -6.63 41.27
N ARG C 13 26.48 -7.25 40.43
CA ARG C 13 26.34 -7.21 38.98
C ARG C 13 26.11 -8.64 38.48
N ASP C 14 25.04 -8.84 37.68
CA ASP C 14 24.83 -10.11 36.99
C ASP C 14 25.08 -9.84 35.51
N TYR C 15 26.11 -10.45 34.95
CA TYR C 15 26.44 -10.20 33.56
C TYR C 15 25.80 -11.24 32.63
N ASP C 16 25.64 -10.83 31.36
CA ASP C 16 25.13 -11.68 30.27
C ASP C 16 26.02 -11.36 29.06
N SER C 17 27.21 -11.92 29.07
CA SER C 17 28.17 -11.67 28.03
C SER C 17 28.18 -12.76 26.96
N GLY C 18 27.54 -13.90 27.23
CA GLY C 18 27.60 -15.02 26.30
C GLY C 18 28.73 -15.98 26.59
N ASP C 19 29.51 -15.73 27.62
CA ASP C 19 30.49 -16.67 28.12
C ASP C 19 30.30 -16.74 29.62
N ALA C 20 30.24 -17.96 30.17
CA ALA C 20 29.94 -18.09 31.58
C ALA C 20 31.12 -17.66 32.44
N LYS C 21 32.36 -17.97 32.01
CA LYS C 21 33.53 -17.49 32.75
C LYS C 21 33.62 -15.98 32.70
N GLN C 22 33.36 -15.36 31.54
CA GLN C 22 33.37 -13.90 31.51
C GLN C 22 32.22 -13.34 32.35
N ASP C 23 31.07 -14.00 32.36
CA ASP C 23 29.98 -13.57 33.22
C ASP C 23 30.40 -13.64 34.67
N ASP C 24 31.17 -14.68 35.05
CA ASP C 24 31.49 -14.91 36.46
C ASP C 24 32.52 -13.91 36.94
N ASN C 25 33.48 -13.56 36.09
CA ASN C 25 34.56 -12.67 36.50
C ASN C 25 34.02 -11.27 36.76
N LEU C 26 33.49 -10.65 35.70
CA LEU C 26 32.97 -9.30 35.80
C LEU C 26 31.85 -9.25 36.83
N GLY C 27 31.08 -10.30 36.90
CA GLY C 27 30.00 -10.33 37.83
C GLY C 27 30.46 -10.70 39.23
N GLY C 28 29.52 -10.55 40.12
CA GLY C 28 29.65 -10.74 41.53
C GLY C 28 29.40 -9.43 42.21
N MET C 29 29.64 -9.42 43.52
CA MET C 29 29.46 -8.19 44.28
C MET C 29 30.80 -7.55 44.54
N GLN C 30 30.83 -6.24 44.46
CA GLN C 30 32.03 -5.49 44.75
C GLN C 30 31.61 -4.29 45.59
N LEU C 31 32.60 -3.70 46.26
CA LEU C 31 32.38 -2.42 46.93
C LEU C 31 33.04 -1.35 46.08
N ASN C 32 32.27 -0.31 45.78
CA ASN C 32 32.72 0.84 45.00
C ASN C 32 32.91 2.02 45.96
N ASN C 33 34.12 2.13 46.51
CA ASN C 33 34.48 3.18 47.47
C ASN C 33 34.93 4.41 46.69
N GLU C 34 34.03 5.38 46.54
CA GLU C 34 34.37 6.62 45.86
C GLU C 34 34.71 7.74 46.84
N SER C 35 35.15 7.40 48.05
CA SER C 35 35.54 8.42 49.01
C SER C 35 36.76 9.21 48.51
N ARG C 36 36.79 10.50 48.84
CA ARG C 36 37.90 11.32 48.38
C ARG C 36 38.14 12.45 49.37
N ILE C 37 39.40 12.84 49.48
CA ILE C 37 39.80 13.96 50.31
C ILE C 37 40.27 15.07 49.38
N GLY C 38 39.93 16.30 49.71
CA GLY C 38 40.40 17.44 48.96
C GLY C 38 40.91 18.51 49.90
N PHE C 39 41.69 19.42 49.35
CA PHE C 39 42.16 20.62 50.02
C PHE C 39 41.82 21.81 49.14
N ARG C 40 41.47 22.92 49.77
CA ARG C 40 40.93 24.06 49.06
C ARG C 40 41.40 25.34 49.70
N GLY C 41 41.38 26.42 48.93
CA GLY C 41 41.66 27.71 49.52
C GLY C 41 41.16 28.84 48.67
N LYS C 42 40.92 29.96 49.33
CA LYS C 42 40.68 31.23 48.69
C LYS C 42 41.75 32.14 49.27
N LYS C 43 42.19 33.14 48.54
CA LYS C 43 43.21 34.04 49.08
C LYS C 43 43.13 35.37 48.36
N GLN C 44 43.08 36.45 49.12
CA GLN C 44 43.07 37.78 48.54
C GLN C 44 44.51 38.25 48.46
N PHE C 45 45.07 38.24 47.26
CA PHE C 45 46.40 38.76 47.05
C PHE C 45 46.37 40.27 47.23
N ALA C 46 47.43 40.83 47.82
CA ALA C 46 47.46 42.25 48.12
C ALA C 46 47.46 43.13 46.88
N ASN C 47 48.04 42.64 45.80
CA ASN C 47 48.24 43.41 44.59
C ASN C 47 47.55 42.76 43.38
N PHE C 48 46.33 42.27 43.57
CA PHE C 48 45.55 41.75 42.44
C PHE C 48 44.09 41.71 42.85
N GLU C 49 43.23 42.49 42.16
CA GLU C 49 41.84 42.58 42.61
C GLU C 49 41.13 41.24 42.59
N PRO C 50 41.20 40.43 41.53
CA PRO C 50 40.50 39.15 41.54
C PRO C 50 41.07 38.25 42.62
N THR C 51 40.18 37.56 43.32
CA THR C 51 40.59 36.69 44.40
C THR C 51 41.21 35.40 43.88
N PHE C 52 42.33 35.00 44.49
CA PHE C 52 43.00 33.75 44.13
C PHE C 52 42.22 32.58 44.71
N ILE C 53 42.04 31.55 43.91
CA ILE C 53 41.39 30.34 44.40
C ILE C 53 42.22 29.16 43.95
N TRP C 54 42.15 28.07 44.71
CA TRP C 54 42.92 26.89 44.38
C TRP C 54 42.27 25.70 45.07
N GLN C 55 42.44 24.53 44.45
CA GLN C 55 41.88 23.30 44.99
C GLN C 55 42.75 22.14 44.55
N ILE C 56 42.90 21.14 45.43
CA ILE C 56 43.57 19.88 45.10
C ILE C 56 42.70 18.75 45.61
N GLU C 57 41.99 18.05 44.74
CA GLU C 57 41.11 16.96 45.17
C GLU C 57 41.71 15.62 44.78
N GLY C 58 41.64 14.65 45.67
CA GLY C 58 42.24 13.36 45.40
C GLY C 58 41.29 12.44 44.69
N GLY C 59 41.81 11.29 44.26
CA GLY C 59 40.98 10.32 43.59
C GLY C 59 40.15 9.45 44.53
N TYR C 60 39.34 8.60 43.91
CA TYR C 60 38.61 7.57 44.63
C TYR C 60 39.60 6.63 45.33
N VAL C 61 39.40 6.41 46.62
CA VAL C 61 40.40 5.68 47.40
C VAL C 61 40.36 4.20 47.12
N ASP C 62 39.21 3.65 46.70
CA ASP C 62 39.20 2.27 46.24
C ASP C 62 37.97 1.97 45.40
N PRO C 63 37.93 2.42 44.16
CA PRO C 63 36.76 2.13 43.32
C PRO C 63 36.68 0.65 43.00
N SER C 64 35.49 0.21 42.63
CA SER C 64 35.32 -1.16 42.21
C SER C 64 35.99 -1.36 40.85
N PHE C 65 36.33 -2.61 40.55
CA PHE C 65 37.04 -2.99 39.32
C PHE C 65 38.42 -2.34 39.26
N GLY C 66 38.91 -1.86 40.39
CA GLY C 66 40.20 -1.22 40.43
C GLY C 66 40.90 -1.53 41.73
N GLY C 67 42.19 -1.24 41.74
CA GLY C 67 43.00 -1.42 42.93
C GLY C 67 42.79 -0.31 43.91
N GLU C 68 43.42 -0.46 45.06
CA GLU C 68 43.32 0.53 46.12
C GLU C 68 44.27 1.68 45.80
N GLY C 69 44.00 2.83 46.41
CA GLY C 69 44.94 3.94 46.36
C GLY C 69 44.68 5.04 45.35
N ALA C 70 44.68 6.26 45.88
CA ALA C 70 44.56 7.43 45.04
C ALA C 70 45.54 8.47 45.53
N GLY C 71 46.06 9.25 44.60
CA GLY C 71 46.96 10.33 44.91
C GLY C 71 46.21 11.63 44.95
N LEU C 72 46.87 12.68 45.47
CA LEU C 72 46.29 14.01 45.44
C LEU C 72 46.46 14.60 44.04
N GLY C 73 45.33 15.04 43.47
CA GLY C 73 45.34 15.64 42.16
C GLY C 73 44.69 14.80 41.09
N GLU C 74 44.19 13.60 41.43
CA GLU C 74 43.61 12.76 40.40
C GLU C 74 42.29 13.31 39.88
N ARG C 75 41.57 14.11 40.68
CA ARG C 75 40.30 14.71 40.32
C ARG C 75 40.44 16.23 40.19
N ASP C 76 39.29 16.94 40.14
CA ASP C 76 39.30 18.37 39.78
C ASP C 76 40.28 19.17 40.65
N THR C 77 41.41 19.62 40.07
CA THR C 77 42.55 20.22 40.80
C THR C 77 43.11 21.42 40.05
N PHE C 78 43.10 22.61 40.67
CA PHE C 78 43.37 23.81 39.89
C PHE C 78 43.89 24.98 40.73
N VAL C 79 44.39 25.99 40.02
CA VAL C 79 44.50 27.34 40.55
C VAL C 79 43.55 28.17 39.69
N GLY C 80 43.30 29.40 40.14
CA GLY C 80 42.41 30.27 39.39
C GLY C 80 42.10 31.54 40.14
N PHE C 81 41.43 32.45 39.44
CA PHE C 81 41.03 33.72 39.98
C PHE C 81 39.54 33.87 39.79
N GLU C 82 38.88 34.56 40.73
CA GLU C 82 37.44 34.77 40.64
C GLU C 82 37.09 36.20 40.98
N SER C 83 36.03 36.70 40.33
CA SER C 83 35.51 38.04 40.55
C SER C 83 33.98 38.06 40.48
N ALA C 84 33.39 38.94 41.30
CA ALA C 84 31.94 39.10 41.22
C ALA C 84 31.53 39.64 39.86
N SER C 85 32.41 40.44 39.24
CA SER C 85 32.11 41.12 37.97
C SER C 85 32.01 40.13 36.82
N TRP C 86 33.08 39.36 36.60
CA TRP C 86 33.19 38.52 35.41
C TRP C 86 33.24 37.01 35.69
N GLY C 87 32.96 36.56 36.91
CA GLY C 87 32.96 35.13 37.17
C GLY C 87 34.32 34.61 37.60
N GLN C 88 34.74 33.43 37.12
CA GLN C 88 35.99 32.85 37.60
C GLN C 88 36.71 32.13 36.47
N VAL C 89 38.02 32.28 36.42
CA VAL C 89 38.86 31.56 35.50
C VAL C 89 39.65 30.55 36.30
N ARG C 90 39.85 29.35 35.74
CA ARG C 90 40.54 28.27 36.42
C ARG C 90 41.52 27.61 35.47
N LEU C 91 42.72 27.34 35.96
CA LEU C 91 43.73 26.63 35.20
C LEU C 91 44.07 25.34 35.88
N GLY C 92 44.12 24.25 35.12
CA GLY C 92 44.53 22.98 35.68
C GLY C 92 43.66 21.85 35.19
N ARG C 93 43.20 21.00 36.11
CA ARG C 93 42.33 19.88 35.81
C ARG C 93 40.90 20.20 36.24
N VAL C 94 40.00 20.28 35.27
CA VAL C 94 38.60 20.63 35.52
C VAL C 94 37.71 19.77 34.64
N LEU C 95 36.41 19.85 34.91
CA LEU C 95 35.42 19.30 34.01
C LEU C 95 35.29 20.24 32.80
N THR C 96 35.10 19.65 31.58
CA THR C 96 34.85 20.49 30.42
C THR C 96 33.40 20.97 30.45
N PRO C 97 33.13 22.17 29.93
CA PRO C 97 31.75 22.69 30.00
C PRO C 97 30.74 21.70 29.49
N MET C 98 31.11 20.91 28.50
CA MET C 98 30.21 19.92 27.96
C MET C 98 30.08 18.73 28.90
N TYR C 99 31.21 18.23 29.41
CA TYR C 99 31.14 17.05 30.26
C TYR C 99 30.31 17.30 31.51
N GLU C 100 30.43 18.50 32.08
CA GLU C 100 29.72 18.78 33.33
C GLU C 100 28.23 18.50 33.18
N LEU C 101 27.69 18.82 32.01
CA LEU C 101 26.26 18.60 31.81
C LEU C 101 25.95 17.15 31.52
N VAL C 102 26.89 16.45 30.88
CA VAL C 102 26.75 15.02 30.64
C VAL C 102 26.75 14.26 31.97
N ASP C 103 27.63 14.63 32.88
CA ASP C 103 27.71 13.96 34.17
C ASP C 103 26.49 14.32 35.04
N TRP C 104 26.29 15.59 35.29
CA TRP C 104 25.18 16.02 36.10
C TRP C 104 24.33 17.01 35.30
N PRO C 105 23.00 16.77 35.17
CA PRO C 105 22.23 15.70 35.83
C PRO C 105 22.16 14.36 35.09
N ALA C 106 22.80 14.31 33.92
CA ALA C 106 22.44 13.33 32.92
C ALA C 106 23.03 11.94 33.13
N SER C 107 24.01 11.75 34.01
CA SER C 107 24.59 10.42 34.14
C SER C 107 24.06 9.65 35.35
N ASN C 108 23.27 10.27 36.19
CA ASN C 108 22.70 9.68 37.38
C ASN C 108 21.22 9.40 37.16
N PRO C 109 20.71 8.24 37.60
CA PRO C 109 21.35 7.26 38.46
C PRO C 109 21.82 6.03 37.74
N GLY C 110 23.14 5.89 37.64
CA GLY C 110 23.67 4.68 37.05
C GLY C 110 23.55 4.64 35.55
N LEU C 111 23.36 5.78 34.90
CA LEU C 111 23.28 5.82 33.44
C LEU C 111 24.63 6.06 32.78
N GLY C 112 25.72 6.08 33.55
CA GLY C 112 26.98 6.53 32.97
C GLY C 112 27.55 5.59 31.92
N ASP C 113 27.40 4.28 32.12
CA ASP C 113 27.95 3.31 31.16
C ASP C 113 27.44 3.56 29.75
N VAL C 114 26.25 4.13 29.61
CA VAL C 114 25.68 4.45 28.31
C VAL C 114 25.94 5.90 27.95
N TYR C 115 25.55 6.84 28.81
CA TYR C 115 25.55 8.26 28.48
C TYR C 115 26.88 8.97 28.74
N ASP C 116 27.71 8.48 29.66
CA ASP C 116 28.96 9.15 29.98
C ASP C 116 30.05 8.76 28.99
N TRP C 117 30.68 7.61 29.22
CA TRP C 117 31.74 7.14 28.35
C TRP C 117 31.24 6.08 27.36
N GLY C 118 29.93 5.78 27.36
CA GLY C 118 29.39 4.86 26.38
C GLY C 118 29.29 5.50 25.01
N GLY C 119 29.07 4.68 24.01
CA GLY C 119 29.03 5.21 22.66
C GLY C 119 30.05 4.55 21.76
N ALA C 120 29.78 4.63 20.46
CA ALA C 120 30.58 3.93 19.45
C ALA C 120 31.34 4.87 18.54
N ILE C 121 31.13 6.18 18.68
CA ILE C 121 31.79 7.13 17.81
C ILE C 121 33.31 6.93 17.91
N GLY C 122 33.99 7.19 16.81
CA GLY C 122 35.43 7.13 16.80
C GLY C 122 35.96 8.45 17.25
N GLY C 123 37.27 8.49 17.45
CA GLY C 123 37.87 9.72 17.94
C GLY C 123 37.57 9.91 19.41
N ALA C 124 37.15 11.13 19.77
CA ALA C 124 36.85 11.47 21.17
C ALA C 124 35.57 12.30 21.23
N LYS C 125 34.45 11.66 21.57
CA LYS C 125 33.17 12.37 21.62
C LYS C 125 33.35 13.70 22.32
N TYR C 126 33.94 13.66 23.51
CA TYR C 126 34.36 14.84 24.24
C TYR C 126 35.43 14.40 25.22
N GLN C 127 36.05 15.39 25.86
CA GLN C 127 36.86 15.16 27.04
C GLN C 127 35.97 15.25 28.28
N ASP C 128 36.43 14.69 29.41
CA ASP C 128 35.61 14.72 30.63
C ASP C 128 36.30 15.61 31.65
N ARG C 129 37.20 15.08 32.47
CA ARG C 129 38.10 15.89 33.27
C ARG C 129 39.42 15.95 32.52
N GLN C 130 39.92 17.15 32.26
CA GLN C 130 41.17 17.22 31.51
C GLN C 130 42.14 18.18 32.16
N SER C 131 43.41 17.75 32.23
CA SER C 131 44.49 18.61 32.68
C SER C 131 44.83 19.61 31.58
N ASN C 132 45.73 20.54 31.89
CA ASN C 132 46.13 21.57 30.93
C ASN C 132 44.90 22.21 30.30
N THR C 133 44.03 22.74 31.15
CA THR C 133 42.76 23.29 30.70
C THR C 133 42.61 24.65 31.32
N ILE C 134 42.13 25.62 30.55
CA ILE C 134 41.73 26.88 31.13
C ILE C 134 40.23 27.01 30.91
N ARG C 135 39.51 27.28 31.99
CA ARG C 135 38.05 27.34 31.93
C ARG C 135 37.57 28.62 32.58
N TRP C 136 36.77 29.38 31.83
CA TRP C 136 36.13 30.60 32.32
C TRP C 136 34.69 30.26 32.65
N ASP C 137 34.24 30.67 33.83
CA ASP C 137 32.85 30.51 34.26
C ASP C 137 32.24 31.89 34.45
N SER C 138 31.20 32.19 33.69
CA SER C 138 30.59 33.50 33.80
C SER C 138 29.67 33.55 35.03
N PRO C 139 29.37 34.76 35.51
CA PRO C 139 28.37 34.91 36.56
C PRO C 139 26.97 34.61 36.02
N MET C 140 25.99 34.48 36.94
CA MET C 140 24.60 34.30 36.52
C MET C 140 24.00 35.67 36.20
N TYR C 141 24.33 36.13 34.99
CA TYR C 141 23.83 37.41 34.48
C TYR C 141 22.32 37.52 34.61
N ALA C 142 21.87 38.64 35.20
CA ALA C 142 20.46 38.94 35.40
C ALA C 142 19.75 37.84 36.18
N ASP C 143 20.50 37.11 37.01
CA ASP C 143 19.97 35.98 37.78
C ASP C 143 19.21 35.01 36.88
N LYS C 144 19.67 34.86 35.64
CA LYS C 144 18.97 34.02 34.66
C LYS C 144 19.91 33.13 33.85
N PHE C 145 21.02 33.66 33.33
CA PHE C 145 21.75 32.87 32.35
C PHE C 145 23.26 32.93 32.59
N SER C 146 23.92 31.78 32.40
CA SER C 146 25.36 31.63 32.61
C SER C 146 26.05 30.99 31.42
N ILE C 147 27.34 31.29 31.26
CA ILE C 147 28.18 30.79 30.19
C ILE C 147 29.40 30.11 30.79
N ASP C 148 29.77 28.95 30.22
CA ASP C 148 30.98 28.21 30.57
C ASP C 148 31.83 28.05 29.31
N ALA C 149 33.12 28.34 29.41
CA ALA C 149 33.96 28.33 28.22
C ALA C 149 35.35 27.82 28.55
N ALA C 150 35.85 26.85 27.78
CA ALA C 150 37.15 26.27 28.08
C ALA C 150 37.89 25.85 26.81
N VAL C 151 39.21 25.95 26.88
CA VAL C 151 40.11 25.34 25.90
C VAL C 151 41.18 24.60 26.69
N GLY C 152 41.72 23.53 26.09
CA GLY C 152 42.75 22.75 26.76
C GLY C 152 43.54 21.87 25.81
N ALA C 153 44.64 21.34 26.33
CA ALA C 153 45.39 20.36 25.56
C ALA C 153 44.69 19.01 25.65
N GLY C 154 45.03 18.11 24.73
CA GLY C 154 44.40 16.80 24.65
C GLY C 154 45.19 15.78 25.47
N ASP C 155 44.68 14.53 25.45
CA ASP C 155 45.25 13.48 26.30
C ASP C 155 46.72 13.22 25.96
N LYS C 156 47.07 13.15 24.67
CA LYS C 156 48.47 12.92 24.28
C LYS C 156 49.33 14.16 24.42
N ALA C 157 48.76 15.34 24.20
CA ALA C 157 49.54 16.56 24.28
C ALA C 157 50.13 16.75 25.66
N GLY C 158 49.40 16.34 26.70
CA GLY C 158 49.87 16.48 28.05
C GLY C 158 50.94 15.50 28.47
N LEU C 159 51.31 14.57 27.60
CA LEU C 159 52.46 13.71 27.83
C LEU C 159 53.58 14.01 26.87
N GLY C 160 53.44 15.09 26.08
CA GLY C 160 54.39 15.43 25.05
C GLY C 160 54.40 14.49 23.87
N ALA C 161 53.30 13.80 23.62
CA ALA C 161 53.26 12.75 22.61
C ALA C 161 52.19 13.03 21.55
N GLY C 162 51.81 14.29 21.38
CA GLY C 162 50.79 14.63 20.41
C GLY C 162 50.59 16.12 20.32
N ASP C 163 49.59 16.52 19.51
CA ASP C 163 49.21 17.92 19.38
C ASP C 163 47.70 18.13 19.47
N ASP C 164 46.99 17.22 20.13
CA ASP C 164 45.53 17.36 20.26
C ASP C 164 45.15 18.53 21.19
N TYR C 165 44.04 19.17 20.87
CA TYR C 165 43.51 20.26 21.66
C TYR C 165 41.99 20.23 21.51
N TRP C 166 41.32 21.11 22.25
CA TRP C 166 39.87 21.02 22.28
C TRP C 166 39.31 22.32 22.84
N GLY C 167 38.10 22.63 22.43
CA GLY C 167 37.40 23.78 22.97
C GLY C 167 35.95 23.44 23.13
N GLY C 168 35.32 24.12 24.05
CA GLY C 168 33.96 23.80 24.40
C GLY C 168 33.34 25.02 25.03
N ILE C 169 32.02 25.04 24.98
CA ILE C 169 31.24 26.13 25.56
C ILE C 169 29.90 25.56 25.96
N ALA C 170 29.32 26.15 27.00
CA ALA C 170 28.01 25.72 27.43
C ALA C 170 27.29 26.91 28.01
N ALA C 171 25.98 26.89 27.88
CA ALA C 171 25.17 27.99 28.38
C ALA C 171 23.96 27.39 29.07
N HIS C 172 23.50 28.10 30.10
CA HIS C 172 22.34 27.68 30.88
C HIS C 172 21.41 28.87 30.97
N TYR C 173 20.11 28.60 30.90
CA TYR C 173 19.11 29.65 30.97
C TYR C 173 18.02 29.24 31.96
N LYS C 174 17.70 30.13 32.90
CA LYS C 174 16.64 29.89 33.86
C LYS C 174 15.31 30.42 33.34
N LEU C 175 14.31 29.55 33.32
CA LEU C 175 12.96 29.88 32.85
C LEU C 175 12.00 29.42 33.94
N GLY C 176 11.78 30.27 34.93
CA GLY C 176 10.95 29.90 36.05
C GLY C 176 11.48 28.68 36.77
N PRO C 177 10.71 27.60 36.76
CA PRO C 177 11.14 26.33 37.38
C PRO C 177 11.98 25.44 36.48
N LEU C 178 12.30 25.86 35.27
CA LEU C 178 13.06 25.04 34.35
C LEU C 178 14.43 25.68 34.13
N GLN C 179 15.40 24.83 33.79
CA GLN C 179 16.69 25.32 33.32
C GLN C 179 16.97 24.69 31.97
N LEU C 180 17.20 25.54 30.97
CA LEU C 180 17.57 25.06 29.64
C LEU C 180 19.08 25.01 29.52
N ASP C 181 19.57 23.87 29.03
CA ASP C 181 21.00 23.61 28.89
C ASP C 181 21.32 23.46 27.42
N ALA C 182 22.42 24.10 26.99
CA ALA C 182 22.98 23.84 25.67
C ALA C 182 24.51 23.89 25.77
N ALA C 183 25.18 22.91 25.18
CA ALA C 183 26.63 22.81 25.29
C ALA C 183 27.23 22.31 23.98
N TYR C 184 28.52 22.63 23.78
CA TYR C 184 29.21 22.19 22.58
C TYR C 184 30.68 21.91 22.89
N GLU C 185 31.24 20.90 22.21
CA GLU C 185 32.67 20.65 22.31
C GLU C 185 33.26 20.12 21.01
N GLY C 186 34.42 20.67 20.67
CA GLY C 186 35.14 20.19 19.52
C GLY C 186 36.54 19.75 19.87
N ASN C 187 36.92 18.56 19.43
CA ASN C 187 38.25 18.01 19.65
C ASN C 187 39.03 17.91 18.35
N ARG C 188 40.27 18.38 18.37
CA ARG C 188 41.05 18.37 17.14
C ARG C 188 42.37 17.67 17.33
N ASN C 189 42.92 17.19 16.20
CA ASN C 189 44.21 16.51 16.13
C ASN C 189 44.22 15.25 16.98
N ILE C 190 43.09 14.54 17.02
CA ILE C 190 42.95 13.32 17.79
C ILE C 190 43.47 12.14 16.98
N GLU C 191 44.55 11.52 17.45
CA GLU C 191 45.20 10.40 16.76
C GLU C 191 44.67 9.07 17.32
N ALA C 192 43.97 8.31 16.49
CA ALA C 192 43.47 7.00 16.87
C ALA C 192 43.09 6.20 15.64
N GLU C 193 43.17 4.87 15.76
CA GLU C 193 42.77 3.97 14.68
C GLU C 193 43.57 4.27 13.40
N GLY C 194 44.80 4.74 13.57
CA GLY C 194 45.62 5.04 12.42
C GLY C 194 45.25 6.29 11.66
N GLN C 195 44.33 7.10 12.19
CA GLN C 195 43.96 8.36 11.56
C GLN C 195 44.09 9.51 12.55
N THR C 196 43.79 10.70 12.03
CA THR C 196 43.67 11.90 12.82
C THR C 196 42.23 12.37 12.67
N TRP C 197 41.51 12.47 13.79
CA TRP C 197 40.08 12.77 13.79
C TRP C 197 39.76 14.21 14.20
N GLU C 198 38.54 14.60 13.89
CA GLU C 198 37.94 15.80 14.46
C GLU C 198 36.56 15.42 14.96
N ASN C 199 36.30 15.73 16.22
CA ASN C 199 35.01 15.43 16.80
C ASN C 199 34.25 16.73 17.02
N ASN C 200 32.93 16.60 16.96
CA ASN C 200 32.04 17.69 17.29
C ASN C 200 30.84 17.10 17.99
N THR C 201 30.60 17.51 19.24
CA THR C 201 29.45 17.02 19.99
C THR C 201 28.58 18.20 20.37
N TYR C 202 27.27 17.99 20.28
CA TYR C 202 26.29 19.00 20.62
C TYR C 202 25.29 18.41 21.59
N LEU C 203 24.87 19.23 22.53
CA LEU C 203 23.97 18.77 23.58
C LEU C 203 22.97 19.89 23.84
N VAL C 204 21.70 19.53 24.01
CA VAL C 204 20.68 20.44 24.51
C VAL C 204 19.92 19.69 25.59
N GLY C 205 19.44 20.42 26.59
CA GLY C 205 18.80 19.72 27.67
C GLY C 205 17.98 20.64 28.54
N VAL C 206 17.07 20.03 29.31
CA VAL C 206 16.21 20.74 30.23
C VAL C 206 16.18 19.99 31.55
N GLN C 207 16.18 20.74 32.64
CA GLN C 207 15.95 20.23 33.98
C GLN C 207 14.86 21.09 34.61
N GLY C 208 14.04 20.47 35.42
CA GLY C 208 13.02 21.19 36.12
C GLY C 208 12.85 20.72 37.53
N TRP C 209 12.60 21.67 38.44
CA TRP C 209 12.22 21.42 39.82
C TRP C 209 10.97 22.25 40.06
N PHE C 210 9.92 21.60 40.55
CA PHE C 210 8.64 22.26 40.78
C PHE C 210 8.22 22.07 42.23
N GLU C 211 7.51 23.07 42.77
CA GLU C 211 7.16 23.05 44.19
C GLU C 211 6.25 21.88 44.58
N ASN C 212 5.62 21.19 43.62
CA ASN C 212 4.85 20.03 44.05
C ASN C 212 5.74 18.83 44.42
N GLY C 213 7.06 18.89 44.25
CA GLY C 213 7.93 17.79 44.64
C GLY C 213 8.51 16.98 43.49
N ILE C 214 8.09 17.26 42.26
CA ILE C 214 8.57 16.59 41.05
C ILE C 214 9.76 17.36 40.49
N SER C 215 10.81 16.63 40.13
CA SER C 215 11.93 17.17 39.37
C SER C 215 12.25 16.25 38.20
N PHE C 216 12.76 16.83 37.12
CA PHE C 216 13.09 16.02 35.94
C PHE C 216 14.24 16.66 35.20
N PHE C 217 14.89 15.84 34.39
CA PHE C 217 15.93 16.30 33.49
C PHE C 217 15.79 15.53 32.19
N ALA C 218 16.15 16.20 31.10
CA ALA C 218 16.08 15.58 29.79
C ALA C 218 17.14 16.18 28.90
N GLN C 219 17.89 15.31 28.23
CA GLN C 219 18.99 15.76 27.40
C GLN C 219 19.00 15.03 26.08
N TYR C 220 19.42 15.77 25.03
CA TYR C 220 19.63 15.19 23.72
C TYR C 220 21.06 15.48 23.28
N LYS C 221 21.77 14.42 22.87
CA LYS C 221 23.17 14.50 22.47
C LYS C 221 23.34 14.01 21.04
N TYR C 222 24.08 14.78 20.26
CA TYR C 222 24.36 14.43 18.87
C TYR C 222 25.86 14.57 18.67
N MET C 223 26.52 13.45 18.39
CA MET C 223 27.99 13.41 18.29
C MET C 223 28.41 13.05 16.87
N GLU C 224 29.23 13.90 16.26
CA GLU C 224 29.76 13.68 14.93
C GLU C 224 31.29 13.56 14.98
N ALA C 225 31.85 12.86 13.99
CA ALA C 225 33.30 12.65 13.94
C ALA C 225 33.75 12.39 12.50
N ASP C 226 34.88 13.00 12.13
CA ASP C 226 35.44 12.89 10.79
C ASP C 226 36.90 12.53 10.91
N ALA C 227 37.32 11.53 10.15
CA ALA C 227 38.68 11.01 10.15
C ALA C 227 39.52 11.63 9.05
N SER C 228 40.83 11.46 9.18
CA SER C 228 41.73 12.04 8.20
C SER C 228 41.61 11.31 6.87
N ASN C 229 41.17 10.05 6.87
CA ASN C 229 40.96 9.36 5.61
C ASN C 229 39.62 9.69 4.95
N GLY C 230 38.82 10.60 5.52
CA GLY C 230 37.60 11.02 4.88
C GLY C 230 36.34 10.36 5.37
N VAL C 231 36.44 9.31 6.19
CA VAL C 231 35.24 8.68 6.73
C VAL C 231 34.59 9.61 7.75
N ASN C 232 33.26 9.67 7.73
CA ASN C 232 32.49 10.48 8.67
C ASN C 232 31.50 9.59 9.42
N GLU C 233 31.41 9.78 10.73
CA GLU C 233 30.53 9.02 11.61
C GLU C 233 29.62 9.96 12.38
N LYS C 234 28.43 9.47 12.73
CA LYS C 234 27.45 10.24 13.47
C LYS C 234 26.76 9.33 14.48
N GLN C 235 26.54 9.84 15.68
CA GLN C 235 25.80 9.08 16.68
C GLN C 235 24.92 10.00 17.53
N ASP C 236 23.77 9.44 17.91
CA ASP C 236 22.76 10.09 18.70
C ASP C 236 22.68 9.45 20.08
N ALA C 237 22.35 10.24 21.07
CA ALA C 237 22.12 9.70 22.38
C ALA C 237 21.20 10.63 23.12
N MET C 238 20.55 10.10 24.16
CA MET C 238 19.68 10.93 24.96
C MET C 238 19.68 10.41 26.38
N SER C 239 19.29 11.29 27.30
CA SER C 239 19.15 10.90 28.68
C SER C 239 18.04 11.70 29.34
N ALA C 240 17.29 11.02 30.20
CA ALA C 240 16.23 11.69 30.94
C ALA C 240 15.94 10.93 32.24
N GLY C 241 15.44 11.66 33.20
CA GLY C 241 15.15 11.11 34.52
C GLY C 241 13.97 11.81 35.14
N LEU C 242 13.27 11.09 36.02
CA LEU C 242 12.09 11.61 36.68
C LEU C 242 12.24 11.36 38.17
N MET C 243 11.98 12.39 38.98
CA MET C 243 12.17 12.27 40.42
C MET C 243 11.03 12.91 41.17
N TYR C 244 10.49 12.20 42.14
CA TYR C 244 9.49 12.74 43.05
C TYR C 244 10.06 12.71 44.46
N THR C 245 10.24 13.88 45.07
CA THR C 245 10.79 14.01 46.42
C THR C 245 9.68 14.37 47.39
N THR C 246 9.50 13.53 48.40
CA THR C 246 8.51 13.74 49.47
C THR C 246 9.18 13.52 50.83
N GLY C 247 9.32 14.59 51.62
CA GLY C 247 9.93 14.45 52.93
C GLY C 247 11.39 14.03 52.82
N ASP C 248 11.73 12.92 53.47
CA ASP C 248 13.10 12.38 53.47
C ASP C 248 13.32 11.33 52.39
N TRP C 249 12.48 11.29 51.36
CA TRP C 249 12.54 10.24 50.35
C TRP C 249 12.63 10.84 48.97
N GLN C 250 13.41 10.22 48.10
CA GLN C 250 13.44 10.59 46.70
C GLN C 250 13.31 9.35 45.84
N TYR C 251 12.28 9.35 44.98
CA TYR C 251 12.07 8.31 43.99
C TYR C 251 12.59 8.84 42.65
N LYS C 252 13.39 8.05 41.95
CA LYS C 252 13.98 8.50 40.69
C LYS C 252 13.93 7.38 39.66
N LEU C 253 13.49 7.73 38.45
CA LEU C 253 13.51 6.81 37.33
C LEU C 253 14.41 7.46 36.30
N GLY C 254 15.35 6.68 35.79
CA GLY C 254 16.31 7.20 34.84
C GLY C 254 16.38 6.35 33.58
N TYR C 255 16.57 7.02 32.46
CA TYR C 255 16.72 6.32 31.19
C TYR C 255 17.67 7.09 30.30
N ALA C 256 18.56 6.37 29.63
CA ALA C 256 19.44 6.96 28.63
C ALA C 256 19.65 5.97 27.50
N ALA C 257 20.03 6.49 26.33
CA ALA C 257 20.25 5.63 25.18
C ALA C 257 21.25 6.25 24.21
N ASN C 258 22.15 5.40 23.72
CA ASN C 258 22.97 5.67 22.55
C ASN C 258 22.30 4.97 21.38
N PHE C 259 22.17 5.68 20.28
CA PHE C 259 21.52 5.07 19.12
C PHE C 259 22.56 4.56 18.13
N ASP C 260 22.07 3.77 17.18
CA ASP C 260 22.93 3.16 16.17
C ASP C 260 23.80 4.23 15.52
N LEU C 261 25.07 3.90 15.36
CA LEU C 261 26.05 4.77 14.74
C LEU C 261 25.90 4.73 13.23
N GLU C 262 26.08 5.88 12.59
CA GLU C 262 26.02 5.97 11.13
C GLU C 262 27.43 6.25 10.64
N ARG C 263 27.96 5.36 9.80
CA ARG C 263 29.30 5.53 9.25
C ARG C 263 29.20 5.75 7.75
N ASP C 264 29.66 6.91 7.28
CA ASP C 264 29.75 7.22 5.86
C ASP C 264 28.42 6.90 5.18
N GLY C 265 27.32 7.22 5.84
CA GLY C 265 26.01 6.97 5.31
C GLY C 265 25.39 5.62 5.66
N LYS C 266 26.17 4.64 6.10
CA LYS C 266 25.56 3.37 6.47
C LYS C 266 25.21 3.31 7.95
N THR C 267 23.99 2.86 8.25
CA THR C 267 23.60 2.52 9.62
C THR C 267 24.25 1.21 10.00
N LEU C 268 25.10 1.21 11.01
CA LEU C 268 25.66 -0.06 11.45
C LEU C 268 24.67 -0.67 12.44
N SER C 269 24.20 -1.85 12.11
CA SER C 269 23.12 -2.45 12.89
C SER C 269 23.67 -2.95 14.23
N ASN C 270 22.87 -2.76 15.27
CA ASN C 270 23.16 -3.23 16.61
C ASN C 270 24.42 -2.57 17.19
N THR C 271 24.51 -1.25 17.04
CA THR C 271 25.54 -0.44 17.70
C THR C 271 24.92 0.51 18.72
N SER C 272 23.75 0.18 19.24
CA SER C 272 23.02 1.04 20.16
C SER C 272 23.04 0.49 21.58
N ASP C 273 23.00 1.41 22.55
CA ASP C 273 22.94 1.10 23.98
C ASP C 273 21.70 1.76 24.58
N ASP C 274 21.15 1.13 25.63
CA ASP C 274 20.21 1.86 26.47
C ASP C 274 20.19 1.24 27.87
N VAL C 275 19.95 2.09 28.87
CA VAL C 275 19.92 1.68 30.26
C VAL C 275 18.68 2.30 30.92
N VAL C 276 17.96 1.49 31.67
CA VAL C 276 16.85 1.97 32.47
C VAL C 276 17.21 1.77 33.93
N SER C 277 16.89 2.77 34.75
CA SER C 277 17.34 2.76 36.12
C SER C 277 16.28 3.31 37.06
N ALA C 278 16.18 2.66 38.22
CA ALA C 278 15.31 3.09 39.31
C ALA C 278 16.16 3.27 40.57
N GLN C 279 15.88 4.33 41.32
CA GLN C 279 16.63 4.61 42.54
C GLN C 279 15.71 5.22 43.58
N ILE C 280 15.78 4.65 44.78
CA ILE C 280 15.09 5.19 45.94
C ILE C 280 16.17 5.68 46.91
N MET C 281 16.08 6.93 47.33
CA MET C 281 17.09 7.56 48.17
C MET C 281 16.44 8.08 49.44
N TYR C 282 17.12 7.91 50.58
CA TYR C 282 16.65 8.36 51.88
C TYR C 282 17.60 9.43 52.39
N PHE C 283 17.07 10.61 52.71
CA PHE C 283 17.88 11.71 53.23
C PHE C 283 18.13 11.49 54.71
N VAL C 284 19.17 10.69 54.98
CA VAL C 284 19.45 10.24 56.33
C VAL C 284 20.01 11.34 57.22
N ASP C 285 20.36 12.49 56.66
CA ASP C 285 20.92 13.60 57.42
C ASP C 285 21.04 14.79 56.47
N PRO C 286 21.08 16.03 57.00
CA PRO C 286 21.34 17.17 56.12
C PRO C 286 22.63 17.03 55.32
N SER C 287 23.51 16.11 55.67
CA SER C 287 24.79 16.02 55.00
C SER C 287 25.06 14.63 54.44
N ALA C 288 24.06 13.76 54.35
CA ALA C 288 24.29 12.40 53.91
C ALA C 288 23.04 11.85 53.25
N VAL C 289 23.23 10.83 52.42
CA VAL C 289 22.13 10.08 51.81
C VAL C 289 22.38 8.60 51.94
N LEU C 290 21.31 7.83 52.04
CA LEU C 290 21.36 6.40 51.83
C LEU C 290 20.58 6.13 50.55
N TYR C 291 20.97 5.08 49.80
CA TYR C 291 20.23 4.84 48.57
C TYR C 291 20.27 3.38 48.16
N ALA C 292 19.21 2.97 47.49
CA ALA C 292 19.14 1.70 46.78
C ALA C 292 18.78 2.00 45.33
N ARG C 293 19.38 1.23 44.41
CA ARG C 293 19.30 1.53 43.00
C ARG C 293 19.29 0.23 42.21
N ALA C 294 18.44 0.14 41.19
CA ALA C 294 18.51 -0.96 40.24
C ALA C 294 18.59 -0.40 38.83
N ARG C 295 19.38 -1.06 37.98
CA ARG C 295 19.58 -0.64 36.60
C ARG C 295 19.75 -1.87 35.71
N MET C 296 19.38 -1.73 34.45
CA MET C 296 19.54 -2.77 33.44
C MET C 296 20.31 -2.16 32.28
N ASN C 297 21.48 -2.69 31.94
CA ASN C 297 22.23 -2.19 30.80
C ASN C 297 22.13 -3.20 29.65
N ASP C 298 21.63 -2.75 28.49
CA ASP C 298 21.66 -3.48 27.24
C ASP C 298 22.60 -2.74 26.32
N PHE C 299 23.76 -3.32 26.04
CA PHE C 299 24.83 -2.70 25.28
C PHE C 299 24.85 -3.22 23.85
N ASN C 300 25.56 -2.47 23.01
CA ASN C 300 25.76 -2.83 21.61
C ASN C 300 26.47 -4.17 21.45
N GLU C 301 26.35 -4.72 20.23
CA GLU C 301 26.83 -6.04 19.85
C GLU C 301 28.22 -6.01 19.19
N GLY C 302 28.80 -4.83 18.96
CA GLY C 302 30.19 -4.70 18.52
C GLY C 302 30.38 -3.90 17.24
N LEU C 303 31.56 -3.30 17.09
CA LEU C 303 31.89 -2.67 15.82
C LEU C 303 33.42 -2.54 15.72
N ASP C 304 33.92 -2.61 14.48
CA ASP C 304 35.33 -2.39 14.20
C ASP C 304 35.56 -0.94 13.75
N GLY C 305 36.75 -0.43 14.06
CA GLY C 305 37.16 0.91 13.68
C GLY C 305 37.81 0.94 12.32
N LEU C 306 38.45 2.07 12.03
CA LEU C 306 39.05 2.27 10.71
C LEU C 306 40.43 1.62 10.56
N ASP C 307 40.85 0.78 11.50
CA ASP C 307 42.01 -0.08 11.32
C ASP C 307 41.61 -1.56 11.25
N ASP C 308 40.35 -1.85 10.98
CA ASP C 308 39.81 -3.20 10.84
C ASP C 308 39.97 -4.05 12.10
N ALA C 309 40.12 -3.41 13.25
CA ALA C 309 40.12 -4.08 14.53
C ALA C 309 38.96 -3.56 15.37
N ALA C 310 38.54 -4.39 16.32
CA ALA C 310 37.40 -4.04 17.16
C ALA C 310 37.64 -2.69 17.85
N ARG C 311 36.58 -1.89 17.92
CA ARG C 311 36.59 -0.62 18.62
C ARG C 311 35.99 -0.81 20.01
N TRP C 312 36.71 -0.35 21.01
CA TRP C 312 36.23 -0.58 22.36
C TRP C 312 35.02 0.30 22.67
N THR C 313 34.03 -0.29 23.37
CA THR C 313 32.90 0.45 23.96
C THR C 313 32.60 -0.10 25.36
N SER C 314 31.72 0.60 26.07
CA SER C 314 31.20 0.14 27.34
C SER C 314 30.41 -1.14 27.22
N GLY C 315 30.17 -1.60 25.99
CA GLY C 315 29.48 -2.84 25.72
C GLY C 315 30.45 -3.99 25.46
N THR C 316 31.73 -3.68 25.36
CA THR C 316 32.70 -4.75 25.13
C THR C 316 32.57 -5.87 26.17
N ASN C 317 32.37 -5.52 27.43
CA ASN C 317 32.45 -6.55 28.45
C ASN C 317 31.16 -7.33 28.60
N GLY C 318 30.05 -6.81 28.10
CA GLY C 318 28.80 -7.54 28.15
C GLY C 318 27.65 -6.77 28.76
N ASP C 319 26.44 -7.27 28.51
CA ASP C 319 25.23 -6.77 29.18
C ASP C 319 25.25 -7.14 30.66
N TYR C 320 24.71 -6.26 31.50
CA TYR C 320 24.62 -6.61 32.92
C TYR C 320 23.53 -5.80 33.60
N ASN C 321 23.07 -6.36 34.70
CA ASN C 321 22.15 -5.73 35.64
C ASN C 321 22.88 -5.51 36.96
N GLU C 322 22.48 -4.47 37.68
CA GLU C 322 23.15 -4.12 38.91
C GLU C 322 22.12 -3.76 39.98
N TYR C 323 22.28 -4.35 41.16
CA TYR C 323 21.49 -4.00 42.33
C TYR C 323 22.47 -3.55 43.39
N SER C 324 22.28 -2.33 43.90
CA SER C 324 23.26 -1.68 44.73
C SER C 324 22.58 -0.91 45.85
N VAL C 325 23.26 -0.87 46.99
CA VAL C 325 22.96 0.08 48.05
C VAL C 325 24.21 0.91 48.29
N GLY C 326 24.02 2.12 48.78
CA GLY C 326 25.18 2.97 49.01
C GLY C 326 24.85 4.11 49.95
N VAL C 327 25.91 4.81 50.37
CA VAL C 327 25.86 5.94 51.28
C VAL C 327 26.87 6.96 50.84
N GLU C 328 26.49 8.23 50.96
CA GLU C 328 27.37 9.33 50.62
C GLU C 328 27.21 10.34 51.75
N TYR C 329 28.34 10.76 52.30
CA TYR C 329 28.39 11.73 53.37
C TYR C 329 29.35 12.81 52.93
N TYR C 330 28.95 14.08 53.07
CA TYR C 330 29.75 15.22 52.66
C TYR C 330 30.19 15.99 53.89
N PHE C 331 31.48 16.35 53.96
CA PHE C 331 32.00 17.25 54.99
C PHE C 331 33.00 18.27 54.41
N GLU D 1 17.09 -67.10 -5.56
CA GLU D 1 18.22 -66.24 -5.86
C GLU D 1 18.50 -65.19 -4.79
N VAL D 2 19.78 -64.82 -4.70
CA VAL D 2 20.22 -63.65 -3.96
C VAL D 2 20.38 -62.50 -4.93
N TYR D 3 19.93 -61.33 -4.54
CA TYR D 3 20.15 -60.14 -5.35
C TYR D 3 20.54 -59.02 -4.42
N GLY D 4 21.07 -57.95 -5.00
CA GLY D 4 21.47 -56.84 -4.17
C GLY D 4 21.64 -55.58 -4.98
N ILE D 5 21.50 -54.46 -4.27
CA ILE D 5 21.87 -53.16 -4.78
C ILE D 5 22.92 -52.63 -3.83
N ILE D 6 24.15 -52.52 -4.34
CA ILE D 6 25.24 -51.92 -3.58
C ILE D 6 25.25 -50.44 -3.94
N ALA D 7 24.98 -49.60 -2.96
CA ALA D 7 24.75 -48.18 -3.24
C ALA D 7 25.33 -47.37 -2.08
N MET D 8 26.37 -46.59 -2.37
CA MET D 8 27.00 -45.73 -1.36
C MET D 8 27.02 -44.30 -1.87
N GLN D 9 26.75 -43.37 -0.96
CA GLN D 9 26.74 -41.96 -1.28
C GLN D 9 27.58 -41.21 -0.27
N ALA D 10 28.54 -40.45 -0.76
CA ALA D 10 29.26 -39.47 0.04
C ALA D 10 28.59 -38.14 -0.25
N ALA D 11 28.06 -37.49 0.79
CA ALA D 11 27.29 -36.26 0.64
C ALA D 11 27.75 -35.24 1.66
N TYR D 12 28.04 -34.02 1.20
CA TYR D 12 28.25 -32.88 2.09
C TYR D 12 26.95 -32.09 2.15
N ARG D 13 26.46 -31.83 3.37
CA ARG D 13 25.23 -31.09 3.57
C ARG D 13 25.53 -29.81 4.33
N ASP D 14 25.12 -28.66 3.74
CA ASP D 14 25.21 -27.35 4.38
C ASP D 14 23.82 -26.91 4.81
N TYR D 15 23.61 -26.83 6.11
CA TYR D 15 22.32 -26.44 6.62
C TYR D 15 22.30 -24.94 6.87
N ASP D 16 21.10 -24.39 6.87
CA ASP D 16 20.82 -22.98 7.14
C ASP D 16 19.53 -23.02 7.99
N SER D 17 19.68 -23.38 9.26
CA SER D 17 18.52 -23.61 10.11
C SER D 17 18.17 -22.43 10.99
N GLY D 18 19.03 -21.45 11.14
CA GLY D 18 18.75 -20.41 12.09
C GLY D 18 19.30 -20.67 13.48
N ASP D 19 20.00 -21.80 13.68
CA ASP D 19 20.81 -22.06 14.87
C ASP D 19 22.18 -22.56 14.38
N ALA D 20 23.25 -22.07 15.00
CA ALA D 20 24.58 -22.45 14.54
C ALA D 20 24.95 -23.87 14.97
N LYS D 21 24.63 -24.27 16.22
CA LYS D 21 24.88 -25.66 16.61
C LYS D 21 24.03 -26.62 15.79
N GLN D 22 22.76 -26.26 15.52
CA GLN D 22 21.94 -27.14 14.70
C GLN D 22 22.49 -27.24 13.28
N ASP D 23 23.02 -26.13 12.75
CA ASP D 23 23.74 -26.18 11.49
C ASP D 23 24.97 -27.07 11.59
N ASP D 24 25.61 -27.07 12.76
CA ASP D 24 26.81 -27.88 12.97
C ASP D 24 26.46 -29.35 13.10
N ASN D 25 25.37 -29.64 13.81
CA ASN D 25 25.00 -31.01 14.07
C ASN D 25 24.45 -31.69 12.82
N LEU D 26 23.35 -31.18 12.29
CA LEU D 26 22.73 -31.77 11.11
C LEU D 26 23.65 -31.73 9.88
N GLY D 27 24.38 -30.64 9.71
CA GLY D 27 25.25 -30.48 8.56
C GLY D 27 26.59 -31.17 8.73
N GLY D 28 27.35 -31.11 7.65
CA GLY D 28 28.66 -31.76 7.56
C GLY D 28 28.68 -32.78 6.45
N MET D 29 29.73 -33.60 6.46
CA MET D 29 29.89 -34.69 5.50
C MET D 29 29.56 -36.02 6.17
N GLN D 30 28.82 -36.86 5.45
CA GLN D 30 28.43 -38.15 5.95
C GLN D 30 28.43 -39.15 4.80
N LEU D 31 28.48 -40.43 5.14
CA LEU D 31 28.30 -41.50 4.15
C LEU D 31 26.91 -42.09 4.30
N ASN D 32 26.20 -42.18 3.18
CA ASN D 32 24.86 -42.75 3.08
C ASN D 32 24.97 -44.08 2.33
N ASN D 33 25.16 -45.16 3.08
CA ASN D 33 25.23 -46.52 2.52
C ASN D 33 23.83 -47.12 2.40
N GLU D 34 23.23 -47.04 1.21
CA GLU D 34 21.91 -47.60 0.95
C GLU D 34 21.97 -49.00 0.35
N SER D 35 23.03 -49.74 0.64
CA SER D 35 23.17 -51.10 0.19
C SER D 35 22.10 -52.00 0.83
N ARG D 36 21.68 -53.00 0.10
CA ARG D 36 20.68 -53.95 0.58
C ARG D 36 20.91 -55.29 -0.11
N ILE D 37 20.60 -56.36 0.60
CA ILE D 37 20.67 -57.73 0.09
C ILE D 37 19.24 -58.27 0.06
N GLY D 38 18.89 -59.04 -0.98
CA GLY D 38 17.56 -59.60 -1.04
C GLY D 38 17.58 -61.06 -1.45
N PHE D 39 16.47 -61.74 -1.13
CA PHE D 39 16.26 -63.11 -1.57
C PHE D 39 14.90 -63.17 -2.25
N ARG D 40 14.81 -63.91 -3.34
CA ARG D 40 13.53 -64.07 -3.99
C ARG D 40 13.53 -65.38 -4.77
N GLY D 41 12.35 -65.91 -5.01
CA GLY D 41 12.19 -67.15 -5.74
C GLY D 41 10.80 -67.23 -6.32
N LYS D 42 10.62 -68.19 -7.22
CA LYS D 42 9.33 -68.54 -7.77
C LYS D 42 9.11 -70.04 -7.60
N LYS D 43 7.84 -70.46 -7.58
CA LYS D 43 7.56 -71.89 -7.49
C LYS D 43 6.25 -72.24 -8.15
N GLN D 44 6.27 -73.27 -8.98
CA GLN D 44 5.07 -73.82 -9.59
C GLN D 44 4.59 -74.95 -8.69
N PHE D 45 3.49 -74.69 -7.97
CA PHE D 45 2.91 -75.72 -7.13
C PHE D 45 2.24 -76.77 -8.00
N ALA D 46 2.32 -78.02 -7.56
CA ALA D 46 1.78 -79.10 -8.39
C ALA D 46 0.28 -78.99 -8.55
N ASN D 47 -0.41 -78.46 -7.54
CA ASN D 47 -1.87 -78.41 -7.53
C ASN D 47 -2.39 -76.97 -7.51
N PHE D 48 -1.70 -76.06 -8.20
CA PHE D 48 -2.21 -74.69 -8.27
C PHE D 48 -1.63 -74.02 -9.49
N GLU D 49 -2.51 -73.57 -10.37
CA GLU D 49 -2.12 -73.01 -11.66
C GLU D 49 -1.28 -71.73 -11.57
N PRO D 50 -1.67 -70.68 -10.84
CA PRO D 50 -0.83 -69.49 -10.77
C PRO D 50 0.50 -69.81 -10.11
N THR D 51 1.55 -69.19 -10.57
CA THR D 51 2.85 -69.45 -9.98
C THR D 51 3.02 -68.72 -8.65
N PHE D 52 3.56 -69.43 -7.66
CA PHE D 52 3.86 -68.82 -6.36
C PHE D 52 5.15 -68.01 -6.45
N ILE D 53 5.12 -66.79 -5.90
CA ILE D 53 6.29 -65.92 -5.87
C ILE D 53 6.48 -65.42 -4.44
N TRP D 54 7.72 -65.05 -4.11
CA TRP D 54 8.00 -64.53 -2.78
C TRP D 54 9.28 -63.71 -2.80
N GLN D 55 9.37 -62.76 -1.88
CA GLN D 55 10.57 -61.92 -1.81
C GLN D 55 10.80 -61.48 -0.39
N ILE D 56 12.07 -61.42 0.01
CA ILE D 56 12.51 -60.86 1.28
C ILE D 56 13.66 -59.93 0.94
N GLU D 57 13.44 -58.61 1.02
CA GLU D 57 14.50 -57.64 0.73
C GLU D 57 14.91 -56.95 2.03
N GLY D 58 16.21 -56.72 2.20
CA GLY D 58 16.69 -56.13 3.43
C GLY D 58 16.71 -54.61 3.40
N GLY D 59 16.89 -54.00 4.59
CA GLY D 59 16.94 -52.57 4.69
C GLY D 59 18.28 -52.01 4.28
N TYR D 60 18.36 -50.69 4.28
CA TYR D 60 19.61 -49.98 4.07
C TYR D 60 20.61 -50.34 5.18
N VAL D 61 21.83 -50.72 4.79
CA VAL D 61 22.76 -51.33 5.77
C VAL D 61 23.44 -50.31 6.67
N ASP D 62 23.63 -49.06 6.22
CA ASP D 62 24.12 -48.00 7.13
C ASP D 62 23.82 -46.65 6.47
N PRO D 63 22.56 -46.22 6.48
CA PRO D 63 22.21 -44.96 5.86
C PRO D 63 22.76 -43.79 6.66
N SER D 64 22.75 -42.64 6.02
CA SER D 64 23.12 -41.42 6.71
C SER D 64 22.06 -41.04 7.75
N PHE D 65 22.49 -40.32 8.77
CA PHE D 65 21.67 -39.92 9.92
C PHE D 65 21.13 -41.11 10.68
N GLY D 66 21.68 -42.30 10.46
CA GLY D 66 21.23 -43.47 11.17
C GLY D 66 22.40 -44.38 11.50
N GLY D 67 22.14 -45.30 12.42
CA GLY D 67 23.14 -46.26 12.81
C GLY D 67 23.20 -47.39 11.82
N GLU D 68 24.21 -48.23 12.01
CA GLU D 68 24.47 -49.36 11.13
C GLU D 68 23.55 -50.54 11.46
N GLY D 69 23.36 -51.40 10.47
CA GLY D 69 22.63 -52.64 10.64
C GLY D 69 21.20 -52.54 10.12
N ALA D 70 20.80 -53.55 9.33
CA ALA D 70 19.45 -53.64 8.80
C ALA D 70 18.99 -55.08 8.92
N GLY D 71 17.65 -55.27 9.06
CA GLY D 71 17.08 -56.59 9.13
C GLY D 71 16.64 -57.10 7.76
N LEU D 72 16.41 -58.41 7.68
CA LEU D 72 15.82 -58.99 6.47
C LEU D 72 14.33 -58.73 6.57
N GLY D 73 13.76 -58.10 5.55
CA GLY D 73 12.33 -57.81 5.55
C GLY D 73 11.92 -56.36 5.73
N GLU D 74 12.88 -55.43 5.88
CA GLU D 74 12.55 -54.02 6.07
C GLU D 74 12.05 -53.31 4.80
N ARG D 75 12.36 -53.86 3.62
CA ARG D 75 11.92 -53.36 2.31
C ARG D 75 10.89 -54.31 1.68
N ASP D 76 10.71 -54.21 0.37
CA ASP D 76 9.66 -54.97 -0.30
C ASP D 76 9.77 -56.44 0.06
N THR D 77 8.81 -56.95 0.83
CA THR D 77 8.83 -58.34 1.28
C THR D 77 7.43 -58.91 1.25
N PHE D 78 7.20 -59.96 0.45
CA PHE D 78 5.84 -60.39 0.15
C PHE D 78 5.79 -61.86 -0.31
N VAL D 79 4.58 -62.42 -0.30
CA VAL D 79 4.24 -63.63 -1.06
C VAL D 79 3.21 -63.25 -2.11
N GLY D 80 2.98 -64.14 -3.07
CA GLY D 80 2.01 -63.81 -4.10
C GLY D 80 1.87 -64.87 -5.16
N PHE D 81 0.89 -64.66 -6.02
CA PHE D 81 0.66 -65.55 -7.14
C PHE D 81 0.66 -64.73 -8.42
N GLU D 82 1.15 -65.31 -9.49
CA GLU D 82 1.16 -64.60 -10.76
C GLU D 82 0.78 -65.52 -11.90
N SER D 83 0.05 -64.95 -12.86
CA SER D 83 -0.44 -65.65 -14.05
C SER D 83 -0.29 -64.75 -15.25
N ALA D 84 0.01 -65.35 -16.41
CA ALA D 84 0.16 -64.52 -17.60
C ALA D 84 -1.14 -63.81 -17.95
N SER D 85 -2.29 -64.43 -17.68
CA SER D 85 -3.57 -63.82 -18.02
C SER D 85 -3.89 -62.62 -17.12
N TRP D 86 -3.84 -62.79 -15.80
CA TRP D 86 -4.39 -61.77 -14.93
C TRP D 86 -3.36 -61.01 -14.10
N GLY D 87 -2.07 -61.15 -14.41
CA GLY D 87 -1.09 -60.33 -13.73
C GLY D 87 -0.55 -60.93 -12.47
N GLN D 88 -0.44 -60.14 -11.42
CA GLN D 88 0.14 -60.71 -10.22
C GLN D 88 -0.50 -60.07 -8.99
N VAL D 89 -0.72 -60.88 -7.97
CA VAL D 89 -1.22 -60.45 -6.67
C VAL D 89 -0.12 -60.61 -5.65
N ARG D 90 0.01 -59.66 -4.72
CA ARG D 90 1.06 -59.72 -3.72
C ARG D 90 0.49 -59.41 -2.34
N LEU D 91 0.85 -60.21 -1.35
CA LEU D 91 0.50 -59.94 0.04
C LEU D 91 1.78 -59.76 0.84
N GLY D 92 1.82 -58.72 1.67
CA GLY D 92 2.95 -58.49 2.53
C GLY D 92 3.35 -57.03 2.60
N ARG D 93 4.64 -56.77 2.44
CA ARG D 93 5.17 -55.41 2.43
C ARG D 93 5.46 -55.03 1.00
N VAL D 94 4.75 -54.01 0.51
CA VAL D 94 4.93 -53.55 -0.85
C VAL D 94 4.69 -52.05 -0.93
N LEU D 95 5.06 -51.43 -2.06
CA LEU D 95 4.74 -50.04 -2.30
C LEU D 95 3.26 -49.90 -2.66
N THR D 96 2.62 -48.77 -2.22
CA THR D 96 1.24 -48.53 -2.64
C THR D 96 1.24 -48.06 -4.09
N PRO D 97 0.16 -48.32 -4.84
CA PRO D 97 0.12 -47.91 -6.27
C PRO D 97 0.43 -46.46 -6.47
N MET D 98 0.00 -45.64 -5.53
CA MET D 98 0.23 -44.20 -5.60
C MET D 98 1.67 -43.91 -5.28
N TYR D 99 2.19 -44.48 -4.18
CA TYR D 99 3.54 -44.14 -3.75
C TYR D 99 4.58 -44.43 -4.83
N GLU D 100 4.41 -45.55 -5.54
CA GLU D 100 5.42 -45.95 -6.52
C GLU D 100 5.68 -44.84 -7.51
N LEU D 101 4.64 -44.09 -7.88
CA LEU D 101 4.77 -43.03 -8.86
C LEU D 101 5.36 -41.77 -8.24
N VAL D 102 5.06 -41.52 -6.97
CA VAL D 102 5.68 -40.39 -6.27
C VAL D 102 7.19 -40.61 -6.15
N ASP D 103 7.58 -41.85 -5.87
CA ASP D 103 9.01 -42.15 -5.78
C ASP D 103 9.67 -42.11 -7.15
N TRP D 104 9.15 -42.89 -8.11
CA TRP D 104 9.73 -42.97 -9.44
C TRP D 104 8.67 -42.66 -10.48
N PRO D 105 8.91 -41.68 -11.37
CA PRO D 105 10.19 -40.97 -11.55
C PRO D 105 10.35 -39.70 -10.72
N ALA D 106 9.31 -39.40 -9.94
CA ALA D 106 9.10 -38.06 -9.43
C ALA D 106 9.97 -37.69 -8.23
N SER D 107 10.68 -38.61 -7.60
CA SER D 107 11.55 -38.25 -6.48
C SER D 107 13.05 -38.19 -6.84
N ASN D 108 13.41 -38.50 -8.08
CA ASN D 108 14.79 -38.49 -8.49
C ASN D 108 15.08 -37.28 -9.36
N PRO D 109 16.19 -36.56 -9.12
CA PRO D 109 17.29 -36.89 -8.22
C PRO D 109 17.32 -36.02 -6.98
N GLY D 110 17.01 -36.57 -5.83
CA GLY D 110 17.08 -35.79 -4.62
C GLY D 110 15.89 -34.89 -4.37
N LEU D 111 14.75 -35.17 -4.98
CA LEU D 111 13.54 -34.40 -4.74
C LEU D 111 12.70 -34.96 -3.61
N GLY D 112 13.23 -35.94 -2.88
CA GLY D 112 12.39 -36.66 -1.94
C GLY D 112 11.93 -35.85 -0.75
N ASP D 113 12.79 -35.00 -0.19
CA ASP D 113 12.39 -34.20 0.97
C ASP D 113 11.16 -33.34 0.68
N VAL D 114 10.97 -32.92 -0.55
CA VAL D 114 9.83 -32.09 -0.85
C VAL D 114 8.69 -32.94 -1.37
N TYR D 115 8.91 -33.68 -2.45
CA TYR D 115 7.82 -34.36 -3.15
C TYR D 115 7.50 -35.74 -2.62
N ASP D 116 8.45 -36.38 -1.93
CA ASP D 116 8.24 -37.73 -1.42
C ASP D 116 7.49 -37.65 -0.11
N TRP D 117 8.20 -37.38 0.97
CA TRP D 117 7.59 -37.29 2.28
C TRP D 117 7.36 -35.85 2.76
N GLY D 118 7.69 -34.85 1.93
CA GLY D 118 7.45 -33.47 2.29
C GLY D 118 6.01 -33.04 2.16
N GLY D 119 5.71 -31.86 2.70
CA GLY D 119 4.37 -31.34 2.71
C GLY D 119 3.94 -30.93 4.10
N ALA D 120 2.84 -30.17 4.13
CA ALA D 120 2.32 -29.62 5.38
C ALA D 120 0.97 -30.18 5.77
N ILE D 121 0.33 -30.97 4.91
CA ILE D 121 -1.01 -31.46 5.19
C ILE D 121 -1.04 -32.32 6.45
N GLY D 122 -2.22 -32.36 7.11
CA GLY D 122 -2.42 -33.21 8.27
C GLY D 122 -2.82 -34.64 7.88
N GLY D 123 -2.86 -35.51 8.89
CA GLY D 123 -3.19 -36.92 8.66
C GLY D 123 -2.05 -37.71 8.05
N ALA D 124 -2.35 -38.42 6.96
CA ALA D 124 -1.39 -39.25 6.23
C ALA D 124 -1.63 -39.04 4.74
N LYS D 125 -0.82 -38.20 4.08
CA LYS D 125 -1.04 -37.95 2.66
C LYS D 125 -1.16 -39.26 1.89
N TYR D 126 -0.18 -40.14 2.07
CA TYR D 126 -0.24 -41.47 1.50
C TYR D 126 0.66 -42.39 2.32
N GLN D 127 0.56 -43.67 2.04
CA GLN D 127 1.51 -44.67 2.54
C GLN D 127 2.61 -44.83 1.51
N ASP D 128 3.71 -45.44 1.92
CA ASP D 128 4.77 -45.64 0.94
C ASP D 128 5.01 -47.13 0.74
N ARG D 129 5.91 -47.70 1.52
CA ARG D 129 5.99 -49.15 1.69
C ARG D 129 5.28 -49.46 3.00
N GLN D 130 4.19 -50.23 2.94
CA GLN D 130 3.42 -50.51 4.14
C GLN D 130 3.18 -52.01 4.21
N SER D 131 3.32 -52.55 5.41
CA SER D 131 3.00 -53.95 5.63
C SER D 131 1.49 -54.14 5.60
N ASN D 132 1.06 -55.39 5.70
CA ASN D 132 -0.35 -55.75 5.73
C ASN D 132 -1.07 -55.12 4.55
N THR D 133 -0.57 -55.42 3.36
CA THR D 133 -1.10 -54.85 2.14
C THR D 133 -1.36 -55.96 1.16
N ILE D 134 -2.47 -55.88 0.45
CA ILE D 134 -2.68 -56.75 -0.70
C ILE D 134 -2.72 -55.83 -1.90
N ARG D 135 -1.85 -56.10 -2.85
CA ARG D 135 -1.67 -55.26 -4.01
C ARG D 135 -1.76 -56.12 -5.26
N TRP D 136 -2.61 -55.73 -6.19
CA TRP D 136 -2.75 -56.39 -7.48
C TRP D 136 -2.11 -55.54 -8.59
N ASP D 137 -1.29 -56.19 -9.42
CA ASP D 137 -0.69 -55.62 -10.62
C ASP D 137 -1.20 -56.34 -11.86
N SER D 138 -1.91 -55.61 -12.73
CA SER D 138 -2.50 -56.13 -13.95
C SER D 138 -1.44 -56.23 -15.05
N PRO D 139 -1.66 -57.09 -16.05
CA PRO D 139 -0.74 -57.13 -17.19
C PRO D 139 -0.84 -55.83 -17.98
N MET D 140 0.14 -55.64 -18.87
CA MET D 140 0.18 -54.51 -19.78
C MET D 140 -0.71 -54.85 -20.97
N TYR D 141 -2.02 -54.74 -20.76
CA TYR D 141 -3.02 -55.06 -21.77
C TYR D 141 -2.76 -54.33 -23.08
N ALA D 142 -2.71 -55.08 -24.18
CA ALA D 142 -2.46 -54.53 -25.52
C ALA D 142 -1.13 -53.75 -25.60
N ASP D 143 -0.19 -54.05 -24.71
CA ASP D 143 1.08 -53.31 -24.54
C ASP D 143 0.86 -51.80 -24.49
N LYS D 144 -0.25 -51.39 -23.88
CA LYS D 144 -0.67 -49.99 -23.83
C LYS D 144 -1.14 -49.58 -22.44
N PHE D 145 -1.84 -50.45 -21.73
CA PHE D 145 -2.55 -50.04 -20.53
C PHE D 145 -2.32 -51.01 -19.37
N SER D 146 -1.97 -50.48 -18.19
CA SER D 146 -1.78 -51.33 -17.03
C SER D 146 -2.39 -50.66 -15.80
N ILE D 147 -2.78 -51.50 -14.83
CA ILE D 147 -3.38 -51.07 -13.58
C ILE D 147 -2.57 -51.61 -12.41
N ASP D 148 -2.45 -50.79 -11.37
CA ASP D 148 -1.90 -51.16 -10.08
C ASP D 148 -3.00 -50.85 -9.06
N ALA D 149 -3.32 -51.82 -8.18
CA ALA D 149 -4.43 -51.64 -7.23
C ALA D 149 -4.09 -52.27 -5.88
N ALA D 150 -4.30 -51.55 -4.79
CA ALA D 150 -3.97 -52.12 -3.49
C ALA D 150 -4.86 -51.58 -2.39
N VAL D 151 -5.13 -52.43 -1.44
CA VAL D 151 -5.78 -52.06 -0.18
C VAL D 151 -4.89 -52.60 0.94
N GLY D 152 -4.90 -51.94 2.09
CA GLY D 152 -4.07 -52.42 3.19
C GLY D 152 -4.51 -51.86 4.51
N ALA D 153 -3.95 -52.43 5.57
CA ALA D 153 -4.12 -51.90 6.91
C ALA D 153 -3.13 -50.76 7.14
N GLY D 154 -3.41 -49.92 8.14
CA GLY D 154 -2.64 -48.71 8.35
C GLY D 154 -1.48 -48.88 9.31
N ASP D 155 -0.73 -47.80 9.46
CA ASP D 155 0.50 -47.87 10.24
C ASP D 155 0.21 -48.20 11.73
N LYS D 156 -0.84 -47.62 12.33
CA LYS D 156 -1.18 -47.96 13.72
C LYS D 156 -1.81 -49.36 13.83
N ALA D 157 -2.60 -49.73 12.81
CA ALA D 157 -3.35 -50.99 12.79
C ALA D 157 -2.45 -52.22 12.81
N GLY D 158 -1.27 -52.12 12.22
CA GLY D 158 -0.36 -53.23 12.17
C GLY D 158 0.34 -53.50 13.47
N LEU D 159 0.06 -52.70 14.51
CA LEU D 159 0.59 -53.00 15.84
C LEU D 159 -0.50 -53.39 16.82
N GLY D 160 -1.74 -53.55 16.36
CA GLY D 160 -2.83 -53.80 17.27
C GLY D 160 -3.14 -52.57 18.09
N ALA D 161 -2.86 -51.38 17.54
CA ALA D 161 -3.00 -50.11 18.23
C ALA D 161 -3.87 -49.12 17.46
N GLY D 162 -4.72 -49.61 16.56
CA GLY D 162 -5.54 -48.70 15.78
C GLY D 162 -6.43 -49.48 14.83
N ASP D 163 -7.20 -48.70 14.04
CA ASP D 163 -8.04 -49.25 12.98
C ASP D 163 -7.89 -48.45 11.70
N ASP D 164 -6.72 -47.83 11.49
CA ASP D 164 -6.48 -47.12 10.22
C ASP D 164 -6.32 -48.10 9.06
N TYR D 165 -6.82 -47.72 7.90
CA TYR D 165 -6.70 -48.51 6.69
C TYR D 165 -6.70 -47.56 5.51
N TRP D 166 -6.48 -48.10 4.31
CA TRP D 166 -6.26 -47.27 3.15
C TRP D 166 -6.42 -48.15 1.94
N GLY D 167 -6.79 -47.54 0.84
CA GLY D 167 -6.83 -48.23 -0.43
C GLY D 167 -6.33 -47.28 -1.49
N GLY D 168 -5.88 -47.85 -2.61
CA GLY D 168 -5.27 -47.03 -3.62
C GLY D 168 -5.31 -47.72 -4.96
N ILE D 169 -5.22 -46.91 -6.02
CA ILE D 169 -5.29 -47.44 -7.37
C ILE D 169 -4.52 -46.49 -8.28
N ALA D 170 -3.87 -47.06 -9.28
CA ALA D 170 -3.09 -46.28 -10.24
C ALA D 170 -3.15 -46.98 -11.59
N ALA D 171 -3.06 -46.18 -12.65
CA ALA D 171 -3.12 -46.70 -14.00
C ALA D 171 -2.12 -45.94 -14.86
N HIS D 172 -1.63 -46.63 -15.89
CA HIS D 172 -0.69 -46.07 -16.84
C HIS D 172 -1.14 -46.40 -18.25
N TYR D 173 -1.02 -45.42 -19.15
CA TYR D 173 -1.38 -45.59 -20.55
C TYR D 173 -0.19 -45.12 -21.37
N LYS D 174 0.30 -45.98 -22.28
CA LYS D 174 1.42 -45.66 -23.16
C LYS D 174 0.87 -45.11 -24.47
N LEU D 175 1.37 -43.95 -24.86
CA LEU D 175 0.96 -43.23 -26.07
C LEU D 175 2.22 -42.87 -26.86
N GLY D 176 2.66 -43.75 -27.75
CA GLY D 176 3.88 -43.51 -28.48
C GLY D 176 5.06 -43.36 -27.54
N PRO D 177 5.67 -42.17 -27.51
CA PRO D 177 6.76 -41.90 -26.58
C PRO D 177 6.32 -41.35 -25.22
N LEU D 178 5.04 -41.22 -24.95
CA LEU D 178 4.59 -40.69 -23.68
C LEU D 178 3.86 -41.75 -22.87
N GLN D 179 3.91 -41.61 -21.55
CA GLN D 179 3.09 -42.46 -20.70
C GLN D 179 2.29 -41.56 -19.75
N LEU D 180 0.97 -41.68 -19.83
CA LEU D 180 0.09 -40.90 -18.99
C LEU D 180 -0.17 -41.69 -17.72
N ASP D 181 0.02 -41.04 -16.57
CA ASP D 181 -0.10 -41.66 -15.24
C ASP D 181 -1.21 -40.99 -14.43
N ALA D 182 -2.00 -41.81 -13.75
CA ALA D 182 -2.96 -41.31 -12.79
C ALA D 182 -3.01 -42.25 -11.61
N ALA D 183 -2.98 -41.70 -10.40
CA ALA D 183 -3.01 -42.50 -9.19
C ALA D 183 -3.86 -41.80 -8.15
N TYR D 184 -4.39 -42.60 -7.22
CA TYR D 184 -5.24 -42.11 -6.14
C TYR D 184 -4.98 -42.95 -4.91
N GLU D 185 -5.04 -42.32 -3.73
CA GLU D 185 -4.96 -43.06 -2.49
C GLU D 185 -5.81 -42.38 -1.43
N GLY D 186 -6.59 -43.18 -0.71
CA GLY D 186 -7.38 -42.69 0.41
C GLY D 186 -7.05 -43.38 1.72
N ASN D 187 -6.73 -42.60 2.75
CA ASN D 187 -6.40 -43.15 4.04
C ASN D 187 -7.53 -42.83 4.98
N ARG D 188 -7.93 -43.80 5.78
CA ARG D 188 -9.06 -43.60 6.66
C ARG D 188 -8.66 -43.91 8.08
N ASN D 189 -9.36 -43.29 9.03
CA ASN D 189 -9.17 -43.54 10.46
C ASN D 189 -7.75 -43.21 10.95
N ILE D 190 -7.15 -42.16 10.39
CA ILE D 190 -5.81 -41.74 10.83
C ILE D 190 -5.95 -40.95 12.12
N GLU D 191 -5.41 -41.48 13.21
CA GLU D 191 -5.40 -40.75 14.47
C GLU D 191 -4.09 -39.95 14.56
N ALA D 192 -4.22 -38.62 14.62
CA ALA D 192 -3.08 -37.74 14.78
C ALA D 192 -3.58 -36.41 15.32
N GLU D 193 -2.72 -35.73 16.08
CA GLU D 193 -3.02 -34.39 16.64
C GLU D 193 -4.32 -34.35 17.43
N GLY D 194 -4.69 -35.47 18.06
CA GLY D 194 -5.93 -35.48 18.84
C GLY D 194 -7.21 -35.52 18.03
N GLN D 195 -7.13 -35.73 16.72
CA GLN D 195 -8.30 -35.89 15.87
C GLN D 195 -8.21 -37.19 15.10
N THR D 196 -9.24 -37.47 14.30
CA THR D 196 -9.26 -38.60 13.39
C THR D 196 -9.43 -38.07 11.98
N TRP D 197 -8.47 -38.37 11.11
CA TRP D 197 -8.41 -37.77 9.78
C TRP D 197 -8.87 -38.72 8.68
N GLU D 198 -9.18 -38.10 7.54
CA GLU D 198 -9.35 -38.79 6.26
C GLU D 198 -8.58 -38.01 5.22
N ASN D 199 -7.66 -38.67 4.54
CA ASN D 199 -6.91 -38.04 3.47
C ASN D 199 -7.33 -38.65 2.15
N ASN D 200 -7.28 -37.82 1.12
CA ASN D 200 -7.54 -38.28 -0.24
C ASN D 200 -6.53 -37.56 -1.09
N THR D 201 -5.69 -38.33 -1.76
CA THR D 201 -4.61 -37.79 -2.57
C THR D 201 -4.85 -38.25 -4.01
N TYR D 202 -4.62 -37.34 -4.94
CA TYR D 202 -4.78 -37.62 -6.36
C TYR D 202 -3.51 -37.19 -7.06
N LEU D 203 -3.17 -37.92 -8.12
CA LEU D 203 -1.93 -37.66 -8.85
C LEU D 203 -2.19 -37.84 -10.34
N VAL D 204 -1.66 -36.93 -11.15
CA VAL D 204 -1.59 -37.12 -12.60
C VAL D 204 -0.18 -36.80 -13.03
N GLY D 205 0.25 -37.43 -14.10
CA GLY D 205 1.60 -37.22 -14.53
C GLY D 205 1.80 -37.72 -15.95
N VAL D 206 2.88 -37.26 -16.54
CA VAL D 206 3.28 -37.71 -17.86
C VAL D 206 4.77 -38.04 -17.79
N GLN D 207 5.15 -39.06 -18.54
CA GLN D 207 6.54 -39.45 -18.72
C GLN D 207 6.82 -39.52 -20.20
N GLY D 208 8.03 -39.10 -20.59
CA GLY D 208 8.40 -39.20 -21.99
C GLY D 208 9.81 -39.69 -22.22
N TRP D 209 9.99 -40.54 -23.22
CA TRP D 209 11.31 -40.96 -23.70
C TRP D 209 11.30 -40.80 -25.21
N PHE D 210 12.30 -40.08 -25.74
CA PHE D 210 12.40 -39.77 -27.17
C PHE D 210 13.70 -40.30 -27.74
N GLU D 211 13.64 -40.67 -29.03
CA GLU D 211 14.75 -41.33 -29.70
C GLU D 211 15.99 -40.46 -29.77
N ASN D 212 15.84 -39.15 -29.61
CA ASN D 212 17.00 -38.25 -29.62
C ASN D 212 17.81 -38.31 -28.34
N GLY D 213 17.31 -38.96 -27.29
CA GLY D 213 18.00 -39.02 -26.02
C GLY D 213 17.37 -38.18 -24.93
N ILE D 214 16.30 -37.45 -25.23
CA ILE D 214 15.60 -36.63 -24.26
C ILE D 214 14.52 -37.46 -23.57
N SER D 215 14.49 -37.38 -22.24
CA SER D 215 13.39 -37.88 -21.42
C SER D 215 13.01 -36.83 -20.40
N PHE D 216 11.73 -36.86 -20.02
CA PHE D 216 11.21 -35.94 -19.04
C PHE D 216 10.09 -36.63 -18.26
N PHE D 217 9.80 -36.10 -17.08
CA PHE D 217 8.65 -36.50 -16.30
C PHE D 217 8.05 -35.26 -15.64
N ALA D 218 6.73 -35.27 -15.49
CA ALA D 218 6.11 -34.18 -14.75
C ALA D 218 4.80 -34.67 -14.17
N GLN D 219 4.58 -34.33 -12.90
CA GLN D 219 3.41 -34.81 -12.18
C GLN D 219 2.76 -33.67 -11.42
N TYR D 220 1.45 -33.76 -11.25
CA TYR D 220 0.71 -32.82 -10.41
C TYR D 220 0.07 -33.63 -9.30
N LYS D 221 0.33 -33.23 -8.05
CA LYS D 221 -0.15 -33.95 -6.87
C LYS D 221 -1.09 -33.04 -6.10
N TYR D 222 -2.27 -33.59 -5.76
CA TYR D 222 -3.34 -32.88 -5.07
C TYR D 222 -3.73 -33.66 -3.83
N MET D 223 -3.53 -33.07 -2.66
CA MET D 223 -3.78 -33.73 -1.39
C MET D 223 -4.91 -33.03 -0.63
N GLU D 224 -5.92 -33.80 -0.24
CA GLU D 224 -7.05 -33.33 0.54
C GLU D 224 -7.03 -34.04 1.89
N ALA D 225 -7.57 -33.37 2.90
CA ALA D 225 -7.57 -33.95 4.23
C ALA D 225 -8.69 -33.32 5.05
N ASP D 226 -9.40 -34.16 5.81
CA ASP D 226 -10.50 -33.72 6.64
C ASP D 226 -10.33 -34.32 8.04
N ALA D 227 -10.40 -33.47 9.06
CA ALA D 227 -10.29 -33.93 10.43
C ALA D 227 -11.66 -34.08 11.08
N SER D 228 -11.70 -34.83 12.18
CA SER D 228 -12.97 -35.14 12.85
C SER D 228 -13.61 -33.93 13.52
N ASN D 229 -12.84 -32.90 13.87
CA ASN D 229 -13.39 -31.66 14.45
C ASN D 229 -13.94 -30.72 13.39
N GLY D 230 -13.99 -31.13 12.12
CA GLY D 230 -14.56 -30.33 11.05
C GLY D 230 -13.55 -29.58 10.21
N VAL D 231 -12.29 -29.53 10.63
CA VAL D 231 -11.27 -28.82 9.86
C VAL D 231 -11.05 -29.53 8.52
N ASN D 232 -10.85 -28.75 7.48
CA ASN D 232 -10.53 -29.28 6.16
C ASN D 232 -9.20 -28.68 5.70
N GLU D 233 -8.33 -29.51 5.14
CA GLU D 233 -7.04 -29.07 4.63
C GLU D 233 -6.88 -29.48 3.18
N LYS D 234 -6.14 -28.67 2.42
CA LYS D 234 -5.86 -28.93 1.00
C LYS D 234 -4.43 -28.45 0.75
N GLN D 235 -3.68 -29.21 -0.05
CA GLN D 235 -2.35 -28.81 -0.50
C GLN D 235 -2.12 -29.36 -1.89
N ASP D 236 -1.46 -28.57 -2.73
CA ASP D 236 -1.13 -29.00 -4.08
C ASP D 236 0.39 -29.19 -4.11
N ALA D 237 0.85 -30.07 -5.00
CA ALA D 237 2.28 -30.28 -5.13
C ALA D 237 2.59 -30.62 -6.57
N MET D 238 3.87 -30.45 -6.93
CA MET D 238 4.27 -30.75 -8.30
C MET D 238 5.71 -31.21 -8.31
N SER D 239 6.06 -31.95 -9.37
CA SER D 239 7.41 -32.44 -9.61
C SER D 239 7.66 -32.56 -11.12
N ALA D 240 8.90 -32.25 -11.53
CA ALA D 240 9.27 -32.39 -12.92
C ALA D 240 10.77 -32.59 -13.04
N GLY D 241 11.16 -33.26 -14.13
CA GLY D 241 12.55 -33.56 -14.40
C GLY D 241 12.79 -33.58 -15.89
N LEU D 242 14.03 -33.25 -16.27
CA LEU D 242 14.46 -33.18 -17.66
C LEU D 242 15.78 -33.94 -17.80
N MET D 243 15.90 -34.79 -18.83
CA MET D 243 17.08 -35.64 -18.98
C MET D 243 17.56 -35.76 -20.41
N TYR D 244 18.89 -35.72 -20.58
CA TYR D 244 19.55 -36.03 -21.84
C TYR D 244 20.50 -37.21 -21.65
N THR D 245 20.23 -38.31 -22.34
CA THR D 245 21.07 -39.50 -22.24
C THR D 245 21.80 -39.72 -23.57
N THR D 246 23.13 -39.56 -23.55
CA THR D 246 23.97 -39.77 -24.74
C THR D 246 25.22 -40.54 -24.34
N GLY D 247 25.39 -41.74 -24.91
CA GLY D 247 26.57 -42.55 -24.66
C GLY D 247 26.65 -43.03 -23.24
N ASP D 248 27.74 -42.72 -22.54
CA ASP D 248 27.89 -43.17 -21.17
C ASP D 248 27.45 -42.11 -20.15
N TRP D 249 26.68 -41.10 -20.57
CA TRP D 249 26.35 -40.01 -19.67
C TRP D 249 24.85 -39.71 -19.73
N GLN D 250 24.29 -39.32 -18.59
CA GLN D 250 22.94 -38.78 -18.53
C GLN D 250 22.97 -37.56 -17.63
N TYR D 251 22.45 -36.45 -18.17
CA TYR D 251 22.29 -35.20 -17.44
C TYR D 251 20.87 -35.08 -16.94
N LYS D 252 20.69 -34.65 -15.70
CA LYS D 252 19.35 -34.58 -15.13
C LYS D 252 19.16 -33.26 -14.42
N LEU D 253 18.04 -32.60 -14.70
CA LEU D 253 17.64 -31.40 -14.00
C LEU D 253 16.25 -31.63 -13.42
N GLY D 254 16.12 -31.46 -12.12
CA GLY D 254 14.87 -31.74 -11.44
C GLY D 254 14.40 -30.61 -10.56
N TYR D 255 13.08 -30.41 -10.51
CA TYR D 255 12.45 -29.41 -9.68
C TYR D 255 11.14 -29.94 -9.12
N ALA D 256 10.91 -29.69 -7.84
CA ALA D 256 9.62 -30.04 -7.27
C ALA D 256 9.24 -29.01 -6.22
N ALA D 257 7.94 -28.89 -5.98
CA ALA D 257 7.49 -27.91 -5.02
C ALA D 257 6.14 -28.31 -4.43
N ASN D 258 6.00 -28.05 -3.14
CA ASN D 258 4.73 -28.07 -2.43
C ASN D 258 4.20 -26.66 -2.34
N PHE D 259 2.92 -26.49 -2.56
CA PHE D 259 2.41 -25.14 -2.46
C PHE D 259 1.87 -24.90 -1.07
N ASP D 260 1.63 -23.64 -0.76
CA ASP D 260 1.18 -23.26 0.58
C ASP D 260 -0.05 -24.05 0.98
N LEU D 261 -0.07 -24.50 2.23
CA LEU D 261 -1.19 -25.28 2.72
C LEU D 261 -2.40 -24.37 2.95
N GLU D 262 -3.57 -24.88 2.60
CA GLU D 262 -4.84 -24.17 2.77
C GLU D 262 -5.63 -24.91 3.84
N ARG D 263 -5.95 -24.23 4.94
CA ARG D 263 -6.71 -24.84 6.03
C ARG D 263 -8.05 -24.15 6.20
N ASP D 264 -9.13 -24.92 6.11
CA ASP D 264 -10.47 -24.36 6.30
C ASP D 264 -10.70 -23.16 5.38
N GLY D 265 -10.24 -23.29 4.13
CA GLY D 265 -10.40 -22.24 3.15
C GLY D 265 -9.35 -21.14 3.20
N LYS D 266 -8.69 -20.96 4.34
CA LYS D 266 -7.67 -19.93 4.50
C LYS D 266 -6.30 -20.46 4.09
N THR D 267 -5.58 -19.69 3.29
CA THR D 267 -4.20 -20.01 2.93
C THR D 267 -3.26 -19.66 4.08
N LEU D 268 -2.43 -20.62 4.48
CA LEU D 268 -1.36 -20.37 5.44
C LEU D 268 -0.13 -19.91 4.67
N SER D 269 0.36 -18.73 5.00
CA SER D 269 1.45 -18.18 4.23
C SER D 269 2.76 -18.86 4.62
N ASN D 270 3.60 -19.10 3.61
CA ASN D 270 4.92 -19.67 3.80
C ASN D 270 4.86 -21.06 4.45
N THR D 271 3.97 -21.89 3.88
CA THR D 271 3.93 -23.32 4.16
C THR D 271 4.29 -24.13 2.91
N SER D 272 4.99 -23.51 1.97
CA SER D 272 5.35 -24.09 0.69
C SER D 272 6.83 -24.44 0.71
N ASP D 273 7.18 -25.48 -0.05
CA ASP D 273 8.54 -25.99 -0.15
C ASP D 273 8.95 -26.04 -1.61
N ASP D 274 10.24 -25.94 -1.86
CA ASP D 274 10.70 -26.33 -3.20
C ASP D 274 12.17 -26.71 -3.15
N VAL D 275 12.54 -27.58 -4.09
CA VAL D 275 13.89 -28.12 -4.25
C VAL D 275 14.25 -28.05 -5.73
N VAL D 276 15.48 -27.62 -6.02
CA VAL D 276 16.04 -27.72 -7.36
C VAL D 276 17.26 -28.64 -7.28
N SER D 277 17.40 -29.52 -8.28
CA SER D 277 18.48 -30.48 -8.26
C SER D 277 19.00 -30.77 -9.66
N ALA D 278 20.32 -30.87 -9.74
CA ALA D 278 21.04 -31.29 -10.93
C ALA D 278 21.96 -32.44 -10.56
N GLN D 279 22.07 -33.39 -11.46
CA GLN D 279 22.87 -34.57 -11.23
C GLN D 279 23.48 -34.98 -12.56
N ILE D 280 24.76 -35.28 -12.53
CA ILE D 280 25.47 -35.77 -13.71
C ILE D 280 25.78 -37.25 -13.46
N MET D 281 25.39 -38.10 -14.38
CA MET D 281 25.56 -39.54 -14.21
C MET D 281 26.45 -40.14 -15.29
N TYR D 282 27.31 -41.06 -14.85
CA TYR D 282 28.24 -41.80 -15.70
C TYR D 282 27.87 -43.28 -15.61
N PHE D 283 27.54 -43.87 -16.74
CA PHE D 283 27.25 -45.30 -16.83
C PHE D 283 28.56 -46.06 -16.91
N VAL D 284 29.13 -46.34 -15.74
CA VAL D 284 30.47 -46.94 -15.69
C VAL D 284 30.47 -48.42 -16.06
N ASP D 285 29.31 -49.04 -16.14
CA ASP D 285 29.18 -50.47 -16.42
C ASP D 285 27.73 -50.79 -16.68
N PRO D 286 27.44 -51.87 -17.40
CA PRO D 286 26.03 -52.24 -17.60
C PRO D 286 25.31 -52.45 -16.30
N SER D 287 26.04 -52.61 -15.19
CA SER D 287 25.46 -53.00 -13.92
C SER D 287 25.72 -51.97 -12.83
N ALA D 288 26.21 -50.79 -13.17
CA ALA D 288 26.57 -49.82 -12.15
C ALA D 288 26.52 -48.41 -12.73
N VAL D 289 26.39 -47.44 -11.84
CA VAL D 289 26.51 -46.03 -12.21
C VAL D 289 27.35 -45.33 -11.17
N LEU D 290 28.03 -44.26 -11.60
CA LEU D 290 28.60 -43.23 -10.74
C LEU D 290 27.85 -41.93 -10.96
N TYR D 291 27.71 -41.12 -9.92
CA TYR D 291 26.93 -39.91 -10.11
C TYR D 291 27.41 -38.80 -9.19
N ALA D 292 27.27 -37.57 -9.66
CA ALA D 292 27.45 -36.38 -8.85
C ALA D 292 26.16 -35.57 -8.90
N ARG D 293 25.81 -34.97 -7.76
CA ARG D 293 24.54 -34.31 -7.61
C ARG D 293 24.67 -33.10 -6.70
N ALA D 294 24.04 -31.99 -7.09
CA ALA D 294 23.87 -30.85 -6.19
C ALA D 294 22.40 -30.46 -6.17
N ARG D 295 21.90 -30.11 -4.99
CA ARG D 295 20.50 -29.71 -4.84
C ARG D 295 20.38 -28.69 -3.71
N MET D 296 19.40 -27.79 -3.83
CA MET D 296 19.11 -26.79 -2.81
C MET D 296 17.66 -26.93 -2.39
N ASN D 297 17.42 -27.14 -1.09
CA ASN D 297 16.08 -27.25 -0.51
C ASN D 297 15.68 -25.96 0.22
N ASP D 298 14.56 -25.34 -0.20
CA ASP D 298 13.93 -24.23 0.53
C ASP D 298 12.60 -24.72 1.09
N PHE D 299 12.55 -24.93 2.42
CA PHE D 299 11.40 -25.50 3.12
C PHE D 299 10.57 -24.41 3.79
N ASN D 300 9.34 -24.80 4.13
CA ASN D 300 8.45 -23.91 4.83
C ASN D 300 9.04 -23.54 6.19
N GLU D 301 8.57 -22.44 6.72
CA GLU D 301 9.13 -21.84 7.93
C GLU D 301 8.42 -22.26 9.21
N GLY D 302 7.41 -23.12 9.13
CA GLY D 302 6.75 -23.68 10.29
C GLY D 302 5.24 -23.74 10.18
N LEU D 303 4.63 -24.67 10.93
CA LEU D 303 3.18 -24.87 10.93
C LEU D 303 2.71 -25.56 12.20
N ASP D 304 1.56 -25.12 12.71
CA ASP D 304 0.90 -25.76 13.84
C ASP D 304 -0.23 -26.66 13.36
N GLY D 305 -0.44 -27.77 14.07
CA GLY D 305 -1.54 -28.67 13.81
C GLY D 305 -2.76 -28.29 14.62
N LEU D 306 -3.72 -29.21 14.67
CA LEU D 306 -4.95 -28.97 15.41
C LEU D 306 -4.85 -29.22 16.92
N ASP D 307 -3.66 -29.44 17.46
CA ASP D 307 -3.44 -29.43 18.91
C ASP D 307 -2.58 -28.25 19.35
N ASP D 308 -2.37 -27.26 18.46
CA ASP D 308 -1.62 -26.02 18.71
C ASP D 308 -0.15 -26.24 19.06
N ALA D 309 0.41 -27.38 18.69
CA ALA D 309 1.85 -27.62 18.76
C ALA D 309 2.33 -27.76 17.33
N ALA D 310 3.62 -27.49 17.13
CA ALA D 310 4.17 -27.52 15.79
C ALA D 310 3.87 -28.86 15.12
N ARG D 311 3.55 -28.81 13.83
CA ARG D 311 3.36 -30.01 13.04
C ARG D 311 4.68 -30.34 12.37
N TRP D 312 5.12 -31.59 12.51
CA TRP D 312 6.42 -31.93 11.95
C TRP D 312 6.30 -31.95 10.44
N THR D 313 7.30 -31.39 9.80
CA THR D 313 7.42 -31.45 8.36
C THR D 313 8.88 -31.68 7.99
N SER D 314 9.09 -31.81 6.70
CA SER D 314 10.41 -31.87 6.12
C SER D 314 11.26 -30.62 6.36
N GLY D 315 10.65 -29.54 6.83
CA GLY D 315 11.41 -28.33 7.10
C GLY D 315 11.76 -28.13 8.55
N THR D 316 11.19 -28.95 9.41
CA THR D 316 11.41 -28.82 10.84
C THR D 316 12.89 -28.76 11.17
N ASN D 317 13.72 -29.51 10.46
CA ASN D 317 15.13 -29.53 10.79
C ASN D 317 15.88 -28.39 10.15
N GLY D 318 15.32 -27.78 9.11
CA GLY D 318 15.92 -26.63 8.47
C GLY D 318 16.17 -26.74 6.97
N ASP D 319 16.38 -25.59 6.31
CA ASP D 319 16.84 -25.53 4.92
C ASP D 319 18.26 -26.10 4.85
N TYR D 320 18.57 -26.74 3.73
CA TYR D 320 19.94 -27.23 3.54
C TYR D 320 20.20 -27.40 2.06
N ASN D 321 21.50 -27.41 1.73
CA ASN D 321 22.05 -27.73 0.43
C ASN D 321 22.92 -28.98 0.54
N GLU D 322 23.01 -29.74 -0.55
CA GLU D 322 23.73 -31.00 -0.53
C GLU D 322 24.51 -31.20 -1.82
N TYR D 323 25.78 -31.56 -1.67
CA TYR D 323 26.63 -31.92 -2.79
C TYR D 323 27.14 -33.34 -2.52
N SER D 324 26.89 -34.22 -3.47
CA SER D 324 27.14 -35.64 -3.25
C SER D 324 27.65 -36.32 -4.52
N VAL D 325 28.54 -37.27 -4.33
CA VAL D 325 28.87 -38.24 -5.36
C VAL D 325 28.51 -39.61 -4.81
N GLY D 326 28.26 -40.54 -5.73
CA GLY D 326 27.87 -41.87 -5.29
C GLY D 326 28.01 -42.92 -6.37
N VAL D 327 27.82 -44.17 -5.96
CA VAL D 327 27.98 -45.33 -6.82
C VAL D 327 26.86 -46.31 -6.54
N GLU D 328 26.39 -46.98 -7.58
CA GLU D 328 25.36 -48.01 -7.45
C GLU D 328 25.75 -49.21 -8.29
N TYR D 329 25.69 -50.39 -7.69
CA TYR D 329 26.01 -51.65 -8.35
C TYR D 329 24.83 -52.59 -8.12
N TYR D 330 24.42 -53.30 -9.17
CA TYR D 330 23.30 -54.24 -9.12
C TYR D 330 23.79 -55.66 -9.37
N PHE D 331 23.36 -56.58 -8.54
CA PHE D 331 23.63 -57.98 -8.88
C PHE D 331 22.40 -58.86 -8.64
N GLU E 1 -39.37 21.63 6.72
CA GLU E 1 -38.83 21.08 7.96
C GLU E 1 -37.68 20.14 7.68
N VAL E 2 -36.79 19.99 8.65
CA VAL E 2 -35.80 18.93 8.63
C VAL E 2 -36.34 17.77 9.44
N TYR E 3 -36.14 16.55 8.94
CA TYR E 3 -36.55 15.39 9.69
C TYR E 3 -35.42 14.37 9.59
N GLY E 4 -35.54 13.32 10.40
CA GLY E 4 -34.52 12.30 10.38
C GLY E 4 -35.03 11.03 11.01
N ILE E 5 -34.40 9.93 10.61
CA ILE E 5 -34.55 8.65 11.26
C ILE E 5 -33.16 8.21 11.65
N ILE E 6 -32.89 8.16 12.96
CA ILE E 6 -31.64 7.67 13.49
C ILE E 6 -31.78 6.18 13.80
N ALA E 7 -31.02 5.34 13.11
CA ALA E 7 -31.21 3.89 13.20
C ALA E 7 -29.87 3.17 13.11
N MET E 8 -29.46 2.54 14.21
CA MET E 8 -28.25 1.75 14.27
C MET E 8 -28.59 0.35 14.74
N GLN E 9 -28.00 -0.64 14.07
CA GLN E 9 -28.22 -2.04 14.38
C GLN E 9 -26.88 -2.74 14.48
N ALA E 10 -26.63 -3.40 15.60
CA ALA E 10 -25.48 -4.27 15.75
C ALA E 10 -25.95 -5.67 15.43
N ALA E 11 -25.39 -6.27 14.39
CA ALA E 11 -25.87 -7.55 13.90
C ALA E 11 -24.71 -8.51 13.68
N TYR E 12 -24.81 -9.68 14.27
CA TYR E 12 -23.87 -10.75 14.04
C TYR E 12 -24.43 -11.70 13.01
N ARG E 13 -23.64 -12.00 11.99
CA ARG E 13 -24.05 -12.91 10.94
C ARG E 13 -23.13 -14.13 10.98
N ASP E 14 -23.74 -15.31 11.08
CA ASP E 14 -23.05 -16.60 11.04
C ASP E 14 -23.32 -17.20 9.67
N TYR E 15 -22.29 -17.32 8.84
CA TYR E 15 -22.50 -17.85 7.50
C TYR E 15 -22.18 -19.34 7.46
N ASP E 16 -22.90 -20.05 6.55
CA ASP E 16 -22.75 -21.47 6.25
C ASP E 16 -22.88 -21.58 4.74
N SER E 17 -21.85 -21.11 4.04
CA SER E 17 -21.86 -21.00 2.60
C SER E 17 -21.17 -22.17 1.90
N GLY E 18 -20.47 -23.04 2.63
CA GLY E 18 -19.70 -24.07 1.98
C GLY E 18 -18.27 -23.69 1.67
N ASP E 19 -17.86 -22.49 2.05
CA ASP E 19 -16.47 -22.07 2.07
C ASP E 19 -16.25 -21.42 3.43
N ALA E 20 -15.20 -21.81 4.12
CA ALA E 20 -14.95 -21.27 5.46
C ALA E 20 -14.31 -19.88 5.38
N LYS E 21 -13.45 -19.63 4.40
CA LYS E 21 -12.91 -18.30 4.21
C LYS E 21 -14.03 -17.31 3.90
N GLN E 22 -14.97 -17.70 3.05
CA GLN E 22 -16.08 -16.82 2.75
C GLN E 22 -16.97 -16.61 3.97
N ASP E 23 -17.14 -17.66 4.79
CA ASP E 23 -17.93 -17.56 6.01
C ASP E 23 -17.35 -16.55 6.99
N ASP E 24 -16.02 -16.47 7.08
CA ASP E 24 -15.39 -15.51 7.97
C ASP E 24 -15.47 -14.11 7.39
N ASN E 25 -15.43 -13.99 6.06
CA ASN E 25 -15.48 -12.70 5.40
C ASN E 25 -16.85 -12.06 5.57
N LEU E 26 -17.88 -12.70 5.02
CA LEU E 26 -19.24 -12.18 5.10
C LEU E 26 -19.73 -12.12 6.54
N GLY E 27 -19.37 -13.10 7.36
CA GLY E 27 -19.86 -13.19 8.72
C GLY E 27 -19.09 -12.34 9.71
N GLY E 28 -19.59 -12.31 10.93
CA GLY E 28 -18.99 -11.52 11.98
C GLY E 28 -19.94 -10.45 12.47
N MET E 29 -19.40 -9.53 13.26
CA MET E 29 -20.18 -8.43 13.80
C MET E 29 -19.95 -7.17 12.99
N GLN E 30 -21.03 -6.46 12.71
CA GLN E 30 -21.00 -5.22 11.94
C GLN E 30 -22.03 -4.25 12.51
N LEU E 31 -21.85 -2.96 12.25
CA LEU E 31 -22.86 -1.99 12.61
C LEU E 31 -23.58 -1.60 11.34
N ASN E 32 -24.89 -1.60 11.41
CA ASN E 32 -25.75 -1.23 10.30
C ASN E 32 -26.39 0.12 10.64
N ASN E 33 -25.73 1.19 10.23
CA ASN E 33 -26.23 2.55 10.48
C ASN E 33 -27.18 2.95 9.35
N GLU E 34 -28.48 2.78 9.58
CA GLU E 34 -29.46 3.12 8.56
C GLU E 34 -30.02 4.51 8.76
N SER E 35 -29.26 5.38 9.42
CA SER E 35 -29.68 6.75 9.67
C SER E 35 -29.77 7.56 8.38
N ARG E 36 -30.71 8.50 8.37
CA ARG E 36 -31.01 9.32 7.20
C ARG E 36 -31.56 10.65 7.64
N ILE E 37 -31.27 11.67 6.85
CA ILE E 37 -31.75 13.01 7.04
C ILE E 37 -32.60 13.38 5.84
N GLY E 38 -33.66 14.14 6.07
CA GLY E 38 -34.51 14.59 4.99
C GLY E 38 -34.89 16.05 5.17
N PHE E 39 -35.37 16.61 4.08
CA PHE E 39 -35.97 17.93 4.08
C PHE E 39 -37.30 17.82 3.36
N ARG E 40 -38.32 18.53 3.85
CA ARG E 40 -39.64 18.50 3.22
C ARG E 40 -40.40 19.79 3.50
N GLY E 41 -41.38 20.05 2.66
CA GLY E 41 -42.20 21.23 2.88
C GLY E 41 -43.51 21.08 2.17
N LYS E 42 -44.44 21.95 2.54
CA LYS E 42 -45.70 22.17 1.85
C LYS E 42 -45.72 23.65 1.49
N LYS E 43 -46.43 24.01 0.44
CA LYS E 43 -46.50 25.42 0.10
C LYS E 43 -47.80 25.69 -0.64
N GLN E 44 -48.51 26.72 -0.22
CA GLN E 44 -49.73 27.12 -0.88
C GLN E 44 -49.38 28.15 -1.94
N PHE E 45 -49.41 27.75 -3.21
CA PHE E 45 -49.21 28.72 -4.28
C PHE E 45 -50.44 29.60 -4.36
N ALA E 46 -50.22 30.90 -4.60
CA ALA E 46 -51.33 31.85 -4.65
C ALA E 46 -52.26 31.59 -5.83
N ASN E 47 -51.73 31.09 -6.93
CA ASN E 47 -52.51 30.92 -8.14
C ASN E 47 -52.64 29.45 -8.52
N PHE E 48 -52.79 28.57 -7.53
CA PHE E 48 -53.05 27.16 -7.82
C PHE E 48 -53.60 26.50 -6.56
N GLU E 49 -54.85 26.02 -6.60
CA GLU E 49 -55.50 25.51 -5.38
C GLU E 49 -54.80 24.31 -4.77
N PRO E 50 -54.39 23.30 -5.52
CA PRO E 50 -53.77 22.14 -4.87
C PRO E 50 -52.50 22.56 -4.14
N THR E 51 -52.28 21.97 -2.99
CA THR E 51 -51.09 22.30 -2.23
C THR E 51 -49.86 21.61 -2.79
N PHE E 52 -48.79 22.38 -2.95
CA PHE E 52 -47.51 21.86 -3.42
C PHE E 52 -46.79 21.19 -2.26
N ILE E 53 -46.22 20.01 -2.52
CA ILE E 53 -45.48 19.28 -1.49
C ILE E 53 -44.15 18.85 -2.08
N TRP E 54 -43.16 18.63 -1.21
CA TRP E 54 -41.87 18.17 -1.71
C TRP E 54 -41.08 17.50 -0.59
N GLN E 55 -40.19 16.60 -0.99
CA GLN E 55 -39.33 15.92 -0.02
C GLN E 55 -37.99 15.60 -0.65
N ILE E 56 -36.92 15.75 0.13
CA ILE E 56 -35.59 15.28 -0.27
C ILE E 56 -35.02 14.51 0.93
N GLU E 57 -34.99 13.19 0.83
CA GLU E 57 -34.53 12.32 1.91
C GLU E 57 -33.19 11.72 1.54
N GLY E 58 -32.29 11.64 2.52
CA GLY E 58 -30.96 11.15 2.24
C GLY E 58 -30.86 9.66 2.39
N GLY E 59 -29.76 9.10 1.89
CA GLY E 59 -29.53 7.68 1.99
C GLY E 59 -29.10 7.30 3.38
N TYR E 60 -28.86 6.00 3.54
CA TYR E 60 -28.26 5.44 4.74
C TYR E 60 -26.83 5.95 4.94
N VAL E 61 -26.51 6.47 6.13
CA VAL E 61 -25.21 7.15 6.26
C VAL E 61 -24.04 6.18 6.35
N ASP E 62 -24.25 4.94 6.83
CA ASP E 62 -23.24 3.88 6.84
C ASP E 62 -23.85 2.49 7.06
N PRO E 63 -24.53 1.94 6.06
CA PRO E 63 -25.09 0.60 6.22
C PRO E 63 -24.00 -0.44 6.31
N SER E 64 -24.40 -1.60 6.81
CA SER E 64 -23.49 -2.72 6.88
C SER E 64 -23.21 -3.25 5.47
N PHE E 65 -22.07 -3.90 5.31
CA PHE E 65 -21.62 -4.42 4.02
C PHE E 65 -21.40 -3.31 3.00
N GLY E 66 -21.24 -2.08 3.47
CA GLY E 66 -21.03 -0.96 2.57
C GLY E 66 -20.17 0.12 3.17
N GLY E 67 -19.76 1.04 2.30
CA GLY E 67 -18.98 2.17 2.73
C GLY E 67 -19.81 3.27 3.34
N GLU E 68 -19.10 4.25 3.89
CA GLU E 68 -19.72 5.40 4.53
C GLU E 68 -20.12 6.43 3.47
N GLY E 69 -21.07 7.28 3.86
CA GLY E 69 -21.43 8.40 3.03
C GLY E 69 -22.67 8.12 2.24
N ALA E 70 -23.61 9.06 2.27
CA ALA E 70 -24.84 8.99 1.49
C ALA E 70 -25.15 10.36 0.91
N GLY E 71 -25.79 10.39 -0.27
CA GLY E 71 -26.19 11.63 -0.89
C GLY E 71 -27.63 12.00 -0.61
N LEU E 72 -27.97 13.26 -0.88
CA LEU E 72 -29.34 13.72 -0.81
C LEU E 72 -30.07 13.33 -2.08
N GLY E 73 -31.20 12.64 -1.92
CA GLY E 73 -31.97 12.15 -3.04
C GLY E 73 -31.89 10.65 -3.23
N GLU E 74 -31.12 9.95 -2.41
CA GLU E 74 -31.01 8.51 -2.58
C GLU E 74 -32.27 7.79 -2.16
N ARG E 75 -33.07 8.39 -1.27
CA ARG E 75 -34.33 7.81 -0.82
C ARG E 75 -35.50 8.63 -1.37
N ASP E 76 -36.68 8.45 -0.77
CA ASP E 76 -37.89 9.06 -1.31
C ASP E 76 -37.72 10.56 -1.49
N THR E 77 -37.62 11.03 -2.75
CA THR E 77 -37.46 12.47 -2.99
C THR E 77 -38.27 12.87 -4.21
N PHE E 78 -39.21 13.80 -4.04
CA PHE E 78 -40.22 14.05 -5.06
C PHE E 78 -40.75 15.47 -4.95
N VAL E 79 -41.50 15.87 -5.98
CA VAL E 79 -42.44 16.97 -5.91
C VAL E 79 -43.83 16.42 -6.13
N GLY E 80 -44.83 17.22 -5.83
CA GLY E 80 -46.19 16.77 -6.03
C GLY E 80 -47.20 17.77 -5.51
N PHE E 81 -48.46 17.49 -5.83
CA PHE E 81 -49.58 18.31 -5.40
C PHE E 81 -50.59 17.44 -4.65
N GLU E 82 -51.26 18.04 -3.67
CA GLU E 82 -52.25 17.31 -2.90
C GLU E 82 -53.50 18.17 -2.69
N SER E 83 -54.66 17.49 -2.69
CA SER E 83 -55.98 18.08 -2.52
C SER E 83 -56.81 17.11 -1.69
N ALA E 84 -57.71 17.67 -0.86
CA ALA E 84 -58.53 16.82 0.02
C ALA E 84 -59.44 15.89 -0.76
N SER E 85 -59.99 16.38 -1.88
CA SER E 85 -60.93 15.62 -2.67
C SER E 85 -60.25 14.45 -3.39
N TRP E 86 -59.19 14.73 -4.15
CA TRP E 86 -58.63 13.75 -5.06
C TRP E 86 -57.26 13.22 -4.64
N GLY E 87 -56.85 13.43 -3.40
CA GLY E 87 -55.65 12.78 -2.92
C GLY E 87 -54.33 13.51 -3.09
N GLN E 88 -53.30 12.77 -3.51
CA GLN E 88 -51.96 13.30 -3.60
C GLN E 88 -51.27 12.68 -4.81
N VAL E 89 -50.67 13.51 -5.64
CA VAL E 89 -49.88 13.05 -6.79
C VAL E 89 -48.43 13.40 -6.51
N ARG E 90 -47.52 12.52 -6.91
CA ARG E 90 -46.11 12.73 -6.68
C ARG E 90 -45.32 12.37 -7.93
N LEU E 91 -44.37 13.24 -8.28
CA LEU E 91 -43.40 13.01 -9.35
C LEU E 91 -42.00 13.02 -8.74
N GLY E 92 -41.16 12.05 -9.14
CA GLY E 92 -39.79 12.03 -8.67
C GLY E 92 -39.33 10.62 -8.34
N ARG E 93 -38.72 10.42 -7.18
CA ARG E 93 -38.29 9.11 -6.71
C ARG E 93 -39.18 8.67 -5.56
N VAL E 94 -39.95 7.61 -5.74
CA VAL E 94 -40.86 7.13 -4.71
C VAL E 94 -40.94 5.61 -4.79
N LEU E 95 -41.53 4.97 -3.79
CA LEU E 95 -41.81 3.53 -3.88
C LEU E 95 -42.99 3.26 -4.83
N THR E 96 -42.91 2.13 -5.53
CA THR E 96 -44.02 1.69 -6.37
C THR E 96 -45.16 1.14 -5.50
N PRO E 97 -46.43 1.23 -5.97
CA PRO E 97 -47.56 0.78 -5.15
C PRO E 97 -47.39 -0.62 -4.63
N MET E 98 -46.72 -1.48 -5.39
CA MET E 98 -46.49 -2.83 -4.91
C MET E 98 -45.37 -2.89 -3.88
N TYR E 99 -44.24 -2.21 -4.13
CA TYR E 99 -43.10 -2.34 -3.22
C TYR E 99 -43.47 -1.96 -1.79
N GLU E 100 -44.31 -0.94 -1.63
CA GLU E 100 -44.69 -0.53 -0.28
C GLU E 100 -45.25 -1.67 0.52
N LEU E 101 -45.98 -2.58 -0.15
CA LEU E 101 -46.62 -3.71 0.50
C LEU E 101 -45.68 -4.89 0.69
N VAL E 102 -44.73 -5.09 -0.23
CA VAL E 102 -43.70 -6.10 0.01
C VAL E 102 -42.81 -5.69 1.18
N ASP E 103 -42.51 -4.39 1.27
CA ASP E 103 -41.69 -3.86 2.35
C ASP E 103 -42.40 -3.91 3.70
N TRP E 104 -43.55 -3.27 3.77
CA TRP E 104 -44.31 -3.18 4.98
C TRP E 104 -45.71 -3.71 4.73
N PRO E 105 -46.19 -4.68 5.52
CA PRO E 105 -45.53 -5.21 6.71
C PRO E 105 -44.66 -6.40 6.41
N ALA E 106 -44.60 -6.76 5.12
CA ALA E 106 -44.24 -8.12 4.76
C ALA E 106 -42.77 -8.43 4.86
N SER E 107 -41.91 -7.42 4.93
CA SER E 107 -40.48 -7.65 5.02
C SER E 107 -39.96 -7.54 6.44
N ASN E 108 -40.82 -7.22 7.41
CA ASN E 108 -40.40 -7.06 8.77
C ASN E 108 -40.85 -8.27 9.58
N PRO E 109 -39.97 -8.89 10.40
CA PRO E 109 -38.62 -8.50 10.78
C PRO E 109 -37.46 -9.28 10.17
N GLY E 110 -36.71 -8.65 9.27
CA GLY E 110 -35.57 -9.35 8.73
C GLY E 110 -35.91 -10.39 7.70
N LEU E 111 -37.09 -10.30 7.09
CA LEU E 111 -37.52 -11.21 6.05
C LEU E 111 -37.16 -10.70 4.68
N GLY E 112 -36.40 -9.61 4.60
CA GLY E 112 -36.17 -8.98 3.31
C GLY E 112 -35.34 -9.86 2.39
N ASP E 113 -34.35 -10.57 2.95
CA ASP E 113 -33.49 -11.41 2.14
C ASP E 113 -34.27 -12.43 1.32
N VAL E 114 -35.41 -12.88 1.83
CA VAL E 114 -36.25 -13.84 1.11
C VAL E 114 -37.35 -13.13 0.34
N TYR E 115 -38.15 -12.33 1.04
CA TYR E 115 -39.37 -11.77 0.48
C TYR E 115 -39.17 -10.44 -0.26
N ASP E 116 -38.11 -9.69 0.05
CA ASP E 116 -37.94 -8.39 -0.57
C ASP E 116 -37.24 -8.54 -1.92
N TRP E 117 -35.91 -8.69 -1.92
CA TRP E 117 -35.14 -8.87 -3.15
C TRP E 117 -34.81 -10.32 -3.41
N GLY E 118 -35.28 -11.21 -2.56
CA GLY E 118 -35.04 -12.62 -2.78
C GLY E 118 -35.89 -13.20 -3.88
N GLY E 119 -35.51 -14.40 -4.29
CA GLY E 119 -36.23 -15.08 -5.34
C GLY E 119 -35.31 -15.35 -6.50
N ALA E 120 -35.70 -16.28 -7.35
CA ALA E 120 -34.86 -16.69 -8.45
C ALA E 120 -35.40 -16.29 -9.81
N ILE E 121 -36.63 -15.76 -9.87
CA ILE E 121 -37.25 -15.46 -11.15
C ILE E 121 -36.41 -14.47 -11.95
N GLY E 122 -36.51 -14.55 -13.27
CA GLY E 122 -35.75 -13.69 -14.15
C GLY E 122 -36.39 -12.33 -14.38
N GLY E 123 -35.64 -11.49 -15.10
CA GLY E 123 -36.14 -10.16 -15.43
C GLY E 123 -36.15 -9.23 -14.23
N ALA E 124 -37.26 -8.49 -14.06
CA ALA E 124 -37.39 -7.52 -12.99
C ALA E 124 -38.76 -7.74 -12.33
N LYS E 125 -38.79 -8.58 -11.26
CA LYS E 125 -40.05 -8.98 -10.62
C LYS E 125 -40.90 -7.77 -10.27
N TYR E 126 -40.32 -6.82 -9.55
CA TYR E 126 -40.95 -5.53 -9.34
C TYR E 126 -39.84 -4.54 -9.05
N GLN E 127 -40.16 -3.26 -9.15
CA GLN E 127 -39.24 -2.22 -8.73
C GLN E 127 -39.50 -1.91 -7.25
N ASP E 128 -38.56 -1.22 -6.62
CA ASP E 128 -38.78 -0.88 -5.22
C ASP E 128 -38.90 0.63 -4.99
N ARG E 129 -37.79 1.32 -4.85
CA ARG E 129 -37.77 2.77 -4.94
C ARG E 129 -37.31 3.12 -6.36
N GLN E 130 -38.10 3.91 -7.08
CA GLN E 130 -37.81 4.18 -8.47
C GLN E 130 -37.84 5.66 -8.74
N SER E 131 -36.84 6.13 -9.47
CA SER E 131 -36.86 7.48 -10.00
C SER E 131 -37.71 7.51 -11.26
N ASN E 132 -37.90 8.70 -11.81
CA ASN E 132 -38.70 8.88 -13.03
C ASN E 132 -40.03 8.15 -12.90
N THR E 133 -40.75 8.49 -11.85
CA THR E 133 -41.99 7.83 -11.50
C THR E 133 -43.04 8.86 -11.20
N ILE E 134 -44.28 8.61 -11.64
CA ILE E 134 -45.42 9.41 -11.22
C ILE E 134 -46.35 8.50 -10.47
N ARG E 135 -46.70 8.89 -9.25
CA ARG E 135 -47.53 8.05 -8.38
C ARG E 135 -48.65 8.88 -7.79
N TRP E 136 -49.87 8.39 -7.95
CA TRP E 136 -51.06 8.95 -7.36
C TRP E 136 -51.46 8.04 -6.21
N ASP E 137 -51.67 8.62 -5.05
CA ASP E 137 -52.19 7.92 -3.88
C ASP E 137 -53.54 8.56 -3.59
N SER E 138 -54.60 7.76 -3.65
CA SER E 138 -55.97 8.23 -3.50
C SER E 138 -56.30 8.53 -2.05
N PRO E 139 -57.36 9.29 -1.81
CA PRO E 139 -57.84 9.47 -0.45
C PRO E 139 -58.33 8.14 0.07
N MET E 140 -58.54 8.05 1.38
CA MET E 140 -59.18 6.85 1.95
C MET E 140 -60.69 7.05 1.81
N TYR E 141 -61.19 6.72 0.62
CA TYR E 141 -62.60 6.86 0.29
C TYR E 141 -63.50 6.20 1.31
N ALA E 142 -64.50 6.96 1.79
CA ALA E 142 -65.49 6.48 2.76
C ALA E 142 -64.85 5.95 4.03
N ASP E 143 -63.64 6.42 4.35
CA ASP E 143 -62.85 5.85 5.43
C ASP E 143 -62.80 4.33 5.32
N LYS E 144 -62.73 3.81 4.08
CA LYS E 144 -62.82 2.37 3.86
C LYS E 144 -61.76 1.81 2.90
N PHE E 145 -61.54 2.42 1.75
CA PHE E 145 -60.71 1.79 0.74
C PHE E 145 -59.81 2.82 0.06
N SER E 146 -58.57 2.41 -0.26
CA SER E 146 -57.51 3.26 -0.82
C SER E 146 -57.01 2.71 -2.15
N ILE E 147 -56.51 3.60 -3.01
CA ILE E 147 -55.87 3.19 -4.26
C ILE E 147 -54.51 3.85 -4.35
N ASP E 148 -53.52 3.09 -4.81
CA ASP E 148 -52.18 3.58 -5.12
C ASP E 148 -51.88 3.21 -6.56
N ALA E 149 -51.43 4.18 -7.35
CA ALA E 149 -51.21 3.96 -8.77
C ALA E 149 -49.99 4.72 -9.25
N ALA E 150 -49.10 4.05 -9.98
CA ALA E 150 -47.91 4.75 -10.47
C ALA E 150 -47.49 4.19 -11.81
N VAL E 151 -46.93 5.06 -12.64
CA VAL E 151 -46.22 4.63 -13.85
C VAL E 151 -44.87 5.30 -13.80
N GLY E 152 -43.87 4.63 -14.35
CA GLY E 152 -42.54 5.22 -14.35
C GLY E 152 -41.60 4.53 -15.30
N ALA E 153 -40.48 5.20 -15.56
CA ALA E 153 -39.41 4.64 -16.36
C ALA E 153 -38.59 3.66 -15.54
N GLY E 154 -37.87 2.78 -16.23
CA GLY E 154 -37.14 1.70 -15.60
C GLY E 154 -35.69 2.05 -15.35
N ASP E 155 -34.99 1.07 -14.76
CA ASP E 155 -33.61 1.29 -14.32
C ASP E 155 -32.70 1.72 -15.47
N LYS E 156 -32.81 1.07 -16.63
CA LYS E 156 -31.95 1.43 -17.76
C LYS E 156 -32.39 2.74 -18.41
N ALA E 157 -33.71 2.97 -18.48
CA ALA E 157 -34.28 4.15 -19.13
C ALA E 157 -33.87 5.45 -18.45
N GLY E 158 -33.64 5.42 -17.13
CA GLY E 158 -33.27 6.63 -16.44
C GLY E 158 -31.85 7.08 -16.70
N LEU E 159 -31.08 6.30 -17.44
CA LEU E 159 -29.76 6.71 -17.90
C LEU E 159 -29.71 6.93 -19.41
N GLY E 160 -30.84 6.81 -20.09
CA GLY E 160 -30.83 6.82 -21.53
C GLY E 160 -30.26 5.54 -22.10
N ALA E 161 -30.39 4.42 -21.38
CA ALA E 161 -29.76 3.16 -21.73
C ALA E 161 -30.74 2.01 -21.92
N GLY E 162 -32.00 2.34 -22.20
CA GLY E 162 -33.02 1.33 -22.38
C GLY E 162 -34.33 2.01 -22.70
N ASP E 163 -35.36 1.18 -22.80
CA ASP E 163 -36.72 1.69 -22.92
C ASP E 163 -37.62 0.92 -21.97
N ASP E 164 -37.05 0.44 -20.86
CA ASP E 164 -37.86 -0.26 -19.87
C ASP E 164 -38.81 0.73 -19.19
N TYR E 165 -39.95 0.21 -18.80
CA TYR E 165 -40.92 1.00 -18.08
C TYR E 165 -41.69 0.03 -17.20
N TRP E 166 -42.61 0.57 -16.43
CA TRP E 166 -43.29 -0.24 -15.44
C TRP E 166 -44.53 0.51 -15.03
N GLY E 167 -45.51 -0.25 -14.58
CA GLY E 167 -46.72 0.33 -14.03
C GLY E 167 -47.15 -0.54 -12.86
N GLY E 168 -47.97 0.05 -12.01
CA GLY E 168 -48.37 -0.68 -10.83
C GLY E 168 -49.64 -0.10 -10.28
N ILE E 169 -50.39 -0.92 -9.56
CA ILE E 169 -51.65 -0.51 -8.95
C ILE E 169 -51.79 -1.35 -7.68
N ALA E 170 -52.38 -0.75 -6.65
CA ALA E 170 -52.57 -1.42 -5.37
C ALA E 170 -53.82 -0.87 -4.71
N ALA E 171 -54.46 -1.72 -3.90
CA ALA E 171 -55.69 -1.33 -3.23
C ALA E 171 -55.74 -1.90 -1.82
N HIS E 172 -56.37 -1.15 -0.94
CA HIS E 172 -56.53 -1.53 0.45
C HIS E 172 -57.99 -1.33 0.81
N TYR E 173 -58.53 -2.25 1.60
CA TYR E 173 -59.91 -2.21 2.02
C TYR E 173 -59.99 -2.48 3.52
N LYS E 174 -60.70 -1.64 4.26
CA LYS E 174 -60.91 -1.85 5.69
C LYS E 174 -62.24 -2.57 5.92
N LEU E 175 -62.18 -3.71 6.62
CA LEU E 175 -63.35 -4.52 6.94
C LEU E 175 -63.18 -4.77 8.43
N GLY E 176 -63.72 -3.89 9.24
CA GLY E 176 -63.57 -3.99 10.67
C GLY E 176 -62.12 -3.95 11.10
N PRO E 177 -61.66 -5.02 11.76
CA PRO E 177 -60.27 -5.08 12.23
C PRO E 177 -59.27 -5.60 11.22
N LEU E 178 -59.71 -5.88 9.99
CA LEU E 178 -58.84 -6.39 8.95
C LEU E 178 -58.74 -5.37 7.83
N GLN E 179 -57.61 -5.38 7.14
CA GLN E 179 -57.42 -4.62 5.93
C GLN E 179 -56.97 -5.59 4.85
N LEU E 180 -57.74 -5.65 3.78
CA LEU E 180 -57.40 -6.52 2.66
C LEU E 180 -56.59 -5.71 1.65
N ASP E 181 -55.44 -6.24 1.23
CA ASP E 181 -54.54 -5.58 0.29
C ASP E 181 -54.40 -6.42 -0.97
N ALA E 182 -54.42 -5.77 -2.11
CA ALA E 182 -54.12 -6.42 -3.38
C ALA E 182 -53.36 -5.45 -4.26
N ALA E 183 -52.32 -5.96 -4.92
CA ALA E 183 -51.45 -5.11 -5.73
C ALA E 183 -51.02 -5.86 -6.99
N TYR E 184 -50.54 -5.09 -7.97
CA TYR E 184 -50.05 -5.61 -9.24
C TYR E 184 -48.90 -4.74 -9.71
N GLU E 185 -47.91 -5.37 -10.36
CA GLU E 185 -46.88 -4.59 -11.03
C GLU E 185 -46.43 -5.32 -12.28
N GLY E 186 -46.35 -4.58 -13.37
CA GLY E 186 -45.87 -5.14 -14.62
C GLY E 186 -44.69 -4.35 -15.11
N ASN E 187 -43.59 -5.06 -15.35
CA ASN E 187 -42.34 -4.45 -15.82
C ASN E 187 -42.16 -4.88 -17.27
N ARG E 188 -41.80 -3.94 -18.13
CA ARG E 188 -41.66 -4.22 -19.55
C ARG E 188 -40.27 -3.85 -20.04
N ASN E 189 -39.85 -4.49 -21.12
CA ASN E 189 -38.59 -4.15 -21.80
C ASN E 189 -37.38 -4.25 -20.86
N ILE E 190 -37.42 -5.22 -19.96
CA ILE E 190 -36.27 -5.45 -19.08
C ILE E 190 -35.24 -6.25 -19.85
N GLU E 191 -34.08 -5.65 -20.08
CA GLU E 191 -32.98 -6.33 -20.76
C GLU E 191 -32.12 -7.02 -19.72
N ALA E 192 -32.10 -8.35 -19.75
CA ALA E 192 -31.25 -9.10 -18.84
C ALA E 192 -30.99 -10.48 -19.42
N GLU E 193 -29.83 -11.03 -19.07
CA GLU E 193 -29.41 -12.36 -19.48
C GLU E 193 -29.41 -12.52 -20.99
N GLY E 194 -29.19 -11.42 -21.72
CA GLY E 194 -29.21 -11.53 -23.17
C GLY E 194 -30.57 -11.71 -23.79
N GLN E 195 -31.64 -11.55 -23.01
CA GLN E 195 -33.01 -11.62 -23.50
C GLN E 195 -33.72 -10.33 -23.09
N THR E 196 -34.97 -10.20 -23.52
CA THR E 196 -35.85 -9.10 -23.11
C THR E 196 -37.03 -9.69 -22.35
N TRP E 197 -37.17 -9.32 -21.09
CA TRP E 197 -38.17 -9.96 -20.28
C TRP E 197 -39.37 -9.04 -20.12
N GLU E 198 -40.46 -9.67 -19.73
CA GLU E 198 -41.69 -9.00 -19.36
C GLU E 198 -42.05 -9.59 -18.01
N ASN E 199 -42.22 -8.73 -17.01
CA ASN E 199 -42.58 -9.22 -15.70
C ASN E 199 -43.98 -8.79 -15.34
N ASN E 200 -44.65 -9.67 -14.60
CA ASN E 200 -45.98 -9.40 -14.07
C ASN E 200 -46.08 -10.05 -12.70
N THR E 201 -46.29 -9.25 -11.68
CA THR E 201 -46.37 -9.75 -10.33
C THR E 201 -47.72 -9.41 -9.73
N TYR E 202 -48.29 -10.36 -8.99
CA TYR E 202 -49.59 -10.18 -8.39
C TYR E 202 -49.42 -10.39 -6.90
N LEU E 203 -50.13 -9.59 -6.11
CA LEU E 203 -50.01 -9.68 -4.67
C LEU E 203 -51.38 -9.52 -4.05
N VAL E 204 -51.69 -10.38 -3.10
CA VAL E 204 -52.85 -10.21 -2.23
C VAL E 204 -52.39 -10.49 -0.81
N GLY E 205 -53.05 -9.87 0.15
CA GLY E 205 -52.64 -10.00 1.53
C GLY E 205 -53.70 -9.49 2.48
N VAL E 206 -53.54 -9.86 3.76
CA VAL E 206 -54.45 -9.42 4.81
C VAL E 206 -53.63 -8.95 6.00
N GLN E 207 -54.08 -7.85 6.63
CA GLN E 207 -53.48 -7.35 7.85
C GLN E 207 -54.55 -7.17 8.93
N GLY E 208 -54.22 -7.55 10.16
CA GLY E 208 -55.18 -7.34 11.23
C GLY E 208 -54.61 -6.81 12.52
N TRP E 209 -55.34 -5.88 13.13
CA TRP E 209 -55.01 -5.36 14.46
C TRP E 209 -56.26 -5.44 15.32
N PHE E 210 -56.14 -6.05 16.50
CA PHE E 210 -57.27 -6.29 17.39
C PHE E 210 -57.03 -5.64 18.74
N GLU E 211 -58.13 -5.20 19.38
CA GLU E 211 -58.02 -4.52 20.67
C GLU E 211 -57.40 -5.41 21.75
N ASN E 212 -57.30 -6.73 21.50
CA ASN E 212 -56.67 -7.66 22.44
C ASN E 212 -55.15 -7.49 22.48
N GLY E 213 -54.55 -6.85 21.48
CA GLY E 213 -53.11 -6.68 21.44
C GLY E 213 -52.38 -7.57 20.45
N ILE E 214 -53.06 -8.48 19.78
CA ILE E 214 -52.46 -9.35 18.79
C ILE E 214 -52.47 -8.60 17.46
N SER E 215 -51.37 -8.67 16.72
CA SER E 215 -51.35 -8.15 15.35
C SER E 215 -50.81 -9.22 14.42
N PHE E 216 -51.33 -9.23 13.19
CA PHE E 216 -50.86 -10.23 12.25
C PHE E 216 -50.96 -9.65 10.84
N PHE E 217 -50.14 -10.22 9.96
CA PHE E 217 -50.21 -9.96 8.53
C PHE E 217 -49.88 -11.27 7.82
N ALA E 218 -50.46 -11.43 6.63
CA ALA E 218 -50.21 -12.61 5.82
C ALA E 218 -50.37 -12.19 4.37
N GLN E 219 -49.42 -12.59 3.54
CA GLN E 219 -49.41 -12.18 2.16
C GLN E 219 -49.06 -13.37 1.27
N TYR E 220 -49.64 -13.39 0.07
CA TYR E 220 -49.25 -14.34 -0.96
C TYR E 220 -48.87 -13.55 -2.22
N LYS E 221 -47.67 -13.80 -2.74
CA LYS E 221 -47.11 -13.10 -3.89
C LYS E 221 -46.90 -14.08 -5.02
N TYR E 222 -47.29 -13.70 -6.23
CA TYR E 222 -47.18 -14.56 -7.41
C TYR E 222 -46.54 -13.81 -8.56
N MET E 223 -45.35 -14.26 -8.98
CA MET E 223 -44.57 -13.60 -10.02
C MET E 223 -44.46 -14.51 -11.25
N GLU E 224 -44.83 -13.98 -12.39
CA GLU E 224 -44.63 -14.65 -13.67
C GLU E 224 -43.63 -13.81 -14.46
N ALA E 225 -42.92 -14.45 -15.40
CA ALA E 225 -41.89 -13.76 -16.17
C ALA E 225 -41.75 -14.43 -17.54
N ASP E 226 -41.65 -13.59 -18.60
CA ASP E 226 -41.58 -14.07 -19.97
C ASP E 226 -40.39 -13.46 -20.69
N ALA E 227 -39.52 -14.30 -21.25
CA ALA E 227 -38.34 -13.81 -21.95
C ALA E 227 -38.57 -13.77 -23.45
N SER E 228 -37.73 -12.99 -24.14
CA SER E 228 -37.96 -12.77 -25.56
C SER E 228 -37.71 -14.02 -26.40
N ASN E 229 -36.92 -14.98 -25.91
CA ASN E 229 -36.70 -16.23 -26.64
C ASN E 229 -37.80 -17.27 -26.43
N GLY E 230 -38.87 -16.92 -25.72
CA GLY E 230 -40.00 -17.81 -25.52
C GLY E 230 -40.05 -18.54 -24.19
N VAL E 231 -38.99 -18.45 -23.39
CA VAL E 231 -38.97 -19.12 -22.08
C VAL E 231 -40.01 -18.47 -21.17
N ASN E 232 -40.62 -19.29 -20.31
CA ASN E 232 -41.59 -18.77 -19.36
C ASN E 232 -41.20 -19.17 -17.94
N GLU E 233 -41.27 -18.22 -17.01
CA GLU E 233 -40.95 -18.48 -15.62
C GLU E 233 -42.09 -18.07 -14.71
N LYS E 234 -42.23 -18.81 -13.61
CA LYS E 234 -43.23 -18.55 -12.60
C LYS E 234 -42.60 -18.91 -11.26
N GLN E 235 -42.86 -18.08 -10.24
CA GLN E 235 -42.46 -18.34 -8.86
C GLN E 235 -43.53 -17.81 -7.94
N ASP E 236 -43.80 -18.55 -6.87
CA ASP E 236 -44.76 -18.16 -5.84
C ASP E 236 -44.00 -17.84 -4.57
N ALA E 237 -44.55 -16.94 -3.76
CA ALA E 237 -43.89 -16.53 -2.54
C ALA E 237 -44.93 -16.21 -1.50
N MET E 238 -44.50 -16.20 -0.25
CA MET E 238 -45.42 -15.87 0.80
C MET E 238 -44.64 -15.19 1.92
N SER E 239 -45.36 -14.42 2.72
CA SER E 239 -44.80 -13.78 3.89
C SER E 239 -45.88 -13.69 4.96
N ALA E 240 -45.50 -13.93 6.21
CA ALA E 240 -46.50 -13.75 7.25
C ALA E 240 -45.81 -13.42 8.58
N GLY E 241 -46.55 -12.73 9.44
CA GLY E 241 -46.01 -12.39 10.74
C GLY E 241 -47.08 -12.34 11.79
N LEU E 242 -46.69 -12.67 13.01
CA LEU E 242 -47.59 -12.65 14.14
C LEU E 242 -46.93 -11.93 15.29
N MET E 243 -47.63 -10.94 15.86
CA MET E 243 -47.01 -10.18 16.93
C MET E 243 -48.02 -9.88 18.04
N TYR E 244 -47.53 -9.93 19.27
CA TYR E 244 -48.29 -9.62 20.47
C TYR E 244 -47.69 -8.39 21.16
N THR E 245 -48.49 -7.32 21.27
CA THR E 245 -48.06 -6.06 21.86
C THR E 245 -48.70 -5.91 23.25
N THR E 246 -47.88 -5.89 24.30
CA THR E 246 -48.38 -5.73 25.67
C THR E 246 -47.55 -4.69 26.41
N GLY E 247 -48.19 -3.55 26.74
CA GLY E 247 -47.48 -2.51 27.45
C GLY E 247 -46.40 -1.87 26.59
N ASP E 248 -45.15 -1.94 27.06
CA ASP E 248 -44.02 -1.34 26.36
C ASP E 248 -43.27 -2.36 25.47
N TRP E 249 -43.88 -3.52 25.17
CA TRP E 249 -43.22 -4.63 24.49
C TRP E 249 -44.07 -5.15 23.34
N GLN E 250 -43.40 -5.57 22.26
CA GLN E 250 -44.03 -6.30 21.16
C GLN E 250 -43.18 -7.51 20.84
N TYR E 251 -43.76 -8.70 20.96
CA TYR E 251 -43.11 -9.94 20.56
C TYR E 251 -43.60 -10.25 19.16
N LYS E 252 -42.67 -10.62 18.27
CA LYS E 252 -43.02 -10.79 16.87
C LYS E 252 -42.40 -12.06 16.31
N LEU E 253 -43.20 -12.79 15.56
CA LEU E 253 -42.72 -13.93 14.83
C LEU E 253 -43.04 -13.72 13.36
N GLY E 254 -42.05 -13.89 12.51
CA GLY E 254 -42.22 -13.71 11.09
C GLY E 254 -41.66 -14.90 10.32
N TYR E 255 -42.34 -15.24 9.24
CA TYR E 255 -41.89 -16.31 8.37
C TYR E 255 -42.25 -15.89 6.96
N ALA E 256 -41.31 -16.11 6.05
CA ALA E 256 -41.54 -15.87 4.64
C ALA E 256 -40.80 -16.94 3.87
N ALA E 257 -41.31 -17.22 2.67
CA ALA E 257 -40.72 -18.24 1.83
C ALA E 257 -41.03 -17.96 0.38
N ASN E 258 -40.02 -18.20 -0.46
CA ASN E 258 -40.18 -18.35 -1.89
C ASN E 258 -40.14 -19.84 -2.18
N PHE E 259 -41.07 -20.32 -3.00
CA PHE E 259 -41.08 -21.73 -3.32
C PHE E 259 -40.33 -21.96 -4.61
N ASP E 260 -40.05 -23.25 -4.88
CA ASP E 260 -39.22 -23.63 -6.01
C ASP E 260 -39.68 -22.92 -7.28
N LEU E 261 -38.73 -22.43 -8.04
CA LEU E 261 -39.06 -21.75 -9.28
C LEU E 261 -39.42 -22.75 -10.35
N GLU E 262 -40.42 -22.40 -11.16
CA GLU E 262 -40.84 -23.22 -12.30
C GLU E 262 -40.54 -22.45 -13.57
N ARG E 263 -39.74 -23.04 -14.46
CA ARG E 263 -39.41 -22.48 -15.76
C ARG E 263 -39.90 -23.42 -16.84
N ASP E 264 -40.71 -22.89 -17.77
CA ASP E 264 -41.27 -23.65 -18.88
C ASP E 264 -41.98 -24.92 -18.40
N GLY E 265 -42.68 -24.82 -17.27
CA GLY E 265 -43.43 -25.92 -16.69
C GLY E 265 -42.70 -26.84 -15.73
N LYS E 266 -41.36 -26.90 -15.78
CA LYS E 266 -40.65 -27.76 -14.84
C LYS E 266 -40.26 -26.97 -13.59
N THR E 267 -40.62 -27.50 -12.43
CA THR E 267 -40.17 -26.91 -11.16
C THR E 267 -38.70 -27.31 -10.97
N LEU E 268 -37.83 -26.31 -10.79
CA LEU E 268 -36.42 -26.58 -10.54
C LEU E 268 -36.21 -26.89 -9.07
N SER E 269 -35.64 -28.06 -8.80
CA SER E 269 -35.55 -28.57 -7.45
C SER E 269 -34.49 -27.82 -6.67
N ASN E 270 -34.79 -27.56 -5.41
CA ASN E 270 -33.89 -26.88 -4.49
C ASN E 270 -33.57 -25.46 -4.95
N THR E 271 -34.60 -24.75 -5.43
CA THR E 271 -34.52 -23.32 -5.70
C THR E 271 -35.44 -22.53 -4.79
N SER E 272 -35.77 -23.08 -3.62
CA SER E 272 -36.69 -22.41 -2.71
C SER E 272 -35.91 -21.76 -1.58
N ASP E 273 -36.42 -20.62 -1.11
CA ASP E 273 -35.80 -19.91 -0.01
C ASP E 273 -36.84 -19.78 1.10
N ASP E 274 -36.38 -19.78 2.35
CA ASP E 274 -37.30 -19.38 3.43
C ASP E 274 -36.51 -18.92 4.65
N VAL E 275 -37.15 -18.03 5.41
CA VAL E 275 -36.54 -17.40 6.56
C VAL E 275 -37.50 -17.47 7.73
N VAL E 276 -36.97 -17.79 8.90
CA VAL E 276 -37.70 -17.70 10.16
C VAL E 276 -37.04 -16.61 11.00
N SER E 277 -37.86 -15.83 11.68
CA SER E 277 -37.37 -14.65 12.39
C SER E 277 -38.12 -14.44 13.69
N ALA E 278 -37.37 -14.09 14.73
CA ALA E 278 -37.95 -13.68 15.99
C ALA E 278 -37.38 -12.32 16.38
N GLN E 279 -38.25 -11.47 16.91
CA GLN E 279 -37.86 -10.12 17.27
C GLN E 279 -38.60 -9.71 18.55
N ILE E 280 -37.83 -9.18 19.49
CA ILE E 280 -38.38 -8.58 20.69
C ILE E 280 -38.09 -7.09 20.57
N MET E 281 -39.15 -6.27 20.66
CA MET E 281 -39.03 -4.82 20.54
C MET E 281 -39.54 -4.16 21.81
N TYR E 282 -38.84 -3.12 22.24
CA TYR E 282 -39.15 -2.36 23.44
C TYR E 282 -39.41 -0.89 23.08
N PHE E 283 -40.58 -0.36 23.45
CA PHE E 283 -40.91 1.04 23.15
C PHE E 283 -40.26 1.96 24.18
N VAL E 284 -38.99 2.26 23.94
CA VAL E 284 -38.20 2.98 24.93
C VAL E 284 -38.59 4.44 25.05
N ASP E 285 -39.39 4.95 24.13
CA ASP E 285 -39.83 6.34 24.09
C ASP E 285 -40.87 6.47 22.99
N PRO E 286 -41.79 7.43 23.08
CA PRO E 286 -42.72 7.64 21.97
C PRO E 286 -42.04 7.87 20.64
N SER E 287 -40.74 8.14 20.62
CA SER E 287 -40.04 8.48 19.40
C SER E 287 -38.91 7.51 19.10
N ALA E 288 -38.82 6.41 19.82
CA ALA E 288 -37.71 5.48 19.60
C ALA E 288 -38.11 4.07 20.00
N VAL E 289 -37.38 3.10 19.44
CA VAL E 289 -37.56 1.71 19.80
C VAL E 289 -36.19 1.10 20.01
N LEU E 290 -36.13 0.10 20.88
CA LEU E 290 -35.00 -0.80 20.98
C LEU E 290 -35.47 -2.17 20.49
N TYR E 291 -34.58 -2.94 19.90
CA TYR E 291 -35.00 -4.28 19.49
C TYR E 291 -33.85 -5.26 19.47
N ALA E 292 -34.17 -6.52 19.73
CA ALA E 292 -33.26 -7.63 19.57
C ALA E 292 -33.90 -8.59 18.59
N ARG E 293 -33.08 -9.21 17.74
CA ARG E 293 -33.61 -10.00 16.63
C ARG E 293 -32.72 -11.21 16.32
N ALA E 294 -33.35 -12.34 16.08
CA ALA E 294 -32.64 -13.48 15.53
C ALA E 294 -33.43 -14.01 14.34
N ARG E 295 -32.70 -14.41 13.29
CA ARG E 295 -33.33 -14.90 12.08
C ARG E 295 -32.42 -15.96 11.49
N MET E 296 -33.05 -16.92 10.82
CA MET E 296 -32.34 -18.01 10.16
C MET E 296 -32.73 -18.00 8.70
N ASN E 297 -31.75 -17.79 7.82
CA ASN E 297 -31.99 -17.76 6.38
C ASN E 297 -31.43 -19.01 5.74
N ASP E 298 -32.30 -19.80 5.10
CA ASP E 298 -31.95 -20.98 4.31
C ASP E 298 -32.29 -20.65 2.87
N PHE E 299 -31.28 -20.48 2.05
CA PHE E 299 -31.48 -20.01 0.69
C PHE E 299 -31.41 -21.17 -0.29
N ASN E 300 -31.90 -20.89 -1.49
CA ASN E 300 -31.91 -21.83 -2.59
C ASN E 300 -30.50 -22.28 -2.95
N GLU E 301 -30.43 -23.40 -3.65
CA GLU E 301 -29.17 -24.06 -3.93
C GLU E 301 -28.55 -23.70 -5.27
N GLY E 302 -29.17 -22.86 -6.07
CA GLY E 302 -28.52 -22.33 -7.26
C GLY E 302 -29.32 -22.54 -8.50
N LEU E 303 -29.14 -21.65 -9.47
CA LEU E 303 -29.75 -21.82 -10.77
C LEU E 303 -29.04 -20.92 -11.76
N ASP E 304 -29.01 -21.36 -13.01
CA ASP E 304 -28.46 -20.63 -14.13
C ASP E 304 -29.56 -19.86 -14.84
N GLY E 305 -29.20 -18.75 -15.46
CA GLY E 305 -30.15 -17.96 -16.23
C GLY E 305 -30.22 -18.44 -17.67
N LEU E 306 -30.84 -17.60 -18.51
CA LEU E 306 -31.00 -17.94 -19.92
C LEU E 306 -29.75 -17.65 -20.75
N ASP E 307 -28.62 -17.34 -20.12
CA ASP E 307 -27.34 -17.29 -20.82
C ASP E 307 -26.43 -18.42 -20.37
N ASP E 308 -26.99 -19.43 -19.69
CA ASP E 308 -26.26 -20.59 -19.20
C ASP E 308 -25.13 -20.19 -18.23
N ALA E 309 -25.28 -19.00 -17.63
CA ALA E 309 -24.43 -18.51 -16.56
C ALA E 309 -25.29 -18.33 -15.31
N ALA E 310 -24.63 -18.41 -14.15
CA ALA E 310 -25.35 -18.34 -12.88
C ALA E 310 -26.17 -17.06 -12.79
N ARG E 311 -27.39 -17.19 -12.25
CA ARG E 311 -28.25 -16.06 -11.95
C ARG E 311 -28.11 -15.71 -10.47
N TRP E 312 -27.84 -14.44 -10.20
CA TRP E 312 -27.64 -14.00 -8.82
C TRP E 312 -28.96 -14.05 -8.06
N THR E 313 -28.90 -14.50 -6.80
CA THR E 313 -30.05 -14.43 -5.91
C THR E 313 -29.58 -13.93 -4.55
N SER E 314 -30.52 -13.68 -3.65
CA SER E 314 -30.08 -13.39 -2.29
C SER E 314 -29.38 -14.58 -1.64
N GLY E 315 -29.37 -15.73 -2.29
CA GLY E 315 -28.71 -16.90 -1.74
C GLY E 315 -27.30 -17.13 -2.27
N THR E 316 -26.93 -16.37 -3.32
CA THR E 316 -25.61 -16.51 -3.92
C THR E 316 -24.51 -16.50 -2.88
N ASN E 317 -24.68 -15.70 -1.82
CA ASN E 317 -23.63 -15.60 -0.84
C ASN E 317 -23.71 -16.69 0.22
N GLY E 318 -24.87 -17.32 0.39
CA GLY E 318 -24.94 -18.45 1.30
C GLY E 318 -25.95 -18.38 2.43
N ASP E 319 -26.29 -19.53 3.00
CA ASP E 319 -27.17 -19.57 4.16
C ASP E 319 -26.51 -18.83 5.31
N TYR E 320 -27.31 -18.15 6.11
CA TYR E 320 -26.74 -17.52 7.29
C TYR E 320 -27.84 -17.27 8.30
N ASN E 321 -27.40 -17.14 9.54
CA ASN E 321 -28.22 -16.75 10.66
C ASN E 321 -27.72 -15.41 11.18
N GLU E 322 -28.62 -14.67 11.83
CA GLU E 322 -28.27 -13.33 12.25
C GLU E 322 -28.81 -13.05 13.63
N TYR E 323 -27.97 -12.49 14.49
CA TYR E 323 -28.36 -12.03 15.81
C TYR E 323 -28.06 -10.55 15.92
N SER E 324 -29.06 -9.75 16.28
CA SER E 324 -28.92 -8.30 16.25
C SER E 324 -29.66 -7.63 17.41
N VAL E 325 -29.08 -6.54 17.89
CA VAL E 325 -29.76 -5.55 18.71
C VAL E 325 -29.73 -4.24 17.95
N GLY E 326 -30.69 -3.36 18.23
CA GLY E 326 -30.76 -2.12 17.48
C GLY E 326 -31.61 -1.08 18.17
N VAL E 327 -31.60 0.12 17.59
CA VAL E 327 -32.37 1.25 18.10
C VAL E 327 -32.81 2.10 16.91
N GLU E 328 -34.02 2.66 16.97
CA GLU E 328 -34.49 3.59 15.93
C GLU E 328 -35.19 4.76 16.60
N TYR E 329 -34.84 5.98 16.20
CA TYR E 329 -35.41 7.21 16.75
C TYR E 329 -35.84 8.11 15.60
N TYR E 330 -37.01 8.72 15.76
CA TYR E 330 -37.58 9.57 14.72
C TYR E 330 -37.66 11.01 15.22
N PHE E 331 -37.27 11.94 14.37
CA PHE E 331 -37.49 13.36 14.66
C PHE E 331 -37.90 14.04 13.35
N GLU F 1 -28.19 30.12 7.04
CA GLU F 1 -29.54 29.77 6.60
C GLU F 1 -29.54 28.53 5.72
N VAL F 2 -30.62 27.78 5.77
CA VAL F 2 -30.85 26.72 4.80
C VAL F 2 -31.70 27.30 3.70
N TYR F 3 -31.33 27.00 2.47
CA TYR F 3 -32.10 27.44 1.33
C TYR F 3 -32.19 26.27 0.38
N GLY F 4 -33.05 26.42 -0.61
CA GLY F 4 -33.23 25.35 -1.56
C GLY F 4 -33.92 25.88 -2.78
N ILE F 5 -33.73 25.18 -3.87
CA ILE F 5 -34.56 25.36 -5.06
C ILE F 5 -35.15 23.99 -5.33
N ILE F 6 -36.47 23.85 -5.18
CA ILE F 6 -37.14 22.61 -5.55
C ILE F 6 -37.55 22.77 -7.00
N ALA F 7 -36.95 21.98 -7.88
CA ALA F 7 -37.09 22.19 -9.31
C ALA F 7 -37.21 20.84 -9.99
N MET F 8 -38.38 20.59 -10.57
CA MET F 8 -38.67 19.36 -11.29
C MET F 8 -39.13 19.70 -12.70
N GLN F 9 -38.67 18.90 -13.67
CA GLN F 9 -39.07 19.04 -15.06
C GLN F 9 -39.42 17.66 -15.58
N ALA F 10 -40.63 17.50 -16.11
CA ALA F 10 -41.02 16.29 -16.84
C ALA F 10 -40.80 16.60 -18.31
N ALA F 11 -39.92 15.83 -18.95
CA ALA F 11 -39.56 16.16 -20.32
C ALA F 11 -39.54 14.89 -21.16
N TYR F 12 -40.24 14.94 -22.30
CA TYR F 12 -40.19 13.89 -23.32
C TYR F 12 -39.30 14.33 -24.49
N ARG F 13 -38.36 13.46 -24.89
CA ARG F 13 -37.45 13.68 -26.03
C ARG F 13 -37.64 12.62 -27.12
N ASP F 14 -37.83 13.08 -28.36
CA ASP F 14 -37.85 12.23 -29.56
C ASP F 14 -36.53 12.45 -30.29
N TYR F 15 -35.72 11.42 -30.36
CA TYR F 15 -34.41 11.54 -30.99
C TYR F 15 -34.46 11.17 -32.47
N ASP F 16 -33.43 11.64 -33.20
CA ASP F 16 -33.19 11.33 -34.60
C ASP F 16 -31.68 11.08 -34.77
N SER F 17 -31.22 9.94 -34.27
CA SER F 17 -29.79 9.68 -34.27
C SER F 17 -29.31 8.84 -35.44
N GLY F 18 -30.21 8.25 -36.21
CA GLY F 18 -29.78 7.34 -37.25
C GLY F 18 -29.64 5.90 -36.82
N ASP F 19 -29.91 5.59 -35.54
CA ASP F 19 -30.02 4.22 -35.03
C ASP F 19 -31.34 4.13 -34.28
N ALA F 20 -32.10 3.06 -34.53
CA ALA F 20 -33.40 2.95 -33.90
C ALA F 20 -33.29 2.56 -32.44
N LYS F 21 -32.40 1.63 -32.09
CA LYS F 21 -32.18 1.34 -30.68
C LYS F 21 -31.60 2.57 -29.96
N GLN F 22 -30.65 3.24 -30.59
CA GLN F 22 -30.08 4.42 -29.94
C GLN F 22 -31.16 5.49 -29.76
N ASP F 23 -32.02 5.68 -30.76
CA ASP F 23 -33.16 6.57 -30.60
C ASP F 23 -34.10 6.08 -29.52
N ASP F 24 -34.23 4.75 -29.38
CA ASP F 24 -35.15 4.19 -28.40
C ASP F 24 -34.62 4.38 -27.00
N ASN F 25 -33.30 4.26 -26.83
CA ASN F 25 -32.68 4.36 -25.52
C ASN F 25 -32.70 5.80 -25.00
N LEU F 26 -32.04 6.71 -25.74
CA LEU F 26 -31.93 8.11 -25.36
C LEU F 26 -33.29 8.79 -25.27
N GLY F 27 -34.22 8.40 -26.12
CA GLY F 27 -35.52 9.04 -26.12
C GLY F 27 -36.45 8.47 -25.08
N GLY F 28 -37.58 9.12 -24.96
CA GLY F 28 -38.62 8.77 -24.01
C GLY F 28 -38.88 9.89 -23.05
N MET F 29 -39.69 9.59 -22.05
CA MET F 29 -40.02 10.56 -21.03
C MET F 29 -39.16 10.28 -19.81
N GLN F 30 -38.65 11.35 -19.20
CA GLN F 30 -37.83 11.28 -18.00
C GLN F 30 -38.21 12.43 -17.10
N LEU F 31 -37.84 12.34 -15.83
CA LEU F 31 -37.94 13.46 -14.91
C LEU F 31 -36.56 14.03 -14.63
N ASN F 32 -36.44 15.34 -14.70
CA ASN F 32 -35.22 16.08 -14.41
C ASN F 32 -35.41 16.73 -13.04
N ASN F 33 -35.03 16.01 -11.98
CA ASN F 33 -35.14 16.56 -10.64
C ASN F 33 -33.91 17.39 -10.35
N GLU F 34 -33.98 18.70 -10.57
CA GLU F 34 -32.86 19.55 -10.27
C GLU F 34 -32.97 20.20 -8.89
N SER F 35 -33.75 19.61 -7.99
CA SER F 35 -33.88 20.17 -6.65
C SER F 35 -32.54 20.10 -5.92
N ARG F 36 -32.28 21.14 -5.12
CA ARG F 36 -30.99 21.25 -4.47
C ARG F 36 -31.15 21.99 -3.16
N ILE F 37 -30.39 21.59 -2.16
CA ILE F 37 -30.40 22.20 -0.85
C ILE F 37 -29.05 22.84 -0.61
N GLY F 38 -29.06 24.02 0.02
CA GLY F 38 -27.84 24.74 0.27
C GLY F 38 -27.77 25.27 1.69
N PHE F 39 -26.55 25.63 2.09
CA PHE F 39 -26.28 26.27 3.36
C PHE F 39 -25.47 27.52 3.09
N ARG F 40 -25.74 28.56 3.86
CA ARG F 40 -25.16 29.86 3.62
C ARG F 40 -25.00 30.61 4.93
N GLY F 41 -24.02 31.50 5.00
CA GLY F 41 -23.85 32.32 6.18
C GLY F 41 -22.93 33.51 5.96
N LYS F 42 -23.08 34.51 6.84
CA LYS F 42 -22.20 35.66 6.92
C LYS F 42 -21.72 35.78 8.35
N LYS F 43 -20.58 36.42 8.57
CA LYS F 43 -20.12 36.61 9.94
C LYS F 43 -19.21 37.82 10.00
N GLN F 44 -19.42 38.66 11.01
CA GLN F 44 -18.57 39.83 11.21
C GLN F 44 -17.45 39.46 12.15
N PHE F 45 -16.25 39.34 11.58
CA PHE F 45 -15.10 39.01 12.39
C PHE F 45 -14.74 40.21 13.25
N ALA F 46 -14.31 39.91 14.47
CA ALA F 46 -13.98 40.96 15.44
C ALA F 46 -12.80 41.80 14.97
N ASN F 47 -11.85 41.18 14.28
CA ASN F 47 -10.60 41.80 13.89
C ASN F 47 -10.45 41.87 12.39
N PHE F 48 -11.53 42.13 11.67
CA PHE F 48 -11.44 42.31 10.21
C PHE F 48 -12.69 43.00 9.71
N GLU F 49 -12.55 44.19 9.15
CA GLU F 49 -13.75 44.95 8.76
C GLU F 49 -14.59 44.25 7.68
N PRO F 50 -14.04 43.70 6.60
CA PRO F 50 -14.90 43.10 5.57
C PRO F 50 -15.68 41.91 6.12
N THR F 51 -16.94 41.79 5.71
CA THR F 51 -17.78 40.72 6.23
C THR F 51 -17.41 39.39 5.58
N PHE F 52 -17.22 38.37 6.41
CA PHE F 52 -16.92 37.02 5.93
C PHE F 52 -18.20 36.33 5.45
N ILE F 53 -18.13 35.67 4.29
CA ILE F 53 -19.26 34.97 3.71
C ILE F 53 -18.87 33.55 3.34
N TRP F 54 -19.86 32.67 3.30
CA TRP F 54 -19.58 31.28 2.93
C TRP F 54 -20.85 30.61 2.45
N GLN F 55 -20.68 29.62 1.59
CA GLN F 55 -21.83 28.92 1.08
C GLN F 55 -21.42 27.49 0.74
N ILE F 56 -22.32 26.55 1.01
CA ILE F 56 -22.18 25.15 0.62
C ILE F 56 -23.51 24.76 -0.03
N GLU F 57 -23.52 24.59 -1.34
CA GLU F 57 -24.73 24.19 -2.06
C GLU F 57 -24.56 22.79 -2.63
N GLY F 58 -25.58 21.97 -2.51
CA GLY F 58 -25.52 20.62 -2.97
C GLY F 58 -25.92 20.52 -4.41
N GLY F 59 -25.67 19.37 -5.01
CA GLY F 59 -25.97 19.16 -6.41
C GLY F 59 -27.44 18.84 -6.68
N TYR F 60 -27.72 18.64 -7.97
CA TYR F 60 -29.02 18.15 -8.39
C TYR F 60 -29.30 16.80 -7.75
N VAL F 61 -30.47 16.65 -7.14
CA VAL F 61 -30.74 15.44 -6.36
C VAL F 61 -31.05 14.24 -7.24
N ASP F 62 -31.61 14.47 -8.44
CA ASP F 62 -31.83 13.41 -9.41
C ASP F 62 -32.05 13.96 -10.82
N PRO F 63 -31.00 14.40 -11.50
CA PRO F 63 -31.17 14.90 -12.85
C PRO F 63 -31.53 13.77 -13.80
N SER F 64 -32.03 14.15 -14.96
CA SER F 64 -32.30 13.17 -16.00
C SER F 64 -30.99 12.58 -16.50
N PHE F 65 -31.06 11.37 -17.05
CA PHE F 65 -29.87 10.67 -17.54
C PHE F 65 -28.86 10.39 -16.46
N GLY F 66 -29.26 10.43 -15.20
CA GLY F 66 -28.32 10.13 -14.12
C GLY F 66 -29.01 9.44 -12.97
N GLY F 67 -28.18 8.84 -12.14
CA GLY F 67 -28.68 8.16 -10.97
C GLY F 67 -29.02 9.13 -9.88
N GLU F 68 -29.62 8.59 -8.83
CA GLU F 68 -30.13 9.40 -7.73
C GLU F 68 -29.02 9.86 -6.79
N GLY F 69 -29.25 11.00 -6.14
CA GLY F 69 -28.32 11.39 -5.10
C GLY F 69 -27.29 12.42 -5.48
N ALA F 70 -27.12 13.42 -4.61
CA ALA F 70 -26.10 14.45 -4.73
C ALA F 70 -25.47 14.71 -3.37
N GLY F 71 -24.21 15.10 -3.40
CA GLY F 71 -23.48 15.45 -2.20
C GLY F 71 -23.50 16.95 -1.97
N LEU F 72 -23.08 17.34 -0.79
CA LEU F 72 -22.91 18.76 -0.49
C LEU F 72 -21.60 19.26 -1.08
N GLY F 73 -21.67 20.36 -1.81
CA GLY F 73 -20.49 20.96 -2.41
C GLY F 73 -20.40 20.84 -3.90
N GLU F 74 -21.35 20.17 -4.53
CA GLU F 74 -21.33 19.98 -5.97
C GLU F 74 -21.65 21.25 -6.75
N ARG F 75 -22.37 22.19 -6.17
CA ARG F 75 -22.67 23.46 -6.84
C ARG F 75 -21.88 24.55 -6.10
N ASP F 76 -22.27 25.83 -6.28
CA ASP F 76 -21.47 26.95 -5.75
C ASP F 76 -21.16 26.84 -4.26
N THR F 77 -19.90 26.58 -3.89
CA THR F 77 -19.52 26.42 -2.49
C THR F 77 -18.18 27.10 -2.27
N PHE F 78 -18.15 28.07 -1.36
CA PHE F 78 -17.01 28.98 -1.27
C PHE F 78 -16.90 29.59 0.12
N VAL F 79 -15.74 30.19 0.38
CA VAL F 79 -15.60 31.18 1.43
C VAL F 79 -15.24 32.47 0.72
N GLY F 80 -15.29 33.57 1.47
CA GLY F 80 -15.00 34.86 0.85
C GLY F 80 -15.26 35.99 1.81
N PHE F 81 -14.92 37.19 1.34
CA PHE F 81 -15.12 38.42 2.08
C PHE F 81 -15.87 39.41 1.21
N GLU F 82 -16.66 40.27 1.83
CA GLU F 82 -17.34 41.32 1.09
C GLU F 82 -17.22 42.64 1.83
N SER F 83 -17.16 43.71 1.06
CA SER F 83 -17.13 45.08 1.55
C SER F 83 -17.99 45.87 0.59
N ALA F 84 -18.79 46.81 1.12
CA ALA F 84 -19.58 47.66 0.23
C ALA F 84 -18.65 48.50 -0.63
N SER F 85 -17.46 48.80 -0.09
CA SER F 85 -16.49 49.64 -0.78
C SER F 85 -15.97 48.96 -2.04
N TRP F 86 -15.38 47.78 -1.91
CA TRP F 86 -14.70 47.16 -3.05
C TRP F 86 -15.39 45.89 -3.54
N GLY F 87 -16.57 45.61 -3.06
CA GLY F 87 -17.27 44.45 -3.58
C GLY F 87 -17.06 43.18 -2.80
N GLN F 88 -16.87 42.07 -3.51
CA GLN F 88 -16.86 40.77 -2.87
C GLN F 88 -15.80 39.87 -3.50
N VAL F 89 -15.02 39.22 -2.65
CA VAL F 89 -14.03 38.24 -3.09
C VAL F 89 -14.51 36.89 -2.61
N ARG F 90 -14.36 35.87 -3.45
CA ARG F 90 -14.83 34.53 -3.16
C ARG F 90 -13.75 33.55 -3.56
N LEU F 91 -13.45 32.60 -2.68
CA LEU F 91 -12.54 31.50 -2.95
C LEU F 91 -13.31 30.20 -2.91
N GLY F 92 -13.07 29.34 -3.88
CA GLY F 92 -13.68 28.04 -3.85
C GLY F 92 -14.16 27.55 -5.21
N ARG F 93 -15.38 27.06 -5.25
CA ARG F 93 -16.00 26.59 -6.49
C ARG F 93 -17.10 27.56 -6.89
N VAL F 94 -16.90 28.31 -7.98
CA VAL F 94 -17.87 29.32 -8.42
C VAL F 94 -17.95 29.29 -9.94
N LEU F 95 -18.95 30.01 -10.47
CA LEU F 95 -19.03 30.23 -11.91
C LEU F 95 -17.97 31.21 -12.38
N THR F 96 -17.43 30.98 -13.59
CA THR F 96 -16.51 31.93 -14.21
C THR F 96 -17.27 33.12 -14.79
N PRO F 97 -16.63 34.29 -14.82
CA PRO F 97 -17.32 35.49 -15.35
C PRO F 97 -17.91 35.29 -16.72
N MET F 98 -17.23 34.53 -17.57
CA MET F 98 -17.78 34.31 -18.91
C MET F 98 -18.96 33.39 -18.85
N TYR F 99 -18.81 32.29 -18.14
CA TYR F 99 -19.89 31.31 -18.07
C TYR F 99 -21.17 31.94 -17.56
N GLU F 100 -21.05 32.88 -16.61
CA GLU F 100 -22.26 33.45 -16.03
C GLU F 100 -23.17 34.04 -17.10
N LEU F 101 -22.59 34.69 -18.13
CA LEU F 101 -23.39 35.29 -19.19
C LEU F 101 -23.83 34.25 -20.21
N VAL F 102 -23.03 33.20 -20.36
CA VAL F 102 -23.42 32.08 -21.21
C VAL F 102 -24.64 31.37 -20.64
N ASP F 103 -24.68 31.18 -19.31
CA ASP F 103 -25.84 30.52 -18.70
C ASP F 103 -27.05 31.46 -18.66
N TRP F 104 -26.88 32.63 -18.04
CA TRP F 104 -27.93 33.61 -17.94
C TRP F 104 -27.40 34.92 -18.49
N PRO F 105 -28.08 35.55 -19.45
CA PRO F 105 -29.42 35.09 -19.87
C PRO F 105 -29.45 34.11 -21.03
N ALA F 106 -28.28 33.81 -21.60
CA ALA F 106 -28.17 33.30 -22.97
C ALA F 106 -28.46 31.79 -23.14
N SER F 107 -28.58 31.02 -22.07
CA SER F 107 -28.81 29.59 -22.22
C SER F 107 -30.28 29.20 -22.04
N ASN F 108 -31.14 30.15 -21.71
CA ASN F 108 -32.55 29.95 -21.44
C ASN F 108 -33.41 30.45 -22.59
N PRO F 109 -34.40 29.67 -23.06
CA PRO F 109 -34.93 28.42 -22.53
C PRO F 109 -34.51 27.16 -23.24
N GLY F 110 -33.68 26.33 -22.59
CA GLY F 110 -33.31 25.07 -23.18
C GLY F 110 -32.29 25.19 -24.30
N LEU F 111 -31.58 26.31 -24.36
CA LEU F 111 -30.56 26.54 -25.37
C LEU F 111 -29.22 25.98 -24.94
N GLY F 112 -29.17 25.29 -23.81
CA GLY F 112 -27.89 24.91 -23.25
C GLY F 112 -27.21 23.83 -24.05
N ASP F 113 -27.97 22.85 -24.55
CA ASP F 113 -27.37 21.76 -25.30
C ASP F 113 -26.56 22.29 -26.49
N VAL F 114 -26.90 23.47 -26.99
CA VAL F 114 -26.18 24.11 -28.10
C VAL F 114 -25.17 25.17 -27.63
N TYR F 115 -25.61 26.18 -26.88
CA TYR F 115 -24.81 27.36 -26.56
C TYR F 115 -23.95 27.23 -25.32
N ASP F 116 -24.28 26.30 -24.43
CA ASP F 116 -23.50 26.10 -23.21
C ASP F 116 -22.32 25.16 -23.46
N TRP F 117 -22.55 23.85 -23.44
CA TRP F 117 -21.51 22.85 -23.65
C TRP F 117 -21.48 22.32 -25.08
N GLY F 118 -22.30 22.89 -25.96
CA GLY F 118 -22.21 22.58 -27.36
C GLY F 118 -21.03 23.31 -28.02
N GLY F 119 -20.72 22.89 -29.24
CA GLY F 119 -19.62 23.50 -29.96
C GLY F 119 -18.60 22.44 -30.32
N ALA F 120 -17.72 22.72 -31.29
CA ALA F 120 -16.77 21.73 -31.74
C ALA F 120 -15.32 22.10 -31.48
N ILE F 121 -15.04 23.31 -31.00
CA ILE F 121 -13.66 23.74 -30.81
C ILE F 121 -12.93 22.73 -29.92
N GLY F 122 -11.62 22.67 -30.10
CA GLY F 122 -10.78 21.83 -29.27
C GLY F 122 -10.41 22.52 -27.98
N GLY F 123 -9.81 21.76 -27.08
CA GLY F 123 -9.42 22.36 -25.81
C GLY F 123 -10.63 22.57 -24.92
N ALA F 124 -10.70 23.79 -24.37
CA ALA F 124 -11.71 24.18 -23.40
C ALA F 124 -12.25 25.57 -23.76
N LYS F 125 -13.45 25.63 -24.36
CA LYS F 125 -14.01 26.92 -24.77
C LYS F 125 -13.96 27.92 -23.60
N TYR F 126 -14.57 27.54 -22.49
CA TYR F 126 -14.51 28.25 -21.22
C TYR F 126 -14.77 27.19 -20.16
N GLN F 127 -14.56 27.55 -18.91
CA GLN F 127 -15.03 26.69 -17.82
C GLN F 127 -16.40 27.15 -17.35
N ASP F 128 -17.15 26.22 -16.79
CA ASP F 128 -18.45 26.49 -16.16
C ASP F 128 -18.30 26.02 -14.72
N ARG F 129 -18.51 26.92 -13.76
CA ARG F 129 -18.53 26.51 -12.34
C ARG F 129 -17.32 25.63 -12.00
N GLN F 130 -16.22 26.21 -11.54
CA GLN F 130 -14.96 25.49 -11.43
C GLN F 130 -14.41 25.61 -10.01
N SER F 131 -13.89 24.49 -9.47
CA SER F 131 -13.25 24.55 -8.16
C SER F 131 -11.93 25.31 -8.27
N ASN F 132 -11.28 25.51 -7.13
CA ASN F 132 -9.98 26.18 -7.05
C ASN F 132 -10.01 27.51 -7.79
N THR F 133 -10.92 28.39 -7.38
CA THR F 133 -11.11 29.65 -8.09
C THR F 133 -11.07 30.81 -7.11
N ILE F 134 -10.46 31.91 -7.53
CA ILE F 134 -10.58 33.18 -6.83
C ILE F 134 -11.34 34.10 -7.77
N ARG F 135 -12.44 34.67 -7.28
CA ARG F 135 -13.33 35.52 -8.07
C ARG F 135 -13.66 36.83 -7.37
N TRP F 136 -13.44 37.94 -8.07
CA TRP F 136 -13.82 39.25 -7.56
C TRP F 136 -15.04 39.69 -8.35
N ASP F 137 -16.12 40.01 -7.63
CA ASP F 137 -17.31 40.61 -8.22
C ASP F 137 -17.42 41.98 -7.56
N SER F 138 -17.24 43.03 -8.34
CA SER F 138 -17.18 44.41 -7.86
C SER F 138 -18.56 44.96 -7.55
N PRO F 139 -18.63 46.03 -6.77
CA PRO F 139 -19.93 46.67 -6.51
C PRO F 139 -20.46 47.25 -7.81
N MET F 140 -21.75 47.61 -7.81
CA MET F 140 -22.38 48.22 -8.98
C MET F 140 -22.15 49.73 -9.02
N TYR F 141 -20.96 50.13 -9.49
CA TYR F 141 -20.56 51.53 -9.57
C TYR F 141 -21.62 52.39 -10.26
N ALA F 142 -21.98 53.50 -9.62
CA ALA F 142 -22.95 54.45 -10.19
C ALA F 142 -24.27 53.77 -10.51
N ASP F 143 -24.58 52.66 -9.82
CA ASP F 143 -25.75 51.84 -10.10
C ASP F 143 -25.83 51.52 -11.60
N LYS F 144 -24.68 51.40 -12.24
CA LYS F 144 -24.65 51.27 -13.69
C LYS F 144 -23.65 50.22 -14.16
N PHE F 145 -22.49 50.16 -13.51
CA PHE F 145 -21.34 49.46 -14.07
C PHE F 145 -20.80 48.46 -13.05
N SER F 146 -20.57 47.22 -13.51
CA SER F 146 -20.00 46.17 -12.67
C SER F 146 -18.97 45.38 -13.48
N ILE F 147 -17.97 44.85 -12.76
CA ILE F 147 -16.88 44.03 -13.31
C ILE F 147 -16.85 42.70 -12.58
N ASP F 148 -16.63 41.61 -13.33
CA ASP F 148 -16.40 40.28 -12.79
C ASP F 148 -15.04 39.79 -13.30
N ALA F 149 -14.16 39.37 -12.38
CA ALA F 149 -12.81 38.97 -12.73
C ALA F 149 -12.35 37.81 -11.85
N ALA F 150 -11.88 36.73 -12.47
CA ALA F 150 -11.51 35.53 -11.73
C ALA F 150 -10.35 34.82 -12.40
N VAL F 151 -9.48 34.21 -11.60
CA VAL F 151 -8.48 33.28 -12.11
C VAL F 151 -8.59 31.98 -11.32
N GLY F 152 -8.25 30.87 -11.97
CA GLY F 152 -8.39 29.60 -11.27
C GLY F 152 -7.61 28.51 -11.95
N ALA F 153 -7.49 27.40 -11.23
CA ALA F 153 -6.86 26.19 -11.72
C ALA F 153 -7.79 25.41 -12.65
N GLY F 154 -7.21 24.53 -13.46
CA GLY F 154 -7.97 23.81 -14.46
C GLY F 154 -8.53 22.50 -13.94
N ASP F 155 -9.29 21.83 -14.81
CA ASP F 155 -9.93 20.59 -14.40
C ASP F 155 -8.87 19.56 -14.03
N LYS F 156 -7.81 19.47 -14.83
CA LYS F 156 -6.79 18.47 -14.52
C LYS F 156 -5.92 18.90 -13.35
N ALA F 157 -5.60 20.19 -13.25
CA ALA F 157 -4.74 20.61 -12.15
C ALA F 157 -5.41 20.39 -10.80
N GLY F 158 -6.73 20.50 -10.75
CA GLY F 158 -7.43 20.32 -9.49
C GLY F 158 -7.50 18.90 -8.98
N LEU F 159 -6.97 17.95 -9.73
CA LEU F 159 -6.80 16.58 -9.28
C LEU F 159 -5.33 16.21 -9.12
N GLY F 160 -4.44 17.18 -9.23
CA GLY F 160 -3.04 16.84 -9.19
C GLY F 160 -2.62 16.06 -10.42
N ALA F 161 -3.31 16.26 -11.53
CA ALA F 161 -3.06 15.53 -12.76
C ALA F 161 -2.79 16.47 -13.93
N GLY F 162 -2.35 17.70 -13.64
CA GLY F 162 -2.13 18.67 -14.70
C GLY F 162 -1.57 19.98 -14.17
N ASP F 163 -1.44 20.91 -15.10
CA ASP F 163 -1.08 22.30 -14.84
C ASP F 163 -2.03 23.21 -15.59
N ASP F 164 -3.27 22.74 -15.78
CA ASP F 164 -4.28 23.53 -16.46
C ASP F 164 -4.66 24.73 -15.57
N TYR F 165 -4.84 25.89 -16.19
CA TYR F 165 -5.29 27.08 -15.47
C TYR F 165 -6.08 27.97 -16.44
N TRP F 166 -6.64 29.08 -15.93
CA TRP F 166 -7.59 29.89 -16.71
C TRP F 166 -7.78 31.23 -16.03
N GLY F 167 -8.13 32.23 -16.83
CA GLY F 167 -8.49 33.53 -16.32
C GLY F 167 -9.65 34.06 -17.13
N GLY F 168 -10.40 34.96 -16.52
CA GLY F 168 -11.59 35.45 -17.17
C GLY F 168 -12.00 36.78 -16.62
N ILE F 169 -12.75 37.51 -17.41
CA ILE F 169 -13.23 38.81 -16.99
C ILE F 169 -14.49 39.08 -17.78
N ALA F 170 -15.43 39.78 -17.14
CA ALA F 170 -16.67 40.14 -17.82
C ALA F 170 -17.10 41.46 -17.24
N ALA F 171 -17.82 42.24 -18.04
CA ALA F 171 -18.27 43.54 -17.58
C ALA F 171 -19.67 43.81 -18.11
N HIS F 172 -20.41 44.58 -17.33
CA HIS F 172 -21.78 44.96 -17.66
C HIS F 172 -21.98 46.44 -17.41
N TYR F 173 -22.70 47.09 -18.31
CA TYR F 173 -23.07 48.48 -18.17
C TYR F 173 -24.56 48.55 -18.42
N LYS F 174 -25.29 49.18 -17.49
CA LYS F 174 -26.72 49.39 -17.58
C LYS F 174 -26.96 50.76 -18.18
N LEU F 175 -27.77 50.81 -19.23
CA LEU F 175 -28.10 52.04 -19.94
C LEU F 175 -29.64 52.12 -20.01
N GLY F 176 -30.26 52.70 -19.00
CA GLY F 176 -31.70 52.75 -18.96
C GLY F 176 -32.33 51.38 -18.98
N PRO F 177 -33.05 51.06 -20.05
CA PRO F 177 -33.68 49.74 -20.17
C PRO F 177 -32.80 48.66 -20.78
N LEU F 178 -31.58 49.00 -21.15
CA LEU F 178 -30.67 48.06 -21.78
C LEU F 178 -29.47 47.83 -20.85
N GLN F 179 -28.85 46.66 -20.97
CA GLN F 179 -27.59 46.39 -20.31
C GLN F 179 -26.61 45.81 -21.32
N LEU F 180 -25.43 46.43 -21.47
CA LEU F 180 -24.40 45.91 -22.37
C LEU F 180 -23.44 45.00 -21.62
N ASP F 181 -23.21 43.81 -22.17
CA ASP F 181 -22.41 42.78 -21.55
C ASP F 181 -21.22 42.43 -22.42
N ALA F 182 -20.05 42.26 -21.80
CA ALA F 182 -18.87 41.80 -22.53
C ALA F 182 -18.10 40.83 -21.65
N ALA F 183 -17.64 39.72 -22.22
CA ALA F 183 -16.95 38.73 -21.42
C ALA F 183 -15.75 38.16 -22.17
N TYR F 184 -14.81 37.65 -21.39
CA TYR F 184 -13.59 37.07 -21.95
C TYR F 184 -13.14 35.91 -21.07
N GLU F 185 -12.60 34.89 -21.70
CA GLU F 185 -11.95 33.82 -20.97
C GLU F 185 -10.78 33.23 -21.75
N GLY F 186 -9.67 33.00 -21.04
CA GLY F 186 -8.55 32.30 -21.63
C GLY F 186 -8.13 31.07 -20.83
N ASN F 187 -8.08 29.90 -21.47
CA ASN F 187 -7.66 28.67 -20.82
C ASN F 187 -6.29 28.28 -21.35
N ARG F 188 -5.39 27.89 -20.46
CA ARG F 188 -4.01 27.57 -20.80
C ARG F 188 -3.63 26.16 -20.34
N ASN F 189 -2.64 25.61 -21.04
CA ASN F 189 -2.02 24.31 -20.70
C ASN F 189 -3.05 23.18 -20.67
N ILE F 190 -4.04 23.24 -21.56
CA ILE F 190 -5.09 22.23 -21.60
C ILE F 190 -4.54 21.02 -22.36
N GLU F 191 -4.39 19.90 -21.67
CA GLU F 191 -3.91 18.68 -22.31
C GLU F 191 -5.15 17.92 -22.81
N ALA F 192 -5.30 17.81 -24.14
CA ALA F 192 -6.40 17.05 -24.73
C ALA F 192 -6.06 16.67 -26.16
N GLU F 193 -6.63 15.55 -26.61
CA GLU F 193 -6.44 15.02 -27.98
C GLU F 193 -4.95 14.80 -28.30
N GLY F 194 -4.15 14.48 -27.29
CA GLY F 194 -2.73 14.26 -27.48
C GLY F 194 -1.93 15.52 -27.72
N GLN F 195 -2.53 16.70 -27.63
CA GLN F 195 -1.83 17.95 -27.75
C GLN F 195 -2.14 18.83 -26.53
N THR F 196 -1.53 20.00 -26.48
CA THR F 196 -1.80 20.97 -25.43
C THR F 196 -2.30 22.26 -26.05
N TRP F 197 -3.49 22.69 -25.65
CA TRP F 197 -4.12 23.82 -26.28
C TRP F 197 -4.08 25.08 -25.43
N GLU F 198 -4.31 26.20 -26.10
CA GLU F 198 -4.56 27.48 -25.47
C GLU F 198 -5.85 27.99 -26.10
N ASN F 199 -6.85 28.29 -25.26
CA ASN F 199 -8.13 28.75 -25.74
C ASN F 199 -8.33 30.23 -25.44
N ASN F 200 -9.08 30.90 -26.30
CA ASN F 200 -9.44 32.29 -26.06
C ASN F 200 -10.84 32.55 -26.57
N THR F 201 -11.75 32.92 -25.66
CA THR F 201 -13.14 33.20 -26.01
C THR F 201 -13.52 34.60 -25.59
N TYR F 202 -14.36 35.22 -26.42
CA TYR F 202 -14.84 36.57 -26.21
C TYR F 202 -16.36 36.56 -26.33
N LEU F 203 -17.02 37.42 -25.56
CA LEU F 203 -18.48 37.44 -25.65
C LEU F 203 -18.97 38.87 -25.55
N VAL F 204 -19.90 39.21 -26.43
CA VAL F 204 -20.65 40.46 -26.32
C VAL F 204 -22.12 40.13 -26.40
N GLY F 205 -22.92 40.95 -25.72
CA GLY F 205 -24.35 40.71 -25.67
C GLY F 205 -25.08 41.91 -25.13
N VAL F 206 -26.38 41.95 -25.39
CA VAL F 206 -27.24 43.01 -24.90
C VAL F 206 -28.51 42.37 -24.32
N GLN F 207 -29.01 42.97 -23.24
CA GLN F 207 -30.25 42.59 -22.61
C GLN F 207 -31.14 43.82 -22.51
N GLY F 208 -32.43 43.65 -22.75
CA GLY F 208 -33.35 44.76 -22.63
C GLY F 208 -34.64 44.37 -21.95
N TRP F 209 -35.15 45.26 -21.08
CA TRP F 209 -36.45 45.11 -20.41
C TRP F 209 -37.22 46.41 -20.55
N PHE F 210 -38.46 46.32 -21.00
CA PHE F 210 -39.26 47.51 -21.27
C PHE F 210 -40.55 47.53 -20.44
N GLU F 211 -41.01 48.74 -20.12
CA GLU F 211 -42.21 48.87 -19.29
C GLU F 211 -43.45 48.36 -20.00
N ASN F 212 -43.41 48.26 -21.34
CA ASN F 212 -44.55 47.74 -22.08
C ASN F 212 -44.67 46.22 -21.98
N GLY F 213 -43.66 45.54 -21.45
CA GLY F 213 -43.70 44.10 -21.31
C GLY F 213 -42.80 43.28 -22.21
N ILE F 214 -42.08 43.89 -23.15
CA ILE F 214 -41.14 43.14 -23.98
C ILE F 214 -39.79 43.13 -23.27
N SER F 215 -39.18 41.94 -23.17
CA SER F 215 -37.81 41.81 -22.74
C SER F 215 -37.10 40.90 -23.73
N PHE F 216 -35.80 41.14 -23.92
CA PHE F 216 -35.03 40.38 -24.88
C PHE F 216 -33.58 40.30 -24.45
N PHE F 217 -32.85 39.36 -25.04
CA PHE F 217 -31.41 39.27 -24.89
C PHE F 217 -30.81 38.83 -26.22
N ALA F 218 -29.56 39.22 -26.47
CA ALA F 218 -28.87 38.79 -27.68
C ALA F 218 -27.37 38.75 -27.44
N GLN F 219 -26.71 37.66 -27.85
CA GLN F 219 -25.30 37.50 -27.56
C GLN F 219 -24.55 37.00 -28.78
N TYR F 220 -23.29 37.42 -28.90
CA TYR F 220 -22.39 36.89 -29.92
C TYR F 220 -21.16 36.32 -29.21
N LYS F 221 -20.80 35.10 -29.57
CA LYS F 221 -19.68 34.40 -28.96
C LYS F 221 -18.66 34.03 -30.02
N TYR F 222 -17.37 34.29 -29.75
CA TYR F 222 -16.28 33.94 -30.64
C TYR F 222 -15.20 33.19 -29.86
N MET F 223 -14.95 31.92 -30.23
CA MET F 223 -13.98 31.08 -29.53
C MET F 223 -12.83 30.66 -30.47
N GLU F 224 -11.60 30.98 -30.09
CA GLU F 224 -10.40 30.64 -30.84
C GLU F 224 -9.59 29.62 -30.05
N ALA F 225 -8.82 28.81 -30.76
CA ALA F 225 -8.06 27.75 -30.10
C ALA F 225 -6.84 27.37 -30.93
N ASP F 226 -5.71 27.22 -30.24
CA ASP F 226 -4.41 26.99 -30.84
C ASP F 226 -3.74 25.79 -30.16
N ALA F 227 -3.28 24.83 -30.96
CA ALA F 227 -2.62 23.62 -30.46
C ALA F 227 -1.09 23.75 -30.49
N SER F 228 -0.41 22.80 -29.82
CA SER F 228 1.05 22.84 -29.76
C SER F 228 1.68 22.56 -31.11
N ASN F 229 1.01 21.79 -31.95
CA ASN F 229 1.55 21.51 -33.27
C ASN F 229 1.28 22.63 -34.26
N GLY F 230 0.65 23.73 -33.83
CA GLY F 230 0.43 24.89 -34.68
C GLY F 230 -0.96 24.98 -35.28
N VAL F 231 -1.79 23.94 -35.10
CA VAL F 231 -3.14 23.95 -35.63
C VAL F 231 -3.96 25.01 -34.89
N ASN F 232 -4.79 25.72 -35.65
CA ASN F 232 -5.67 26.74 -35.10
C ASN F 232 -7.11 26.45 -35.49
N GLU F 233 -8.02 26.59 -34.51
CA GLU F 233 -9.45 26.43 -34.76
C GLU F 233 -10.17 27.71 -34.33
N LYS F 234 -11.28 28.01 -35.01
CA LYS F 234 -12.06 29.21 -34.74
C LYS F 234 -13.53 28.86 -34.92
N GLN F 235 -14.37 29.36 -34.04
CA GLN F 235 -15.80 29.15 -34.19
C GLN F 235 -16.56 30.37 -33.69
N ASP F 236 -17.62 30.73 -34.42
CA ASP F 236 -18.50 31.82 -34.04
C ASP F 236 -19.83 31.23 -33.62
N ALA F 237 -20.50 31.89 -32.68
CA ALA F 237 -21.80 31.43 -32.19
C ALA F 237 -22.64 32.61 -31.77
N MET F 238 -23.94 32.37 -31.63
CA MET F 238 -24.84 33.42 -31.20
C MET F 238 -25.99 32.82 -30.39
N SER F 239 -26.60 33.67 -29.59
CA SER F 239 -27.79 33.33 -28.84
C SER F 239 -28.65 34.56 -28.70
N ALA F 240 -29.97 34.35 -28.80
CA ALA F 240 -30.91 35.43 -28.60
C ALA F 240 -32.22 34.85 -28.12
N GLY F 241 -32.94 35.67 -27.37
CA GLY F 241 -34.24 35.28 -26.86
C GLY F 241 -35.09 36.53 -26.78
N LEU F 242 -36.38 36.34 -26.99
CA LEU F 242 -37.35 37.44 -26.97
C LEU F 242 -38.52 37.04 -26.09
N MET F 243 -38.91 37.95 -25.19
CA MET F 243 -39.95 37.65 -24.21
C MET F 243 -40.89 38.83 -24.03
N TYR F 244 -42.17 38.49 -23.91
CA TYR F 244 -43.24 39.42 -23.55
C TYR F 244 -43.90 38.89 -22.28
N THR F 245 -43.85 39.68 -21.20
CA THR F 245 -44.44 39.30 -19.91
C THR F 245 -45.71 40.12 -19.71
N THR F 246 -46.86 39.45 -19.57
CA THR F 246 -48.13 40.14 -19.36
C THR F 246 -48.85 39.48 -18.19
N GLY F 247 -49.02 40.23 -17.11
CA GLY F 247 -49.69 39.74 -15.92
C GLY F 247 -48.91 38.61 -15.30
N ASP F 248 -49.57 37.45 -15.16
CA ASP F 248 -48.96 36.28 -14.56
C ASP F 248 -48.27 35.41 -15.60
N TRP F 249 -48.01 35.96 -16.78
CA TRP F 249 -47.55 35.17 -17.93
C TRP F 249 -46.27 35.74 -18.53
N GLN F 250 -45.36 34.85 -18.92
CA GLN F 250 -44.21 35.24 -19.72
C GLN F 250 -44.10 34.27 -20.89
N TYR F 251 -44.16 34.82 -22.10
CA TYR F 251 -43.97 34.11 -23.35
C TYR F 251 -42.53 34.32 -23.79
N LYS F 252 -41.86 33.25 -24.18
CA LYS F 252 -40.44 33.31 -24.50
C LYS F 252 -40.15 32.55 -25.78
N LEU F 253 -39.38 33.19 -26.65
CA LEU F 253 -38.83 32.59 -27.86
C LEU F 253 -37.33 32.65 -27.74
N GLY F 254 -36.64 31.53 -27.88
CA GLY F 254 -35.19 31.50 -27.74
C GLY F 254 -34.52 30.85 -28.93
N TYR F 255 -33.38 31.41 -29.32
CA TYR F 255 -32.62 30.87 -30.44
C TYR F 255 -31.13 30.98 -30.17
N ALA F 256 -30.41 29.91 -30.45
CA ALA F 256 -28.96 29.98 -30.36
C ALA F 256 -28.36 29.13 -31.47
N ALA F 257 -27.13 29.47 -31.86
CA ALA F 257 -26.52 28.80 -32.99
C ALA F 257 -25.01 28.79 -32.89
N ASN F 258 -24.41 27.68 -33.31
CA ASN F 258 -22.99 27.57 -33.60
C ASN F 258 -22.72 27.54 -35.10
N PHE F 259 -21.69 28.24 -35.52
CA PHE F 259 -21.32 28.21 -36.92
C PHE F 259 -20.16 27.23 -37.16
N ASP F 260 -19.91 26.95 -38.43
CA ASP F 260 -18.90 25.97 -38.83
C ASP F 260 -17.55 26.25 -38.16
N LEU F 261 -16.87 25.19 -37.69
CA LEU F 261 -15.51 25.34 -37.14
C LEU F 261 -14.52 25.49 -38.30
N GLU F 262 -13.52 26.38 -38.12
CA GLU F 262 -12.50 26.60 -39.13
C GLU F 262 -11.14 26.18 -38.60
N ARG F 263 -10.55 25.18 -39.23
CA ARG F 263 -9.27 24.62 -38.83
C ARG F 263 -8.23 24.95 -39.88
N ASP F 264 -7.16 25.63 -39.43
CA ASP F 264 -6.01 26.04 -40.26
C ASP F 264 -6.46 26.80 -41.50
N GLY F 265 -7.48 27.65 -41.33
CA GLY F 265 -8.04 28.41 -42.42
C GLY F 265 -9.12 27.69 -43.21
N LYS F 266 -9.19 26.36 -43.14
CA LYS F 266 -10.19 25.59 -43.87
C LYS F 266 -11.46 25.46 -43.02
N THR F 267 -12.61 25.81 -43.61
CA THR F 267 -13.92 25.64 -42.98
C THR F 267 -14.33 24.17 -43.04
N LEU F 268 -14.68 23.60 -41.87
CA LEU F 268 -15.18 22.22 -41.82
C LEU F 268 -16.67 22.20 -42.12
N SER F 269 -17.07 21.42 -43.10
CA SER F 269 -18.47 21.40 -43.49
C SER F 269 -19.25 20.60 -42.46
N ASN F 270 -20.46 21.08 -42.14
CA ASN F 270 -21.38 20.43 -41.19
C ASN F 270 -20.82 20.39 -39.76
N THR F 271 -20.28 21.52 -39.29
CA THR F 271 -19.93 21.66 -37.87
C THR F 271 -20.81 22.68 -37.15
N SER F 272 -22.02 22.94 -37.66
CA SER F 272 -22.91 23.93 -37.08
C SER F 272 -24.05 23.26 -36.34
N ASP F 273 -24.49 23.91 -35.25
CA ASP F 273 -25.64 23.49 -34.46
C ASP F 273 -26.62 24.64 -34.38
N ASP F 274 -27.90 24.33 -34.23
CA ASP F 274 -28.82 25.39 -33.86
C ASP F 274 -30.02 24.81 -33.12
N VAL F 275 -30.58 25.62 -32.23
CA VAL F 275 -31.75 25.24 -31.45
C VAL F 275 -32.73 26.38 -31.52
N VAL F 276 -33.99 26.05 -31.76
CA VAL F 276 -35.10 26.99 -31.68
C VAL F 276 -35.99 26.50 -30.54
N SER F 277 -36.38 27.43 -29.68
CA SER F 277 -37.12 27.04 -28.49
C SER F 277 -38.16 28.10 -28.17
N ALA F 278 -39.34 27.63 -27.80
CA ALA F 278 -40.40 28.48 -27.31
C ALA F 278 -40.82 27.95 -25.95
N GLN F 279 -41.13 28.87 -25.05
CA GLN F 279 -41.50 28.50 -23.69
C GLN F 279 -42.57 29.43 -23.16
N ILE F 280 -43.57 28.84 -22.51
CA ILE F 280 -44.62 29.56 -21.80
C ILE F 280 -44.40 29.32 -20.32
N MET F 281 -44.34 30.41 -19.55
CA MET F 281 -44.12 30.34 -18.12
C MET F 281 -45.28 30.99 -17.36
N TYR F 282 -45.66 30.39 -16.23
CA TYR F 282 -46.72 30.88 -15.35
C TYR F 282 -46.18 31.23 -13.97
N PHE F 283 -46.44 32.46 -13.53
CA PHE F 283 -46.08 32.90 -12.19
C PHE F 283 -47.15 32.45 -11.20
N VAL F 284 -47.04 31.19 -10.79
CA VAL F 284 -48.06 30.61 -9.93
C VAL F 284 -47.94 31.11 -8.50
N ASP F 285 -46.87 31.84 -8.17
CA ASP F 285 -46.62 32.33 -6.81
C ASP F 285 -45.45 33.31 -6.86
N PRO F 286 -45.31 34.19 -5.86
CA PRO F 286 -44.13 35.06 -5.82
C PRO F 286 -42.83 34.31 -5.77
N SER F 287 -42.86 33.01 -5.44
CA SER F 287 -41.65 32.22 -5.19
C SER F 287 -41.56 30.96 -6.05
N ALA F 288 -42.41 30.82 -7.05
CA ALA F 288 -42.45 29.62 -7.87
C ALA F 288 -42.98 29.97 -9.25
N VAL F 289 -42.58 29.18 -10.25
CA VAL F 289 -43.08 29.32 -11.61
C VAL F 289 -43.46 27.95 -12.11
N LEU F 290 -44.43 27.92 -13.01
CA LEU F 290 -44.78 26.75 -13.79
C LEU F 290 -44.37 27.04 -15.22
N TYR F 291 -43.97 26.02 -15.96
CA TYR F 291 -43.60 26.31 -17.34
C TYR F 291 -43.83 25.11 -18.24
N ALA F 292 -44.11 25.42 -19.50
CA ALA F 292 -44.16 24.44 -20.57
C ALA F 292 -43.16 24.88 -21.62
N ARG F 293 -42.48 23.91 -22.21
CA ARG F 293 -41.38 24.21 -23.11
C ARG F 293 -41.28 23.17 -24.20
N ALA F 294 -41.09 23.64 -25.45
CA ALA F 294 -40.70 22.81 -26.57
C ALA F 294 -39.51 23.43 -27.27
N ARG F 295 -38.58 22.57 -27.70
CA ARG F 295 -37.37 23.02 -28.36
C ARG F 295 -36.93 21.97 -29.37
N MET F 296 -36.30 22.43 -30.46
CA MET F 296 -35.79 21.58 -31.53
C MET F 296 -34.29 21.82 -31.67
N ASN F 297 -33.49 20.76 -31.48
CA ASN F 297 -32.03 20.84 -31.64
C ASN F 297 -31.67 20.20 -32.98
N ASP F 298 -30.98 20.94 -33.84
CA ASP F 298 -30.37 20.41 -35.06
C ASP F 298 -28.87 20.44 -34.81
N PHE F 299 -28.27 19.28 -34.65
CA PHE F 299 -26.88 19.22 -34.23
C PHE F 299 -25.95 19.00 -35.41
N ASN F 300 -24.66 19.25 -35.15
CA ASN F 300 -23.64 19.02 -36.15
C ASN F 300 -23.61 17.53 -36.51
N GLU F 301 -23.06 17.23 -37.68
CA GLU F 301 -23.07 15.87 -38.20
C GLU F 301 -21.78 15.12 -37.87
N GLY F 302 -20.82 15.79 -37.23
CA GLY F 302 -19.58 15.16 -36.77
C GLY F 302 -18.31 15.86 -37.19
N LEU F 303 -17.24 15.65 -36.43
CA LEU F 303 -15.91 16.09 -36.83
C LEU F 303 -14.90 15.28 -36.03
N ASP F 304 -13.74 15.04 -36.65
CA ASP F 304 -12.63 14.35 -36.00
C ASP F 304 -11.68 15.40 -35.40
N GLY F 305 -11.03 15.02 -34.31
CA GLY F 305 -10.04 15.87 -33.67
C GLY F 305 -8.64 15.65 -34.20
N LEU F 306 -7.68 16.23 -33.51
CA LEU F 306 -6.27 16.18 -33.89
C LEU F 306 -5.57 14.87 -33.52
N ASP F 307 -6.29 13.85 -33.07
CA ASP F 307 -5.71 12.52 -32.91
C ASP F 307 -6.31 11.54 -33.90
N ASP F 308 -6.96 12.03 -34.95
CA ASP F 308 -7.60 11.22 -35.98
C ASP F 308 -8.69 10.33 -35.40
N ALA F 309 -9.19 10.69 -34.21
CA ALA F 309 -10.35 10.06 -33.60
C ALA F 309 -11.44 11.11 -33.39
N ALA F 310 -12.69 10.63 -33.40
CA ALA F 310 -13.84 11.54 -33.32
C ALA F 310 -13.74 12.44 -32.09
N ARG F 311 -14.15 13.69 -32.26
CA ARG F 311 -14.23 14.66 -31.16
C ARG F 311 -15.64 14.66 -30.62
N TRP F 312 -15.77 14.50 -29.31
CA TRP F 312 -17.10 14.46 -28.71
C TRP F 312 -17.70 15.86 -28.72
N THR F 313 -19.00 15.93 -29.04
CA THR F 313 -19.76 17.16 -28.97
C THR F 313 -21.13 16.87 -28.36
N SER F 314 -21.89 17.94 -28.10
CA SER F 314 -23.28 17.72 -27.72
C SER F 314 -24.10 17.11 -28.86
N GLY F 315 -23.52 16.92 -30.04
CA GLY F 315 -24.21 16.30 -31.15
C GLY F 315 -23.92 14.82 -31.31
N THR F 316 -22.89 14.34 -30.62
CA THR F 316 -22.54 12.93 -30.71
C THR F 316 -23.74 12.03 -30.44
N ASN F 317 -24.58 12.38 -29.48
CA ASN F 317 -25.64 11.44 -29.14
C ASN F 317 -26.80 11.50 -30.10
N GLY F 318 -26.87 12.54 -30.91
CA GLY F 318 -27.88 12.61 -31.96
C GLY F 318 -28.69 13.88 -31.84
N ASP F 319 -29.35 14.28 -32.92
CA ASP F 319 -30.31 15.37 -32.85
C ASP F 319 -31.56 14.93 -32.09
N TYR F 320 -32.19 15.86 -31.38
CA TYR F 320 -33.42 15.50 -30.68
C TYR F 320 -34.29 16.73 -30.50
N ASN F 321 -35.58 16.46 -30.38
CA ASN F 321 -36.60 17.43 -30.04
C ASN F 321 -37.17 17.05 -28.67
N GLU F 322 -37.55 18.07 -27.92
CA GLU F 322 -37.94 17.85 -26.53
C GLU F 322 -39.16 18.68 -26.20
N TYR F 323 -40.13 18.05 -25.55
CA TYR F 323 -41.32 18.73 -25.06
C TYR F 323 -41.38 18.52 -23.54
N SER F 324 -41.50 19.63 -22.81
CA SER F 324 -41.37 19.62 -21.35
C SER F 324 -42.34 20.60 -20.68
N VAL F 325 -42.87 20.19 -19.52
CA VAL F 325 -43.51 21.05 -18.53
C VAL F 325 -42.77 20.91 -17.20
N GLY F 326 -42.80 21.97 -16.39
CA GLY F 326 -42.03 21.90 -15.16
C GLY F 326 -42.44 22.94 -14.13
N VAL F 327 -41.83 22.82 -12.95
CA VAL F 327 -42.08 23.70 -11.81
C VAL F 327 -40.78 23.97 -11.08
N GLU F 328 -40.60 25.20 -10.59
CA GLU F 328 -39.44 25.59 -9.79
C GLU F 328 -39.89 26.45 -8.62
N TYR F 329 -39.47 26.09 -7.41
CA TYR F 329 -39.83 26.76 -6.16
C TYR F 329 -38.58 27.06 -5.36
N TYR F 330 -38.51 28.27 -4.79
CA TYR F 330 -37.36 28.76 -4.04
C TYR F 330 -37.75 29.02 -2.58
N PHE F 331 -36.92 28.56 -1.66
CA PHE F 331 -37.10 28.91 -0.25
C PHE F 331 -35.78 29.27 0.42
N ASP G 1 -9.72 15.73 10.10
CA ASP G 1 -9.32 14.37 10.51
C ASP G 1 -9.55 13.35 9.37
N GLY G 2 -8.87 12.21 9.44
CA GLY G 2 -8.83 11.22 8.37
C GLY G 2 -7.45 11.09 7.76
N ALA G 3 -7.33 10.15 6.82
CA ALA G 3 -6.04 9.77 6.25
C ALA G 3 -5.95 10.30 4.82
N ASN G 4 -5.49 9.49 3.85
CA ASN G 4 -5.25 9.84 2.45
C ASN G 4 -4.70 8.57 1.79
N SER G 5 -4.77 7.46 2.54
CA SER G 5 -3.95 6.27 2.29
C SER G 5 -4.30 5.62 0.94
N ASP G 6 -3.44 4.67 0.55
CA ASP G 6 -3.52 4.07 -0.79
C ASP G 6 -2.62 2.84 -0.86
C1 C8E H . 14.29 -19.46 -24.98
C2 C8E H . 14.57 -18.54 -23.80
C3 C8E H . 13.32 -18.27 -22.96
C4 C8E H . 13.54 -17.16 -21.91
C5 C8E H . 12.40 -16.14 -21.84
C6 C8E H . 12.37 -15.39 -20.51
C7 C8E H . 10.93 -15.03 -20.10
C8 C8E H . 10.67 -13.53 -19.99
O9 C8E H . 9.89 -13.21 -18.80
C10 C8E H . 10.42 -12.10 -18.04
C11 C8E H . 9.40 -11.21 -17.27
O12 C8E H . 8.54 -10.45 -18.14
C1 C8E I . 15.79 -25.31 -24.33
C2 C8E I . 16.69 -24.59 -23.34
C3 C8E I . 15.93 -23.58 -22.47
C4 C8E I . 16.93 -22.66 -21.75
C5 C8E I . 16.36 -21.95 -20.51
C6 C8E I . 15.31 -20.90 -20.86
C7 C8E I . 15.18 -19.91 -19.71
C8 C8E I . 13.75 -19.66 -19.25
O9 C8E I . 13.75 -19.22 -17.89
C10 C8E I . 12.99 -18.03 -17.67
C11 C8E I . 13.49 -17.38 -16.38
O12 C8E I . 12.70 -16.24 -16.08
C1 C8E J . 11.93 -23.22 -22.77
C2 C8E J . 12.05 -21.99 -21.89
C3 C8E J . 10.76 -21.73 -21.10
C4 C8E J . 10.56 -20.23 -20.83
C5 C8E J . 10.08 -19.94 -19.41
C6 C8E J . 9.37 -18.59 -19.33
C7 C8E J . 8.86 -18.32 -17.90
C8 C8E J . 8.23 -16.92 -17.76
O9 C8E J . 7.96 -16.66 -16.37
C10 C8E J . 7.29 -15.42 -16.07
C11 C8E J . 7.19 -15.22 -14.54
O12 C8E J . 6.32 -14.14 -14.18
NA NA K . 36.46 0.14 -18.74
NA NA L . 38.22 -18.15 -26.38
NA NA M . 26.75 10.64 -34.77
C1 C8E N . 10.78 18.06 23.29
C2 C8E N . 11.49 17.60 22.03
C3 C8E N . 11.54 18.66 20.93
C4 C8E N . 12.17 18.09 19.66
C5 C8E N . 12.42 19.14 18.57
C6 C8E N . 13.38 18.66 17.45
C7 C8E N . 13.31 19.65 16.29
C8 C8E N . 14.60 19.90 15.50
O9 C8E N . 14.66 19.07 14.32
C10 C8E N . 15.31 19.66 13.18
C11 C8E N . 15.73 18.57 12.19
O12 C8E N . 16.21 19.14 10.98
C1 C8E O . 2.59 22.99 41.78
C2 C8E O . 1.85 23.03 40.45
C3 C8E O . 2.82 22.80 39.28
C4 C8E O . 2.78 21.37 38.74
C5 C8E O . 3.96 21.11 37.80
C6 C8E O . 4.23 19.63 37.56
C7 C8E O . 4.82 19.39 36.18
C8 C8E O . 5.91 18.32 36.17
O9 C8E O . 5.80 17.49 35.02
C10 C8E O . 7.01 16.82 34.63
C11 C8E O . 6.71 15.66 33.67
O12 C8E O . 7.44 15.70 32.43
C1 C8E P . -2.62 44.06 11.42
C2 C8E P . -3.92 43.97 12.17
C3 C8E P . -5.12 44.44 11.33
C4 C8E P . -6.06 43.30 10.92
C5 C8E P . -5.62 42.53 9.67
C6 C8E P . -4.57 41.46 9.98
C7 C8E P . -4.79 40.14 9.23
C8 C8E P . -3.60 39.20 9.43
O9 C8E P . -3.83 37.94 8.78
C10 C8E P . -2.68 37.49 8.03
C11 C8E P . -2.73 36.01 7.69
O12 C8E P . -2.38 35.25 8.84
NA NA Q . -12.31 11.35 26.44
NA NA R . -10.60 19.89 -5.60
NA NA S . -0.96 21.36 -11.04
NA NA T . -9.92 2.94 8.42
NA NA U . 29.02 28.03 35.38
C1 C8E V . -13.42 -50.74 7.46
C2 C8E V . -13.02 -50.95 6.03
C3 C8E V . -12.30 -52.27 5.81
C4 C8E V . -10.86 -52.27 6.33
C5 C8E V . -9.95 -52.91 5.28
C6 C8E V . -8.62 -53.38 5.85
C7 C8E V . -7.94 -54.37 4.91
C8 C8E V . -6.44 -54.47 5.21
O9 C8E V . -6.02 -55.82 5.07
C10 C8E V . -5.43 -56.14 3.80
C11 C8E V . -5.69 -57.62 3.57
O12 C8E V . -4.78 -58.16 2.60
C1 C8E W . -0.79 -19.23 -12.92
C2 C8E W . 0.40 -19.32 -13.87
C3 C8E W . 0.25 -20.40 -14.95
C4 C8E W . 1.59 -20.65 -15.66
C5 C8E W . 1.37 -21.37 -16.98
C6 C8E W . 1.42 -22.88 -16.89
C7 C8E W . 2.87 -23.41 -16.93
C8 C8E W . 3.47 -23.48 -18.33
O9 C8E W . 3.32 -24.78 -18.93
C10 C8E W . 4.42 -25.12 -19.76
C11 C8E W . 4.19 -26.45 -20.49
O12 C8E W . 5.39 -26.87 -21.16
C1 C8E X . 12.52 -26.60 -21.47
C2 C8E X . 13.55 -26.08 -20.49
C3 C8E X . 12.92 -25.75 -19.12
C4 C8E X . 13.46 -24.43 -18.56
C5 C8E X . 12.88 -24.12 -17.19
C6 C8E X . 11.97 -22.89 -17.20
C7 C8E X . 11.35 -22.67 -15.82
C8 C8E X . 10.75 -21.27 -15.65
O9 C8E X . 10.36 -21.05 -14.29
C10 C8E X . 10.05 -19.70 -13.96
C11 C8E X . 9.58 -19.60 -12.50
O12 C8E X . 8.92 -18.36 -12.25
NA NA Y . 3.57 -46.97 6.30
NA NA Z . 2.08 -52.27 -12.71
NA NA AA . -34.96 -0.16 -9.63
NA NA BA . -16.05 -10.92 9.12
NA NA CA . -51.78 4.61 0.24
NA NA DA . -32.97 9.95 -13.39
NA NA EA . -21.53 40.91 -11.03
NA NA FA . -14.64 22.24 -15.90
#